data_2P50
#
_entry.id   2P50
#
_cell.length_a   95.183
_cell.length_b   117.992
_cell.length_c   265.604
_cell.angle_alpha   90.00
_cell.angle_beta   90.00
_cell.angle_gamma   90.00
#
_symmetry.space_group_name_H-M   'C 2 2 21'
#
loop_
_entity.id
_entity.type
_entity.pdbx_description
1 polymer 'N-acetylglucosamine-6-phosphate deacetylase'
2 non-polymer 'ZINC ION'
3 water water
#
_entity_poly.entity_id   1
_entity_poly.type   'polypeptide(L)'
_entity_poly.pdbx_seq_one_letter_code
;MYALTQGRIFTGHEFLDDHAVVIADGLIKSVCPVAELPPEIEQRSLNGAILSPGFIDVQLNGCGGVQFNDTAEAVSVETL
EIMQKANEKSGCTNYLPTLITTSDELMKQGVRVMREYLAKHPNQALGLHLEGPWLNLVKKGTHNPNFVRKPDAALVDFLC
ENADVITKVTLAPEMVPAEVISKLANAGIVVSAGHSNATLKEAKAGFRAGITFATHLYNAMPYITGREPGLAGAILDEAD
IYCGIIADGLHVDYANIRNAKRLKGDKLCLVTDATAPAGANIEQFIFAGKTIYYRNGLCVDENGTLSGSSLTMIEGVRNL
VEHCGIALDEVLRMATLYPARAIGVEKRLGTLAAGKVANLTAFTPDFKITKTIVNGNEVVTQ
;
_entity_poly.pdbx_strand_id   A,B,C,D
#
loop_
_chem_comp.id
_chem_comp.type
_chem_comp.name
_chem_comp.formula
ZN non-polymer 'ZINC ION' 'Zn 2'
#
# COMPACT_ATOMS: atom_id res chain seq x y z
N MET A 1 -22.39 -35.50 13.30
CA MET A 1 -21.84 -34.79 12.12
C MET A 1 -22.94 -34.10 11.31
N TYR A 2 -22.57 -33.00 10.65
CA TYR A 2 -23.51 -32.23 9.83
C TYR A 2 -22.70 -31.22 9.01
N ALA A 3 -23.35 -30.56 8.07
CA ALA A 3 -22.66 -29.58 7.24
C ALA A 3 -23.48 -28.31 6.99
N LEU A 4 -22.83 -27.16 7.13
CA LEU A 4 -23.48 -25.87 6.91
C LEU A 4 -23.45 -25.58 5.42
N THR A 5 -24.58 -25.17 4.87
CA THR A 5 -24.65 -24.91 3.44
C THR A 5 -25.56 -23.73 3.07
N GLN A 6 -25.62 -23.48 1.77
CA GLN A 6 -26.45 -22.42 1.19
C GLN A 6 -26.17 -21.00 1.69
N GLY A 7 -24.94 -20.54 1.47
CA GLY A 7 -24.57 -19.20 1.88
C GLY A 7 -23.10 -18.95 1.68
N ARG A 8 -22.70 -17.68 1.60
CA ARG A 8 -21.30 -17.33 1.41
C ARG A 8 -20.47 -17.81 2.59
N ILE A 9 -19.34 -18.44 2.32
CA ILE A 9 -18.49 -18.91 3.38
C ILE A 9 -17.12 -18.24 3.33
N PHE A 10 -16.68 -17.71 4.47
CA PHE A 10 -15.39 -17.06 4.55
C PHE A 10 -14.45 -17.93 5.36
N THR A 11 -13.47 -18.52 4.69
CA THR A 11 -12.51 -19.39 5.35
C THR A 11 -11.46 -18.61 6.11
N GLY A 12 -11.32 -17.33 5.78
CA GLY A 12 -10.31 -16.51 6.41
C GLY A 12 -9.32 -16.10 5.34
N HIS A 13 -9.34 -16.82 4.23
CA HIS A 13 -8.45 -16.53 3.11
C HIS A 13 -9.23 -16.17 1.84
N GLU A 14 -10.51 -16.52 1.79
CA GLU A 14 -11.33 -16.23 0.63
C GLU A 14 -12.81 -16.51 0.88
N PHE A 15 -13.64 -16.01 -0.03
CA PHE A 15 -15.09 -16.21 0.01
C PHE A 15 -15.41 -17.38 -0.92
N LEU A 16 -16.28 -18.30 -0.47
CA LEU A 16 -16.66 -19.43 -1.30
C LEU A 16 -18.17 -19.47 -1.45
N ASP A 17 -18.63 -19.64 -2.69
CA ASP A 17 -20.06 -19.70 -2.97
C ASP A 17 -20.42 -21.14 -3.35
N ASP A 18 -21.62 -21.57 -3.01
CA ASP A 18 -22.07 -22.92 -3.32
C ASP A 18 -21.16 -23.96 -2.67
N HIS A 19 -20.69 -23.65 -1.46
CA HIS A 19 -19.82 -24.55 -0.74
C HIS A 19 -20.43 -24.93 0.60
N ALA A 20 -19.78 -25.84 1.30
CA ALA A 20 -20.28 -26.30 2.59
C ALA A 20 -19.16 -26.54 3.59
N VAL A 21 -19.50 -26.41 4.87
CA VAL A 21 -18.55 -26.64 5.95
C VAL A 21 -19.09 -27.82 6.74
N VAL A 22 -18.34 -28.92 6.74
CA VAL A 22 -18.77 -30.10 7.47
C VAL A 22 -18.14 -30.12 8.85
N ILE A 23 -19.02 -30.17 9.87
CA ILE A 23 -18.56 -30.18 11.24
C ILE A 23 -18.87 -31.50 11.91
N ALA A 24 -17.94 -31.99 12.72
CA ALA A 24 -18.11 -33.24 13.42
C ALA A 24 -17.07 -33.34 14.55
N ASP A 25 -17.52 -33.83 15.70
CA ASP A 25 -16.68 -33.99 16.89
C ASP A 25 -16.04 -32.68 17.38
N GLY A 26 -16.82 -31.60 17.32
CA GLY A 26 -16.33 -30.31 17.79
C GLY A 26 -15.31 -29.64 16.89
N LEU A 27 -14.94 -30.32 15.80
CA LEU A 27 -13.97 -29.76 14.88
C LEU A 27 -14.57 -29.60 13.50
N ILE A 28 -13.85 -28.89 12.64
CA ILE A 28 -14.29 -28.69 11.27
C ILE A 28 -13.68 -29.86 10.52
N LYS A 29 -14.53 -30.69 9.92
CA LYS A 29 -14.07 -31.86 9.20
C LYS A 29 -13.46 -31.48 7.86
N SER A 30 -14.15 -30.59 7.14
CA SER A 30 -13.65 -30.13 5.85
C SER A 30 -14.52 -29.03 5.26
N VAL A 31 -14.00 -28.41 4.20
CA VAL A 31 -14.69 -27.36 3.48
C VAL A 31 -14.72 -27.87 2.05
N CYS A 32 -15.91 -27.95 1.47
CA CYS A 32 -16.02 -28.47 0.12
C CYS A 32 -17.26 -27.95 -0.61
N PRO A 33 -17.30 -28.13 -1.94
CA PRO A 33 -18.47 -27.66 -2.68
C PRO A 33 -19.67 -28.51 -2.29
N VAL A 34 -20.82 -27.86 -2.12
CA VAL A 34 -22.04 -28.55 -1.71
C VAL A 34 -22.30 -29.80 -2.55
N ALA A 35 -21.68 -29.84 -3.73
CA ALA A 35 -21.84 -30.96 -4.65
C ALA A 35 -21.14 -32.23 -4.16
N GLU A 36 -20.03 -32.09 -3.45
CA GLU A 36 -19.30 -33.26 -2.95
C GLU A 36 -19.80 -33.82 -1.62
N LEU A 37 -21.04 -33.50 -1.26
CA LEU A 37 -21.58 -34.00 -0.01
C LEU A 37 -22.51 -35.20 -0.22
N PRO A 38 -22.34 -36.26 0.58
CA PRO A 38 -23.19 -37.44 0.44
C PRO A 38 -24.60 -37.07 0.87
N PRO A 39 -25.56 -37.10 -0.07
CA PRO A 39 -26.97 -36.77 0.14
C PRO A 39 -27.58 -37.09 1.52
N GLU A 40 -27.03 -38.07 2.23
CA GLU A 40 -27.56 -38.42 3.53
C GLU A 40 -27.04 -37.60 4.73
N ILE A 41 -26.03 -36.76 4.51
CA ILE A 41 -25.49 -35.95 5.59
C ILE A 41 -26.46 -34.83 5.96
N GLU A 42 -26.63 -34.62 7.26
CA GLU A 42 -27.52 -33.58 7.74
C GLU A 42 -27.03 -32.22 7.23
N GLN A 43 -27.90 -31.52 6.51
CA GLN A 43 -27.55 -30.21 5.97
C GLN A 43 -28.31 -29.09 6.69
N ARG A 44 -27.57 -28.11 7.16
CA ARG A 44 -28.16 -26.97 7.84
C ARG A 44 -27.88 -25.73 7.01
N SER A 45 -28.96 -25.12 6.54
CA SER A 45 -28.88 -23.93 5.71
C SER A 45 -28.41 -22.68 6.43
N LEU A 46 -27.68 -21.83 5.71
CA LEU A 46 -27.18 -20.58 6.26
C LEU A 46 -28.21 -19.52 5.87
N ASN A 47 -29.12 -19.92 5.01
CA ASN A 47 -30.18 -19.05 4.55
C ASN A 47 -29.62 -17.79 3.90
N GLY A 48 -28.47 -17.93 3.24
CA GLY A 48 -27.86 -16.80 2.56
C GLY A 48 -27.05 -15.87 3.44
N ALA A 49 -26.62 -16.34 4.60
CA ALA A 49 -25.82 -15.52 5.50
C ALA A 49 -24.35 -15.83 5.31
N ILE A 50 -23.50 -14.89 5.71
CA ILE A 50 -22.06 -15.10 5.58
C ILE A 50 -21.54 -15.90 6.77
N LEU A 51 -20.89 -17.02 6.48
CA LEU A 51 -20.33 -17.88 7.51
C LEU A 51 -18.86 -17.49 7.74
N SER A 52 -18.49 -17.30 8.98
CA SER A 52 -17.12 -16.91 9.33
C SER A 52 -16.63 -17.61 10.58
N PRO A 53 -15.30 -17.60 10.79
CA PRO A 53 -14.78 -18.23 12.00
C PRO A 53 -15.30 -17.37 13.14
N GLY A 54 -15.43 -17.92 14.34
CA GLY A 54 -15.91 -17.11 15.45
C GLY A 54 -15.01 -15.90 15.69
N PHE A 55 -15.56 -14.79 16.16
CA PHE A 55 -14.72 -13.63 16.40
C PHE A 55 -13.86 -13.81 17.65
N ILE A 56 -12.64 -13.28 17.61
CA ILE A 56 -11.72 -13.40 18.73
C ILE A 56 -11.38 -12.00 19.26
N ASP A 57 -11.84 -11.68 20.47
CA ASP A 57 -11.60 -10.39 21.08
C ASP A 57 -10.46 -10.50 22.11
N VAL A 58 -9.28 -9.98 21.78
CA VAL A 58 -8.11 -10.05 22.66
C VAL A 58 -8.04 -9.02 23.77
N GLN A 59 -9.06 -8.19 23.91
CA GLN A 59 -9.12 -7.21 24.99
C GLN A 59 -10.57 -6.92 25.34
N LEU A 60 -11.02 -7.45 26.46
CA LEU A 60 -12.39 -7.31 26.92
C LEU A 60 -12.42 -7.32 28.44
N ASN A 61 -12.91 -6.24 29.02
CA ASN A 61 -12.97 -6.08 30.47
C ASN A 61 -14.23 -6.63 31.08
N GLY A 62 -15.31 -6.58 30.30
CA GLY A 62 -16.58 -7.07 30.77
C GLY A 62 -17.66 -6.88 29.73
N CYS A 63 -18.79 -7.52 29.96
CA CYS A 63 -19.94 -7.44 29.06
C CYS A 63 -21.06 -8.26 29.72
N GLY A 64 -22.23 -8.28 29.09
CA GLY A 64 -23.34 -9.03 29.63
C GLY A 64 -23.75 -8.54 31.01
N GLY A 65 -23.41 -7.29 31.32
CA GLY A 65 -23.77 -6.73 32.60
C GLY A 65 -22.76 -6.92 33.72
N VAL A 66 -21.73 -7.73 33.50
CA VAL A 66 -20.74 -7.95 34.54
C VAL A 66 -19.34 -7.55 34.08
N GLN A 67 -18.39 -7.63 34.99
CA GLN A 67 -17.00 -7.30 34.69
C GLN A 67 -16.04 -8.17 35.47
N PHE A 68 -14.99 -8.63 34.79
CA PHE A 68 -13.97 -9.46 35.39
C PHE A 68 -12.92 -8.50 35.96
N ASN A 69 -13.34 -7.62 36.85
CA ASN A 69 -12.42 -6.63 37.45
C ASN A 69 -12.86 -6.12 38.82
N ASP A 70 -11.96 -5.36 39.45
CA ASP A 70 -12.20 -4.73 40.74
C ASP A 70 -12.34 -5.62 41.97
N THR A 71 -13.51 -6.20 42.17
CA THR A 71 -13.80 -7.02 43.34
C THR A 71 -13.42 -8.49 43.23
N ALA A 72 -13.27 -9.12 44.39
CA ALA A 72 -12.96 -10.54 44.46
C ALA A 72 -14.23 -11.30 44.09
N GLU A 73 -15.37 -10.66 44.31
CA GLU A 73 -16.66 -11.26 44.02
C GLU A 73 -16.91 -11.32 42.51
N ALA A 74 -16.39 -10.33 41.78
CA ALA A 74 -16.56 -10.27 40.33
C ALA A 74 -15.63 -11.22 39.59
N VAL A 75 -14.38 -11.27 40.05
CA VAL A 75 -13.38 -12.16 39.45
C VAL A 75 -13.73 -13.61 39.78
N SER A 76 -14.59 -14.19 38.96
CA SER A 76 -15.06 -15.55 39.17
C SER A 76 -15.39 -16.28 37.87
N VAL A 77 -15.52 -17.59 37.97
CA VAL A 77 -15.82 -18.40 36.80
C VAL A 77 -17.17 -18.08 36.19
N GLU A 78 -18.15 -17.73 37.01
CA GLU A 78 -19.48 -17.41 36.49
C GLU A 78 -19.45 -16.14 35.66
N THR A 79 -18.67 -15.15 36.09
CA THR A 79 -18.55 -13.89 35.34
C THR A 79 -18.09 -14.23 33.93
N LEU A 80 -17.09 -15.12 33.86
CA LEU A 80 -16.53 -15.57 32.58
C LEU A 80 -17.60 -16.34 31.77
N GLU A 81 -18.49 -17.03 32.49
CA GLU A 81 -19.54 -17.79 31.83
C GLU A 81 -20.57 -16.83 31.26
N ILE A 82 -20.88 -15.79 32.03
CA ILE A 82 -21.84 -14.79 31.59
C ILE A 82 -21.23 -13.98 30.43
N MET A 83 -19.96 -13.62 30.57
CA MET A 83 -19.28 -12.87 29.51
C MET A 83 -19.25 -13.66 28.21
N GLN A 84 -18.98 -14.96 28.30
CA GLN A 84 -18.94 -15.83 27.12
C GLN A 84 -20.27 -15.85 26.38
N LYS A 85 -21.35 -16.08 27.11
CA LYS A 85 -22.69 -16.12 26.51
C LYS A 85 -23.10 -14.80 25.90
N ALA A 86 -22.59 -13.69 26.45
CA ALA A 86 -22.92 -12.39 25.90
C ALA A 86 -22.19 -12.24 24.57
N ASN A 87 -20.89 -12.49 24.57
CA ASN A 87 -20.10 -12.38 23.34
C ASN A 87 -20.70 -13.19 22.21
N GLU A 88 -21.09 -14.43 22.51
CA GLU A 88 -21.68 -15.30 21.50
C GLU A 88 -22.83 -14.65 20.74
N LYS A 89 -23.64 -13.86 21.44
CA LYS A 89 -24.77 -13.19 20.79
C LYS A 89 -24.24 -12.16 19.79
N SER A 90 -22.95 -11.86 19.91
CA SER A 90 -22.30 -10.90 19.03
C SER A 90 -21.31 -11.56 18.08
N GLY A 91 -21.42 -12.87 17.93
CA GLY A 91 -20.52 -13.59 17.05
C GLY A 91 -19.11 -13.80 17.55
N CYS A 92 -18.87 -13.46 18.81
CA CYS A 92 -17.55 -13.62 19.40
C CYS A 92 -17.51 -14.90 20.22
N THR A 93 -16.79 -15.90 19.71
CA THR A 93 -16.69 -17.19 20.39
C THR A 93 -15.51 -17.32 21.33
N ASN A 94 -14.51 -16.45 21.17
CA ASN A 94 -13.33 -16.52 22.03
C ASN A 94 -12.90 -15.13 22.45
N TYR A 95 -12.29 -15.05 23.63
CA TYR A 95 -11.83 -13.77 24.14
C TYR A 95 -10.82 -13.94 25.25
N LEU A 96 -10.28 -12.82 25.67
CA LEU A 96 -9.29 -12.78 26.73
C LEU A 96 -9.85 -11.93 27.87
N PRO A 97 -10.37 -12.57 28.93
CA PRO A 97 -10.88 -11.75 30.03
C PRO A 97 -9.71 -10.87 30.42
N THR A 98 -9.95 -9.57 30.49
CA THR A 98 -8.90 -8.62 30.80
C THR A 98 -9.02 -8.01 32.20
N LEU A 99 -8.04 -8.32 33.05
CA LEU A 99 -8.01 -7.83 34.43
C LEU A 99 -7.02 -6.67 34.55
N ILE A 100 -7.53 -5.49 34.88
CA ILE A 100 -6.69 -4.30 34.97
C ILE A 100 -6.09 -4.04 36.35
N THR A 101 -4.94 -3.37 36.35
CA THR A 101 -4.18 -3.05 37.54
C THR A 101 -4.95 -3.07 38.85
N THR A 102 -4.58 -4.06 39.67
CA THR A 102 -5.18 -4.25 40.97
C THR A 102 -4.12 -4.89 41.86
N SER A 103 -4.54 -5.40 43.02
CA SER A 103 -3.63 -6.02 43.97
C SER A 103 -3.10 -7.37 43.50
N ASP A 104 -1.95 -7.76 44.05
CA ASP A 104 -1.36 -9.05 43.69
C ASP A 104 -2.39 -10.11 44.07
N GLU A 105 -3.12 -9.84 45.14
CA GLU A 105 -4.15 -10.76 45.63
C GLU A 105 -5.19 -11.02 44.56
N LEU A 106 -5.78 -9.97 44.02
CA LEU A 106 -6.80 -10.13 43.00
C LEU A 106 -6.18 -10.74 41.74
N MET A 107 -4.93 -10.39 41.45
CA MET A 107 -4.24 -10.93 40.28
C MET A 107 -4.10 -12.43 40.45
N LYS A 108 -3.60 -12.86 41.60
CA LYS A 108 -3.45 -14.29 41.87
C LYS A 108 -4.80 -14.98 41.83
N GLN A 109 -5.85 -14.30 42.29
CA GLN A 109 -7.18 -14.90 42.25
C GLN A 109 -7.61 -15.08 40.80
N GLY A 110 -7.30 -14.09 39.97
CA GLY A 110 -7.66 -14.18 38.56
C GLY A 110 -7.07 -15.43 37.93
N VAL A 111 -5.79 -15.64 38.17
CA VAL A 111 -5.09 -16.81 37.65
C VAL A 111 -5.77 -18.11 38.04
N ARG A 112 -6.11 -18.25 39.33
CA ARG A 112 -6.78 -19.47 39.79
C ARG A 112 -8.13 -19.65 39.10
N VAL A 113 -8.90 -18.57 39.01
CA VAL A 113 -10.21 -18.62 38.40
C VAL A 113 -10.12 -18.97 36.92
N MET A 114 -9.16 -18.37 36.22
CA MET A 114 -8.98 -18.64 34.79
C MET A 114 -8.67 -20.13 34.65
N ARG A 115 -7.74 -20.60 35.46
CA ARG A 115 -7.37 -22.02 35.42
C ARG A 115 -8.60 -22.88 35.73
N GLU A 116 -9.42 -22.43 36.66
CA GLU A 116 -10.62 -23.17 37.02
C GLU A 116 -11.55 -23.19 35.83
N TYR A 117 -11.74 -22.03 35.22
CA TYR A 117 -12.60 -21.90 34.05
C TYR A 117 -12.14 -22.81 32.92
N LEU A 118 -10.83 -22.79 32.64
CA LEU A 118 -10.27 -23.63 31.57
C LEU A 118 -10.57 -25.12 31.78
N ALA A 119 -10.71 -25.53 33.04
CA ALA A 119 -10.97 -26.94 33.35
C ALA A 119 -12.43 -27.32 33.18
N LYS A 120 -13.25 -26.37 32.75
CA LYS A 120 -14.67 -26.63 32.58
C LYS A 120 -15.20 -26.21 31.22
N HIS A 121 -14.71 -25.10 30.69
CA HIS A 121 -15.17 -24.59 29.39
C HIS A 121 -14.02 -24.46 28.40
N PRO A 122 -13.89 -25.43 27.50
CA PRO A 122 -12.82 -25.41 26.49
C PRO A 122 -13.07 -24.58 25.24
N ASN A 123 -11.99 -24.04 24.68
CA ASN A 123 -12.06 -23.25 23.45
C ASN A 123 -13.05 -22.09 23.50
N GLN A 124 -13.01 -21.34 24.61
CA GLN A 124 -13.89 -20.20 24.79
C GLN A 124 -13.01 -19.08 25.32
N ALA A 125 -13.15 -18.68 26.58
CA ALA A 125 -12.26 -17.65 27.10
C ALA A 125 -10.91 -18.39 27.10
N LEU A 126 -10.03 -17.97 26.21
CA LEU A 126 -8.72 -18.60 26.03
C LEU A 126 -7.71 -18.44 27.14
N GLY A 127 -7.67 -17.27 27.76
CA GLY A 127 -6.70 -17.06 28.80
C GLY A 127 -6.72 -15.63 29.29
N LEU A 128 -5.95 -15.37 30.33
CA LEU A 128 -5.90 -14.05 30.91
C LEU A 128 -5.12 -13.02 30.13
N HIS A 129 -5.62 -11.78 30.22
CA HIS A 129 -4.97 -10.64 29.61
C HIS A 129 -4.84 -9.68 30.79
N LEU A 130 -3.64 -9.62 31.35
CA LEU A 130 -3.37 -8.74 32.47
C LEU A 130 -2.95 -7.35 31.97
N GLU A 131 -3.85 -6.39 32.08
CA GLU A 131 -3.54 -5.02 31.66
C GLU A 131 -3.14 -4.23 32.89
N GLY A 132 -1.84 -4.09 33.08
CA GLY A 132 -1.34 -3.37 34.24
C GLY A 132 -0.74 -4.41 35.16
N PRO A 133 -0.24 -4.02 36.35
CA PRO A 133 -0.21 -2.66 36.90
C PRO A 133 1.09 -1.90 36.63
N TRP A 134 1.98 -2.49 35.84
CA TRP A 134 3.26 -1.84 35.55
C TRP A 134 3.08 -0.82 34.43
N LEU A 135 2.29 0.20 34.72
CA LEU A 135 1.97 1.25 33.76
C LEU A 135 2.51 2.61 34.15
N ASN A 136 2.32 3.56 33.25
CA ASN A 136 2.78 4.94 33.47
C ASN A 136 1.57 5.75 33.97
N LEU A 137 1.72 6.33 35.16
CA LEU A 137 0.65 7.13 35.76
C LEU A 137 0.03 8.16 34.80
N VAL A 138 0.87 8.75 33.95
CA VAL A 138 0.41 9.76 33.00
C VAL A 138 -0.57 9.23 31.96
N LYS A 139 -0.52 7.94 31.69
CA LYS A 139 -1.41 7.32 30.71
C LYS A 139 -2.12 6.16 31.40
N LYS A 140 -2.57 6.37 32.63
CA LYS A 140 -3.24 5.34 33.42
C LYS A 140 -4.70 5.16 33.05
N GLY A 141 -5.24 6.13 32.32
CA GLY A 141 -6.64 6.05 31.94
C GLY A 141 -7.53 6.00 33.16
N THR A 142 -8.41 5.00 33.23
CA THR A 142 -9.32 4.88 34.34
C THR A 142 -8.78 4.02 35.49
N HIS A 143 -7.58 3.49 35.33
CA HIS A 143 -6.99 2.63 36.35
C HIS A 143 -6.85 3.29 37.72
N ASN A 144 -6.94 2.48 38.77
CA ASN A 144 -6.79 2.99 40.14
C ASN A 144 -5.33 3.39 40.31
N PRO A 145 -5.06 4.69 40.43
CA PRO A 145 -3.69 5.19 40.60
C PRO A 145 -2.91 4.56 41.76
N ASN A 146 -3.64 4.07 42.76
CA ASN A 146 -3.01 3.44 43.92
C ASN A 146 -2.39 2.08 43.64
N PHE A 147 -2.84 1.42 42.57
CA PHE A 147 -2.29 0.13 42.23
C PHE A 147 -1.26 0.19 41.11
N VAL A 148 -1.17 1.34 40.44
CA VAL A 148 -0.17 1.49 39.39
C VAL A 148 1.15 1.48 40.16
N ARG A 149 2.03 0.54 39.81
CA ARG A 149 3.29 0.42 40.53
C ARG A 149 4.37 -0.30 39.73
N LYS A 150 5.60 -0.26 40.25
CA LYS A 150 6.74 -0.89 39.61
C LYS A 150 6.63 -2.41 39.76
N PRO A 151 7.23 -3.17 38.84
CA PRO A 151 7.18 -4.64 38.91
C PRO A 151 8.08 -5.26 39.96
N ASP A 152 7.50 -6.12 40.79
CA ASP A 152 8.27 -6.81 41.83
C ASP A 152 8.77 -8.11 41.21
N ALA A 153 10.06 -8.36 41.35
CA ALA A 153 10.67 -9.57 40.80
C ALA A 153 9.85 -10.83 41.08
N ALA A 154 9.42 -10.99 42.32
CA ALA A 154 8.64 -12.17 42.72
C ALA A 154 7.32 -12.28 41.94
N LEU A 155 6.66 -11.15 41.73
CA LEU A 155 5.38 -11.13 41.01
C LEU A 155 5.67 -11.52 39.56
N VAL A 156 6.76 -11.00 39.01
CA VAL A 156 7.15 -11.30 37.65
C VAL A 156 7.32 -12.81 37.51
N ASP A 157 8.15 -13.40 38.38
CA ASP A 157 8.37 -14.84 38.32
C ASP A 157 7.05 -15.57 38.46
N PHE A 158 6.18 -15.07 39.33
CA PHE A 158 4.89 -15.71 39.50
C PHE A 158 4.18 -15.82 38.16
N LEU A 159 4.13 -14.72 37.41
CA LEU A 159 3.47 -14.73 36.11
C LEU A 159 4.08 -15.76 35.16
N CYS A 160 5.40 -15.75 35.03
CA CYS A 160 6.07 -16.71 34.16
C CYS A 160 5.69 -18.13 34.57
N GLU A 161 5.76 -18.41 35.87
CA GLU A 161 5.42 -19.72 36.41
C GLU A 161 4.00 -20.14 36.02
N ASN A 162 3.12 -19.15 35.85
CA ASN A 162 1.73 -19.42 35.52
C ASN A 162 1.37 -18.97 34.11
N ALA A 163 2.34 -19.06 33.21
CA ALA A 163 2.13 -18.65 31.83
C ALA A 163 1.07 -19.51 31.14
N ASP A 164 0.82 -20.70 31.66
CA ASP A 164 -0.15 -21.60 31.05
C ASP A 164 -1.59 -21.08 31.03
N VAL A 165 -1.89 -20.06 31.81
CA VAL A 165 -3.24 -19.50 31.81
C VAL A 165 -3.20 -17.99 31.60
N ILE A 166 -2.01 -17.47 31.29
CA ILE A 166 -1.84 -16.05 31.04
C ILE A 166 -1.42 -15.85 29.59
N THR A 167 -2.36 -15.40 28.77
CA THR A 167 -2.10 -15.21 27.36
C THR A 167 -1.29 -13.95 27.07
N LYS A 168 -1.66 -12.84 27.70
CA LYS A 168 -0.96 -11.60 27.44
C LYS A 168 -0.89 -10.64 28.62
N VAL A 169 0.18 -9.85 28.65
CA VAL A 169 0.36 -8.84 29.69
C VAL A 169 0.67 -7.52 29.01
N THR A 170 -0.04 -6.47 29.42
CA THR A 170 0.18 -5.14 28.88
C THR A 170 0.94 -4.36 29.93
N LEU A 171 2.07 -3.78 29.53
CA LEU A 171 2.89 -3.00 30.42
C LEU A 171 3.44 -1.79 29.66
N ALA A 172 3.91 -0.80 30.40
CA ALA A 172 4.50 0.40 29.81
C ALA A 172 6.00 0.12 29.72
N PRO A 173 6.53 -0.09 28.51
CA PRO A 173 7.96 -0.36 28.34
C PRO A 173 8.91 0.57 29.08
N GLU A 174 8.63 1.88 29.11
CA GLU A 174 9.52 2.81 29.78
C GLU A 174 9.40 2.75 31.31
N MET A 175 8.51 1.90 31.81
CA MET A 175 8.30 1.75 33.26
C MET A 175 8.72 0.37 33.77
N VAL A 176 9.38 -0.40 32.92
CA VAL A 176 9.80 -1.74 33.29
C VAL A 176 11.17 -2.12 32.74
N PRO A 177 11.94 -2.90 33.50
CA PRO A 177 13.28 -3.30 33.03
C PRO A 177 13.11 -4.24 31.84
N ALA A 178 14.01 -4.17 30.89
CA ALA A 178 13.94 -5.03 29.71
C ALA A 178 13.84 -6.50 30.13
N GLU A 179 14.56 -6.87 31.19
CA GLU A 179 14.56 -8.25 31.68
C GLU A 179 13.14 -8.77 31.92
N VAL A 180 12.30 -7.96 32.53
CA VAL A 180 10.93 -8.38 32.82
C VAL A 180 10.24 -8.80 31.52
N ILE A 181 10.34 -7.95 30.51
CA ILE A 181 9.74 -8.22 29.21
C ILE A 181 10.30 -9.53 28.65
N SER A 182 11.62 -9.62 28.59
CA SER A 182 12.27 -10.83 28.11
C SER A 182 11.83 -12.04 28.95
N LYS A 183 11.75 -11.86 30.27
CA LYS A 183 11.31 -12.95 31.14
C LYS A 183 9.93 -13.43 30.72
N LEU A 184 8.94 -12.54 30.79
CA LEU A 184 7.56 -12.88 30.42
C LEU A 184 7.48 -13.46 29.01
N ALA A 185 8.20 -12.84 28.08
CA ALA A 185 8.21 -13.30 26.69
C ALA A 185 8.75 -14.73 26.57
N ASN A 186 9.88 -15.01 27.20
CA ASN A 186 10.46 -16.34 27.13
C ASN A 186 9.57 -17.37 27.78
N ALA A 187 8.73 -16.92 28.71
CA ALA A 187 7.80 -17.80 29.40
C ALA A 187 6.65 -18.18 28.47
N GLY A 188 6.59 -17.53 27.31
CA GLY A 188 5.55 -17.82 26.33
C GLY A 188 4.38 -16.86 26.36
N ILE A 189 4.50 -15.81 27.15
CA ILE A 189 3.45 -14.81 27.28
C ILE A 189 3.63 -13.69 26.27
N VAL A 190 2.52 -13.25 25.69
CA VAL A 190 2.56 -12.13 24.73
C VAL A 190 2.65 -10.87 25.56
N VAL A 191 3.70 -10.09 25.34
CA VAL A 191 3.89 -8.85 26.06
C VAL A 191 3.50 -7.71 25.12
N SER A 192 2.57 -6.88 25.58
CA SER A 192 2.11 -5.77 24.78
C SER A 192 2.36 -4.42 25.42
N ALA A 193 2.73 -3.44 24.61
CA ALA A 193 2.98 -2.08 25.07
C ALA A 193 1.67 -1.30 25.12
N GLY A 194 1.39 -0.67 26.26
CA GLY A 194 0.17 0.10 26.43
C GLY A 194 0.18 0.98 27.67
N HIS A 195 -0.76 1.91 27.76
CA HIS A 195 -0.84 2.82 28.89
C HIS A 195 0.56 3.29 29.24
N SER A 196 1.24 3.72 28.19
CA SER A 196 2.62 4.17 28.26
C SER A 196 2.79 5.55 27.66
N ASN A 197 3.83 6.26 28.10
CA ASN A 197 4.14 7.57 27.57
C ASN A 197 5.53 7.43 26.94
N ALA A 198 5.83 6.21 26.53
CA ALA A 198 7.12 5.90 25.92
C ALA A 198 7.44 6.71 24.66
N THR A 199 8.69 7.13 24.57
CA THR A 199 9.18 7.86 23.41
C THR A 199 9.44 6.79 22.34
N LEU A 200 9.75 7.19 21.12
CA LEU A 200 10.04 6.23 20.05
C LEU A 200 11.19 5.30 20.45
N LYS A 201 12.24 5.89 21.00
CA LYS A 201 13.41 5.12 21.41
C LYS A 201 13.02 4.09 22.46
N GLU A 202 12.25 4.52 23.45
CA GLU A 202 11.80 3.62 24.51
C GLU A 202 10.90 2.51 23.93
N ALA A 203 10.09 2.86 22.94
CA ALA A 203 9.19 1.86 22.32
C ALA A 203 10.00 0.78 21.62
N LYS A 204 10.93 1.21 20.78
CA LYS A 204 11.79 0.28 20.04
C LYS A 204 12.60 -0.58 21.00
N ALA A 205 13.02 0.00 22.13
CA ALA A 205 13.78 -0.77 23.10
C ALA A 205 12.83 -1.82 23.67
N GLY A 206 11.55 -1.45 23.78
CA GLY A 206 10.55 -2.36 24.29
C GLY A 206 10.32 -3.53 23.35
N PHE A 207 10.42 -3.27 22.04
CA PHE A 207 10.20 -4.32 21.05
C PHE A 207 11.38 -5.31 21.00
N ARG A 208 12.59 -4.77 21.05
CA ARG A 208 13.77 -5.62 21.01
C ARG A 208 13.84 -6.56 22.22
N ALA A 209 13.28 -6.13 23.34
CA ALA A 209 13.29 -6.98 24.54
C ALA A 209 12.24 -8.08 24.45
N GLY A 210 11.32 -7.97 23.48
CA GLY A 210 10.31 -9.01 23.32
C GLY A 210 8.85 -8.60 23.16
N ILE A 211 8.55 -7.31 23.21
CA ILE A 211 7.17 -6.89 23.04
C ILE A 211 6.81 -7.13 21.59
N THR A 212 5.65 -7.75 21.37
CA THR A 212 5.22 -8.04 20.00
C THR A 212 3.83 -7.53 19.71
N PHE A 213 3.21 -6.91 20.70
CA PHE A 213 1.85 -6.41 20.54
C PHE A 213 1.71 -5.05 21.22
N ALA A 214 0.68 -4.30 20.84
CA ALA A 214 0.40 -3.00 21.44
C ALA A 214 -1.08 -2.96 21.73
N THR A 215 -1.43 -2.47 22.90
CA THR A 215 -2.81 -2.40 23.35
C THR A 215 -3.54 -1.14 22.94
N HIS A 216 -4.72 -1.33 22.34
CA HIS A 216 -5.58 -0.27 21.81
C HIS A 216 -4.81 0.96 21.33
N LEU A 217 -4.28 0.83 20.13
CA LEU A 217 -3.52 1.87 19.46
C LEU A 217 -4.16 3.24 19.60
N TYR A 218 -3.33 4.24 19.90
CA TYR A 218 -3.75 5.63 20.07
C TYR A 218 -4.29 5.95 21.44
N ASN A 219 -4.87 4.96 22.13
CA ASN A 219 -5.45 5.19 23.45
C ASN A 219 -4.44 4.93 24.56
N ALA A 220 -4.33 5.88 25.48
CA ALA A 220 -3.40 5.80 26.60
C ALA A 220 -1.95 5.73 26.06
N MET A 221 -1.68 6.56 25.05
CA MET A 221 -0.37 6.65 24.41
C MET A 221 -0.05 8.13 24.19
N PRO A 222 1.23 8.45 23.95
CA PRO A 222 1.58 9.86 23.73
C PRO A 222 0.97 10.38 22.43
N TYR A 223 0.66 11.67 22.37
CA TYR A 223 0.16 12.22 21.12
C TYR A 223 1.36 12.18 20.17
N ILE A 224 1.11 12.29 18.87
CA ILE A 224 2.18 12.25 17.90
C ILE A 224 2.64 13.64 17.47
N THR A 225 3.91 13.96 17.70
CA THR A 225 4.46 15.26 17.29
C THR A 225 5.47 15.02 16.19
N GLY A 226 5.77 16.06 15.42
CA GLY A 226 6.74 15.94 14.35
C GLY A 226 8.07 15.38 14.81
N ARG A 227 8.58 15.92 15.91
CA ARG A 227 9.87 15.49 16.46
C ARG A 227 9.86 14.21 17.30
N GLU A 228 8.75 13.93 17.97
CA GLU A 228 8.66 12.74 18.80
C GLU A 228 7.47 11.88 18.43
N PRO A 229 7.69 10.85 17.61
CA PRO A 229 6.60 9.96 17.18
C PRO A 229 5.91 9.30 18.36
N GLY A 230 6.67 9.04 19.44
CA GLY A 230 6.10 8.39 20.60
C GLY A 230 5.82 6.92 20.29
N LEU A 231 5.19 6.22 21.22
CA LEU A 231 4.88 4.79 21.06
C LEU A 231 3.95 4.49 19.87
N ALA A 232 2.91 5.30 19.71
CA ALA A 232 1.96 5.14 18.61
C ALA A 232 2.69 5.31 17.28
N GLY A 233 3.50 6.38 17.19
CA GLY A 233 4.25 6.60 15.97
C GLY A 233 5.18 5.40 15.71
N ALA A 234 5.76 4.89 16.79
CA ALA A 234 6.66 3.75 16.71
C ALA A 234 5.93 2.49 16.26
N ILE A 235 4.80 2.19 16.87
CA ILE A 235 4.04 1.00 16.48
C ILE A 235 3.73 1.07 14.97
N LEU A 236 3.29 2.24 14.50
CA LEU A 236 2.96 2.40 13.09
C LEU A 236 4.11 2.10 12.14
N ASP A 237 5.33 2.48 12.51
CA ASP A 237 6.50 2.27 11.68
C ASP A 237 7.18 0.89 11.85
N GLU A 238 6.67 0.05 12.75
CA GLU A 238 7.25 -1.26 13.01
C GLU A 238 6.40 -2.39 12.41
N ALA A 239 6.78 -2.83 11.21
CA ALA A 239 6.07 -3.86 10.47
C ALA A 239 5.62 -5.11 11.21
N ASP A 240 6.46 -5.67 12.07
CA ASP A 240 6.10 -6.90 12.77
C ASP A 240 5.29 -6.80 14.04
N ILE A 241 4.99 -5.59 14.50
CA ILE A 241 4.22 -5.46 15.72
C ILE A 241 2.72 -5.52 15.45
N TYR A 242 2.05 -6.42 16.16
CA TYR A 242 0.61 -6.58 16.08
C TYR A 242 0.04 -5.57 17.06
N CYS A 243 -1.18 -5.11 16.81
CA CYS A 243 -1.82 -4.18 17.74
C CYS A 243 -3.34 -4.16 17.58
N GLY A 244 -4.04 -3.94 18.69
CA GLY A 244 -5.48 -3.89 18.64
C GLY A 244 -5.92 -2.45 18.49
N ILE A 245 -7.14 -2.25 18.01
CA ILE A 245 -7.66 -0.91 17.86
C ILE A 245 -9.16 -1.00 18.15
N ILE A 246 -9.67 -0.07 18.96
CA ILE A 246 -11.08 -0.04 19.29
C ILE A 246 -11.82 0.70 18.19
N ALA A 247 -12.73 0.01 17.50
CA ALA A 247 -13.48 0.61 16.40
C ALA A 247 -14.94 0.98 16.69
N ASP A 248 -15.18 1.81 17.70
CA ASP A 248 -16.55 2.21 18.02
C ASP A 248 -16.80 3.62 17.47
N GLY A 249 -15.76 4.26 16.95
CA GLY A 249 -15.90 5.60 16.40
C GLY A 249 -15.86 6.68 17.45
N LEU A 250 -15.59 6.28 18.70
CA LEU A 250 -15.53 7.21 19.82
C LEU A 250 -14.10 7.30 20.36
N HIS A 251 -13.48 6.14 20.58
CA HIS A 251 -12.12 6.11 21.10
C HIS A 251 -11.12 6.55 20.05
N VAL A 252 -11.33 6.12 18.82
CA VAL A 252 -10.43 6.48 17.74
C VAL A 252 -11.21 7.01 16.55
N ASP A 253 -10.90 8.23 16.14
CA ASP A 253 -11.57 8.80 14.98
C ASP A 253 -11.27 7.86 13.82
N TYR A 254 -12.28 7.59 13.00
CA TYR A 254 -12.16 6.70 11.86
C TYR A 254 -11.01 7.02 10.91
N ALA A 255 -10.64 8.29 10.78
CA ALA A 255 -9.53 8.65 9.90
C ALA A 255 -8.26 8.04 10.47
N ASN A 256 -8.14 8.06 11.79
CA ASN A 256 -6.98 7.47 12.45
C ASN A 256 -6.93 5.96 12.21
N ILE A 257 -8.10 5.33 12.17
CA ILE A 257 -8.13 3.90 11.95
C ILE A 257 -7.71 3.58 10.51
N ARG A 258 -8.21 4.36 9.55
CA ARG A 258 -7.85 4.12 8.15
C ARG A 258 -6.33 4.30 7.99
N ASN A 259 -5.80 5.36 8.60
CA ASN A 259 -4.37 5.60 8.54
C ASN A 259 -3.63 4.39 9.12
N ALA A 260 -4.06 3.91 10.28
CA ALA A 260 -3.44 2.76 10.93
C ALA A 260 -3.50 1.47 10.11
N LYS A 261 -4.63 1.23 9.44
CA LYS A 261 -4.77 0.03 8.64
C LYS A 261 -3.80 0.05 7.45
N ARG A 262 -3.63 1.21 6.84
CA ARG A 262 -2.71 1.33 5.71
C ARG A 262 -1.27 1.07 6.17
N LEU A 263 -0.91 1.54 7.36
CA LEU A 263 0.45 1.34 7.86
C LEU A 263 0.68 -0.02 8.54
N LYS A 264 -0.36 -0.60 9.14
CA LYS A 264 -0.21 -1.89 9.83
C LYS A 264 -0.48 -3.12 8.98
N GLY A 265 -1.10 -2.93 7.82
CA GLY A 265 -1.40 -4.05 6.95
C GLY A 265 -2.16 -5.19 7.65
N ASP A 266 -1.60 -6.40 7.62
CA ASP A 266 -2.24 -7.56 8.23
C ASP A 266 -1.92 -7.72 9.72
N LYS A 267 -1.48 -6.63 10.36
CA LYS A 267 -1.14 -6.68 11.78
C LYS A 267 -2.13 -5.93 12.68
N LEU A 268 -3.19 -5.38 12.10
CA LEU A 268 -4.17 -4.64 12.88
C LEU A 268 -5.36 -5.52 13.27
N CYS A 269 -5.58 -5.70 14.57
CA CYS A 269 -6.68 -6.53 15.06
C CYS A 269 -7.80 -5.71 15.67
N LEU A 270 -9.03 -6.12 15.39
CA LEU A 270 -10.21 -5.44 15.94
C LEU A 270 -10.38 -5.95 17.37
N VAL A 271 -10.60 -5.04 18.30
CA VAL A 271 -10.85 -5.38 19.71
C VAL A 271 -12.00 -4.50 20.17
N THR A 272 -12.67 -4.86 21.25
CA THR A 272 -13.75 -4.01 21.73
C THR A 272 -13.32 -3.25 22.99
N ASP A 273 -12.47 -3.88 23.78
CA ASP A 273 -12.02 -3.30 25.05
C ASP A 273 -13.27 -2.92 25.81
N ALA A 274 -14.36 -3.63 25.52
CA ALA A 274 -15.66 -3.35 26.14
C ALA A 274 -15.76 -3.52 27.65
N THR A 275 -16.90 -3.10 28.18
CA THR A 275 -17.19 -3.19 29.60
C THR A 275 -18.62 -3.70 29.81
N ALA A 276 -19.04 -3.76 31.07
CA ALA A 276 -20.36 -4.27 31.46
C ALA A 276 -21.56 -4.01 30.54
N PRO A 277 -21.81 -2.74 30.18
CA PRO A 277 -22.93 -2.40 29.31
C PRO A 277 -23.00 -3.06 27.93
N ALA A 278 -21.87 -3.56 27.43
CA ALA A 278 -21.86 -4.21 26.11
C ALA A 278 -22.66 -5.51 26.14
N GLY A 279 -23.60 -5.63 25.19
CA GLY A 279 -24.43 -6.81 25.13
C GLY A 279 -25.30 -6.95 26.37
N ALA A 280 -25.74 -5.81 26.90
CA ALA A 280 -26.58 -5.80 28.09
C ALA A 280 -27.43 -4.54 28.09
N ASN A 281 -28.08 -4.29 29.22
CA ASN A 281 -28.92 -3.12 29.35
C ASN A 281 -28.83 -2.57 30.76
N ILE A 282 -27.72 -1.91 31.05
CA ILE A 282 -27.51 -1.34 32.37
C ILE A 282 -27.40 0.18 32.29
N GLU A 283 -27.55 0.82 33.45
CA GLU A 283 -27.52 2.27 33.58
C GLU A 283 -26.11 2.76 33.89
N GLN A 284 -25.38 1.97 34.65
CA GLN A 284 -24.03 2.33 35.06
C GLN A 284 -23.36 1.12 35.67
N PHE A 285 -22.09 1.29 36.02
CA PHE A 285 -21.31 0.26 36.66
C PHE A 285 -20.16 0.92 37.40
N ILE A 286 -19.57 0.20 38.35
CA ILE A 286 -18.47 0.74 39.11
C ILE A 286 -17.16 0.16 38.57
N PHE A 287 -16.08 0.93 38.71
CA PHE A 287 -14.78 0.49 38.22
C PHE A 287 -13.66 1.36 38.79
N ALA A 288 -12.60 0.72 39.28
CA ALA A 288 -11.48 1.44 39.86
C ALA A 288 -12.01 2.46 40.88
N GLY A 289 -13.06 2.06 41.58
CA GLY A 289 -13.65 2.92 42.60
C GLY A 289 -14.42 4.12 42.06
N LYS A 290 -14.77 4.07 40.77
CA LYS A 290 -15.50 5.17 40.14
C LYS A 290 -16.80 4.71 39.48
N THR A 291 -17.78 5.59 39.45
CA THR A 291 -19.05 5.26 38.83
C THR A 291 -18.99 5.66 37.36
N ILE A 292 -19.20 4.68 36.49
CA ILE A 292 -19.20 4.95 35.06
C ILE A 292 -20.64 4.81 34.57
N TYR A 293 -21.27 5.95 34.31
CA TYR A 293 -22.65 5.98 33.84
C TYR A 293 -22.67 5.66 32.35
N TYR A 294 -23.60 4.80 31.94
CA TYR A 294 -23.72 4.47 30.54
C TYR A 294 -24.80 5.40 29.99
N ARG A 295 -24.42 6.66 29.81
CA ARG A 295 -25.33 7.70 29.33
C ARG A 295 -25.20 7.97 27.83
N ASN A 296 -26.32 7.87 27.12
CA ASN A 296 -26.36 8.11 25.68
C ASN A 296 -25.39 7.20 24.92
N GLY A 297 -25.53 5.89 25.11
CA GLY A 297 -24.66 4.94 24.44
C GLY A 297 -23.17 5.18 24.66
N LEU A 298 -22.84 5.99 25.67
CA LEU A 298 -21.44 6.30 25.97
C LEU A 298 -21.13 6.01 27.44
N CYS A 299 -19.92 5.52 27.70
CA CYS A 299 -19.50 5.23 29.06
C CYS A 299 -18.70 6.46 29.54
N VAL A 300 -19.33 7.28 30.39
CA VAL A 300 -18.68 8.47 30.91
C VAL A 300 -18.89 8.60 32.41
N ASP A 301 -17.92 9.19 33.10
CA ASP A 301 -18.05 9.39 34.54
C ASP A 301 -18.67 10.78 34.74
N GLU A 302 -18.76 11.21 36.00
CA GLU A 302 -19.38 12.51 36.31
C GLU A 302 -18.63 13.73 35.76
N ASN A 303 -17.37 13.56 35.39
CA ASN A 303 -16.57 14.66 34.86
C ASN A 303 -16.76 14.83 33.35
N GLY A 304 -17.35 13.81 32.72
CA GLY A 304 -17.56 13.84 31.29
C GLY A 304 -16.49 13.01 30.61
N THR A 305 -15.64 12.41 31.43
CA THR A 305 -14.53 11.59 30.95
C THR A 305 -14.98 10.26 30.33
N LEU A 306 -14.67 10.05 29.06
CA LEU A 306 -15.01 8.81 28.38
C LEU A 306 -14.24 7.74 29.17
N SER A 307 -14.97 6.85 29.85
CA SER A 307 -14.33 5.85 30.69
C SER A 307 -14.55 4.37 30.35
N GLY A 308 -14.78 4.07 29.07
CA GLY A 308 -15.00 2.69 28.70
C GLY A 308 -15.71 2.50 27.39
N SER A 309 -15.71 1.27 26.91
CA SER A 309 -16.33 0.90 25.65
C SER A 309 -17.49 -0.09 25.82
N SER A 310 -18.44 -0.02 24.90
CA SER A 310 -19.59 -0.93 24.93
C SER A 310 -19.72 -1.58 23.56
N LEU A 311 -18.62 -1.58 22.80
CA LEU A 311 -18.58 -2.17 21.46
C LEU A 311 -18.66 -3.70 21.47
N THR A 312 -19.23 -4.27 20.42
CA THR A 312 -19.30 -5.72 20.29
C THR A 312 -18.57 -6.01 18.99
N MET A 313 -17.99 -7.20 18.86
CA MET A 313 -17.24 -7.52 17.66
C MET A 313 -18.02 -7.37 16.34
N ILE A 314 -19.30 -7.72 16.29
CA ILE A 314 -20.07 -7.56 15.04
C ILE A 314 -20.18 -6.08 14.70
N GLU A 315 -20.36 -5.26 15.73
CA GLU A 315 -20.48 -3.83 15.56
C GLU A 315 -19.15 -3.27 15.06
N GLY A 316 -18.06 -3.77 15.65
CA GLY A 316 -16.75 -3.31 15.22
C GLY A 316 -16.56 -3.69 13.76
N VAL A 317 -16.98 -4.90 13.41
CA VAL A 317 -16.89 -5.38 12.04
C VAL A 317 -17.70 -4.47 11.12
N ARG A 318 -18.93 -4.19 11.55
CA ARG A 318 -19.80 -3.32 10.77
C ARG A 318 -19.18 -1.95 10.58
N ASN A 319 -18.67 -1.36 11.66
CA ASN A 319 -18.08 -0.03 11.58
C ASN A 319 -16.83 0.06 10.70
N LEU A 320 -15.98 -0.96 10.78
CA LEU A 320 -14.75 -0.97 9.97
C LEU A 320 -15.14 -1.00 8.49
N VAL A 321 -16.20 -1.73 8.21
CA VAL A 321 -16.71 -1.89 6.85
C VAL A 321 -17.32 -0.60 6.29
N GLU A 322 -18.29 -0.02 6.98
CA GLU A 322 -18.93 1.17 6.43
C GLU A 322 -18.33 2.55 6.73
N HIS A 323 -17.44 2.64 7.71
CA HIS A 323 -16.84 3.93 8.02
C HIS A 323 -15.35 4.04 7.72
N CYS A 324 -14.68 2.90 7.55
CA CYS A 324 -13.24 2.91 7.31
C CYS A 324 -12.80 2.44 5.94
N GLY A 325 -13.75 2.19 5.04
CA GLY A 325 -13.39 1.75 3.71
C GLY A 325 -12.51 0.52 3.63
N ILE A 326 -12.72 -0.43 4.54
CA ILE A 326 -11.96 -1.68 4.52
C ILE A 326 -12.92 -2.76 4.02
N ALA A 327 -12.52 -3.54 3.02
CA ALA A 327 -13.40 -4.56 2.49
C ALA A 327 -13.76 -5.57 3.56
N LEU A 328 -14.95 -6.13 3.46
CA LEU A 328 -15.47 -7.10 4.43
C LEU A 328 -14.54 -8.25 4.74
N ASP A 329 -13.90 -8.81 3.71
CA ASP A 329 -13.00 -9.93 3.91
C ASP A 329 -11.80 -9.58 4.78
N GLU A 330 -11.19 -8.41 4.54
CA GLU A 330 -10.05 -7.99 5.32
C GLU A 330 -10.52 -7.68 6.74
N VAL A 331 -11.73 -7.12 6.87
CA VAL A 331 -12.28 -6.82 8.19
C VAL A 331 -12.51 -8.11 8.98
N LEU A 332 -13.01 -9.14 8.31
CA LEU A 332 -13.25 -10.41 8.97
C LEU A 332 -11.93 -10.96 9.50
N ARG A 333 -10.86 -10.81 8.71
CA ARG A 333 -9.54 -11.28 9.17
C ARG A 333 -9.12 -10.49 10.40
N MET A 334 -9.44 -9.20 10.43
CA MET A 334 -9.09 -8.37 11.58
C MET A 334 -9.75 -8.87 12.86
N ALA A 335 -10.83 -9.63 12.73
CA ALA A 335 -11.58 -10.14 13.88
C ALA A 335 -11.36 -11.63 14.14
N THR A 336 -10.53 -12.27 13.33
CA THR A 336 -10.31 -13.70 13.49
C THR A 336 -8.85 -14.12 13.28
N LEU A 337 -8.46 -14.28 12.02
CA LEU A 337 -7.12 -14.69 11.66
C LEU A 337 -6.00 -13.87 12.31
N TYR A 338 -6.09 -12.55 12.19
CA TYR A 338 -5.05 -11.69 12.75
C TYR A 338 -4.87 -11.78 14.26
N PRO A 339 -5.96 -11.64 15.02
CA PRO A 339 -5.77 -11.74 16.47
C PRO A 339 -5.36 -13.15 16.87
N ALA A 340 -5.80 -14.15 16.10
CA ALA A 340 -5.44 -15.53 16.39
C ALA A 340 -3.92 -15.70 16.21
N ARG A 341 -3.38 -15.14 15.14
CA ARG A 341 -1.95 -15.26 14.91
C ARG A 341 -1.19 -14.39 15.91
N ALA A 342 -1.82 -13.32 16.36
CA ALA A 342 -1.18 -12.43 17.33
C ALA A 342 -1.03 -13.08 18.70
N ILE A 343 -1.95 -13.97 19.07
CA ILE A 343 -1.83 -14.62 20.37
C ILE A 343 -1.36 -16.08 20.26
N GLY A 344 -0.98 -16.49 19.05
CA GLY A 344 -0.47 -17.84 18.85
C GLY A 344 -1.44 -19.01 18.90
N VAL A 345 -2.71 -18.78 18.58
CA VAL A 345 -3.69 -19.86 18.58
C VAL A 345 -4.20 -20.15 17.17
N GLU A 346 -3.50 -19.62 16.17
CA GLU A 346 -3.91 -19.80 14.77
C GLU A 346 -3.78 -21.26 14.35
N LYS A 347 -3.13 -22.06 15.17
CA LYS A 347 -2.98 -23.47 14.84
C LYS A 347 -4.34 -24.14 14.92
N ARG A 348 -5.26 -23.54 15.68
CA ARG A 348 -6.57 -24.16 15.80
C ARG A 348 -7.81 -23.26 15.80
N LEU A 349 -7.66 -21.94 15.68
CA LEU A 349 -8.83 -21.07 15.74
C LEU A 349 -9.13 -19.98 14.72
N GLY A 350 -8.11 -19.34 14.16
CA GLY A 350 -8.37 -18.24 13.24
C GLY A 350 -9.04 -18.44 11.89
N THR A 351 -9.17 -19.67 11.43
CA THR A 351 -9.78 -19.89 10.13
C THR A 351 -10.72 -21.09 10.10
N LEU A 352 -11.35 -21.29 8.95
CA LEU A 352 -12.27 -22.38 8.70
C LEU A 352 -11.51 -23.41 7.89
N ALA A 353 -10.93 -24.40 8.58
CA ALA A 353 -10.15 -25.43 7.90
C ALA A 353 -10.20 -26.76 8.63
N ALA A 354 -9.86 -27.83 7.90
CA ALA A 354 -9.88 -29.16 8.46
C ALA A 354 -9.01 -29.27 9.70
N GLY A 355 -9.59 -29.82 10.77
CA GLY A 355 -8.86 -29.98 12.00
C GLY A 355 -9.01 -28.84 12.99
N LYS A 356 -9.39 -27.67 12.50
CA LYS A 356 -9.57 -26.50 13.36
C LYS A 356 -10.83 -26.68 14.21
N VAL A 357 -10.84 -26.04 15.36
CA VAL A 357 -11.98 -26.10 16.27
C VAL A 357 -13.21 -25.50 15.60
N ALA A 358 -14.35 -26.17 15.76
CA ALA A 358 -15.59 -25.71 15.15
C ALA A 358 -16.23 -24.51 15.86
N ASN A 359 -15.56 -23.36 15.80
CA ASN A 359 -16.08 -22.12 16.38
C ASN A 359 -16.37 -21.20 15.21
N LEU A 360 -17.66 -20.96 14.96
CA LEU A 360 -18.05 -20.11 13.86
C LEU A 360 -19.20 -19.18 14.23
N THR A 361 -19.55 -18.33 13.28
CA THR A 361 -20.66 -17.39 13.44
C THR A 361 -21.15 -17.01 12.05
N ALA A 362 -22.45 -16.74 11.95
CA ALA A 362 -23.06 -16.36 10.68
C ALA A 362 -23.88 -15.11 10.86
N PHE A 363 -23.84 -14.24 9.87
CA PHE A 363 -24.59 -12.99 9.92
C PHE A 363 -25.11 -12.64 8.54
N THR A 364 -26.11 -11.79 8.52
CA THR A 364 -26.76 -11.33 7.30
C THR A 364 -26.04 -10.09 6.77
N PRO A 365 -26.36 -9.68 5.53
CA PRO A 365 -25.74 -8.49 4.93
C PRO A 365 -25.80 -7.24 5.78
N ASP A 366 -26.82 -7.12 6.63
CA ASP A 366 -26.92 -5.93 7.47
C ASP A 366 -26.25 -6.15 8.83
N PHE A 367 -25.34 -7.13 8.86
CA PHE A 367 -24.55 -7.46 10.05
C PHE A 367 -25.32 -7.94 11.27
N LYS A 368 -26.35 -8.75 11.06
CA LYS A 368 -27.10 -9.27 12.20
C LYS A 368 -26.77 -10.75 12.37
N ILE A 369 -26.31 -11.10 13.58
CA ILE A 369 -25.94 -12.48 13.88
C ILE A 369 -27.15 -13.41 13.74
N THR A 370 -26.93 -14.55 13.09
CA THR A 370 -27.98 -15.55 12.88
C THR A 370 -27.56 -16.86 13.50
N LYS A 371 -26.25 -17.05 13.69
CA LYS A 371 -25.73 -18.28 14.29
C LYS A 371 -24.36 -18.11 14.92
N THR A 372 -24.14 -18.87 15.98
CA THR A 372 -22.85 -18.90 16.66
C THR A 372 -22.64 -20.33 17.10
N ILE A 373 -21.52 -20.91 16.67
CA ILE A 373 -21.22 -22.28 16.98
C ILE A 373 -19.97 -22.38 17.83
N VAL A 374 -20.05 -23.16 18.91
CA VAL A 374 -18.90 -23.35 19.80
C VAL A 374 -18.67 -24.85 20.00
N ASN A 375 -17.49 -25.31 19.60
CA ASN A 375 -17.15 -26.72 19.71
C ASN A 375 -18.18 -27.55 18.96
N GLY A 376 -18.62 -27.03 17.81
CA GLY A 376 -19.59 -27.72 16.99
C GLY A 376 -21.04 -27.50 17.35
N ASN A 377 -21.31 -27.11 18.59
CA ASN A 377 -22.68 -26.89 19.03
C ASN A 377 -23.20 -25.50 18.73
N GLU A 378 -24.37 -25.44 18.09
CA GLU A 378 -24.98 -24.17 17.78
C GLU A 378 -25.55 -23.63 19.09
N VAL A 379 -25.02 -22.49 19.53
CA VAL A 379 -25.45 -21.88 20.79
C VAL A 379 -26.31 -20.65 20.56
N VAL A 380 -26.23 -20.10 19.35
CA VAL A 380 -27.00 -18.92 19.00
C VAL A 380 -27.76 -19.11 17.69
N THR A 381 -29.07 -18.91 17.75
CA THR A 381 -29.92 -19.04 16.58
C THR A 381 -30.90 -17.88 16.57
N GLN A 382 -30.78 -17.02 15.57
CA GLN A 382 -31.66 -15.86 15.45
C GLN A 382 -32.22 -15.76 14.03
N MET B 1 23.91 23.78 -29.60
CA MET B 1 23.36 22.71 -28.71
C MET B 1 24.44 21.72 -28.30
N TYR B 2 24.14 20.95 -27.26
CA TYR B 2 25.09 19.97 -26.77
C TYR B 2 24.30 18.82 -26.18
N ALA B 3 25.01 17.71 -25.90
CA ALA B 3 24.37 16.55 -25.33
C ALA B 3 25.09 16.12 -24.06
N LEU B 4 24.32 15.70 -23.07
CA LEU B 4 24.88 15.22 -21.81
C LEU B 4 24.92 13.70 -21.89
N THR B 5 26.10 13.13 -21.69
CA THR B 5 26.25 11.68 -21.81
C THR B 5 27.03 11.02 -20.68
N GLN B 6 27.22 9.71 -20.84
CA GLN B 6 27.99 8.91 -19.89
C GLN B 6 27.61 9.07 -18.42
N GLY B 7 26.38 8.71 -18.09
CA GLY B 7 25.93 8.80 -16.71
C GLY B 7 24.49 8.32 -16.62
N ARG B 8 24.04 7.96 -15.42
CA ARG B 8 22.67 7.51 -15.27
C ARG B 8 21.75 8.71 -15.41
N ILE B 9 20.75 8.59 -16.29
CA ILE B 9 19.78 9.66 -16.50
C ILE B 9 18.42 9.32 -15.89
N PHE B 10 17.97 10.16 -14.94
CA PHE B 10 16.66 9.99 -14.32
C PHE B 10 15.71 11.01 -14.91
N THR B 11 14.76 10.54 -15.70
CA THR B 11 13.81 11.40 -16.38
C THR B 11 12.66 11.91 -15.51
N GLY B 12 12.48 11.29 -14.36
CA GLY B 12 11.38 11.67 -13.49
C GLY B 12 10.48 10.45 -13.41
N HIS B 13 10.56 9.60 -14.44
CA HIS B 13 9.77 8.37 -14.51
C HIS B 13 10.60 7.09 -14.56
N GLU B 14 11.88 7.21 -14.90
CA GLU B 14 12.76 6.04 -14.98
C GLU B 14 14.24 6.42 -15.13
N PHE B 15 15.12 5.45 -14.89
CA PHE B 15 16.55 5.66 -15.04
C PHE B 15 16.95 5.13 -16.41
N LEU B 16 17.91 5.79 -17.04
CA LEU B 16 18.42 5.37 -18.36
C LEU B 16 19.92 5.26 -18.20
N ASP B 17 20.49 4.13 -18.62
CA ASP B 17 21.92 3.92 -18.45
C ASP B 17 22.86 4.22 -19.60
N ASP B 18 22.41 4.04 -20.84
CA ASP B 18 23.30 4.32 -21.95
C ASP B 18 22.67 5.31 -22.92
N HIS B 19 22.11 6.37 -22.35
CA HIS B 19 21.45 7.40 -23.13
C HIS B 19 22.08 8.76 -22.91
N ALA B 20 21.44 9.78 -23.48
CA ALA B 20 21.92 11.14 -23.38
C ALA B 20 20.76 12.12 -23.48
N VAL B 21 21.01 13.35 -23.03
CA VAL B 21 20.02 14.39 -23.09
C VAL B 21 20.59 15.53 -23.93
N VAL B 22 19.87 15.91 -24.98
CA VAL B 22 20.33 17.01 -25.84
C VAL B 22 19.65 18.32 -25.43
N ILE B 23 20.46 19.34 -25.23
CA ILE B 23 19.94 20.63 -24.81
C ILE B 23 20.18 21.66 -25.89
N ALA B 24 19.15 22.45 -26.18
CA ALA B 24 19.24 23.47 -27.20
C ALA B 24 18.16 24.52 -26.98
N ASP B 25 18.57 25.78 -27.08
CA ASP B 25 17.64 26.88 -26.91
C ASP B 25 16.97 26.82 -25.55
N GLY B 26 17.75 26.50 -24.52
CA GLY B 26 17.21 26.43 -23.17
C GLY B 26 16.21 25.32 -22.89
N LEU B 27 15.99 24.44 -23.86
CA LEU B 27 15.04 23.34 -23.67
C LEU B 27 15.69 21.97 -23.83
N ILE B 28 14.96 20.96 -23.37
CA ILE B 28 15.39 19.58 -23.50
C ILE B 28 14.91 19.20 -24.89
N LYS B 29 15.83 19.05 -25.84
CA LYS B 29 15.42 18.71 -27.20
C LYS B 29 15.00 17.25 -27.31
N SER B 30 15.76 16.37 -26.66
CA SER B 30 15.42 14.95 -26.70
C SER B 30 16.25 14.16 -25.71
N VAL B 31 15.81 12.93 -25.47
CA VAL B 31 16.49 12.01 -24.58
C VAL B 31 16.58 10.78 -25.47
N CYS B 32 17.79 10.27 -25.67
CA CYS B 32 17.95 9.14 -26.58
C CYS B 32 19.17 8.28 -26.31
N PRO B 33 19.21 7.08 -26.89
CA PRO B 33 20.35 6.19 -26.70
C PRO B 33 21.55 6.93 -27.29
N VAL B 34 22.67 6.91 -26.57
CA VAL B 34 23.87 7.60 -27.00
C VAL B 34 24.24 7.31 -28.46
N ALA B 35 23.95 6.11 -28.93
CA ALA B 35 24.26 5.71 -30.31
C ALA B 35 23.33 6.34 -31.36
N GLU B 36 22.39 7.17 -30.92
CA GLU B 36 21.47 7.81 -31.86
C GLU B 36 21.72 9.31 -31.94
N LEU B 37 22.68 9.77 -31.14
CA LEU B 37 23.04 11.18 -31.09
C LEU B 37 23.61 11.64 -32.42
N PRO B 38 23.20 12.83 -32.87
CA PRO B 38 23.73 13.32 -34.15
C PRO B 38 25.23 13.48 -33.97
N PRO B 39 26.03 12.94 -34.89
CA PRO B 39 27.49 13.03 -34.80
C PRO B 39 28.10 14.43 -34.67
N GLU B 40 27.34 15.47 -35.03
CA GLU B 40 27.87 16.84 -34.95
C GLU B 40 27.78 17.49 -33.57
N ILE B 41 26.72 17.18 -32.82
CA ILE B 41 26.52 17.77 -31.51
C ILE B 41 27.67 17.51 -30.55
N GLU B 42 27.99 18.53 -29.77
CA GLU B 42 29.06 18.42 -28.78
C GLU B 42 28.56 17.51 -27.66
N GLN B 43 29.40 16.60 -27.21
CA GLN B 43 29.03 15.69 -26.14
C GLN B 43 29.77 16.06 -24.84
N ARG B 44 29.01 16.18 -23.75
CA ARG B 44 29.60 16.53 -22.47
C ARG B 44 29.37 15.39 -21.49
N SER B 45 30.46 14.81 -21.01
CA SER B 45 30.41 13.68 -20.09
C SER B 45 30.00 14.04 -18.67
N LEU B 46 29.07 13.26 -18.14
CA LEU B 46 28.57 13.43 -16.77
C LEU B 46 29.56 12.74 -15.86
N ASN B 47 30.52 12.06 -16.47
CA ASN B 47 31.56 11.35 -15.74
C ASN B 47 30.97 10.41 -14.70
N GLY B 48 29.92 9.69 -15.09
CA GLY B 48 29.29 8.73 -14.19
C GLY B 48 28.33 9.29 -13.14
N ALA B 49 28.03 10.58 -13.21
CA ALA B 49 27.11 11.15 -12.24
C ALA B 49 25.66 10.79 -12.60
N ILE B 50 24.75 11.11 -11.70
CA ILE B 50 23.34 10.85 -11.94
C ILE B 50 22.72 12.18 -12.35
N LEU B 51 22.09 12.20 -13.51
CA LEU B 51 21.47 13.41 -14.03
C LEU B 51 19.99 13.41 -13.68
N SER B 52 19.49 14.55 -13.22
CA SER B 52 18.08 14.66 -12.83
C SER B 52 17.51 16.04 -13.09
N PRO B 53 16.17 16.14 -13.18
CA PRO B 53 15.59 17.46 -13.40
C PRO B 53 16.07 18.30 -12.20
N GLY B 54 16.15 19.61 -12.36
CA GLY B 54 16.60 20.46 -11.25
C GLY B 54 15.63 20.42 -10.07
N PHE B 55 16.15 20.44 -8.86
CA PHE B 55 15.29 20.39 -7.68
C PHE B 55 14.41 21.64 -7.54
N ILE B 56 13.20 21.43 -7.06
CA ILE B 56 12.23 22.50 -6.88
C ILE B 56 11.82 22.56 -5.41
N ASP B 57 12.20 23.63 -4.73
CA ASP B 57 11.91 23.83 -3.31
C ASP B 57 10.74 24.80 -3.14
N VAL B 58 9.56 24.28 -2.81
CA VAL B 58 8.37 25.12 -2.66
C VAL B 58 8.25 25.89 -1.35
N GLN B 59 9.27 25.85 -0.49
CA GLN B 59 9.24 26.64 0.75
C GLN B 59 10.65 26.99 1.23
N LEU B 60 11.05 28.22 0.97
CA LEU B 60 12.37 28.71 1.34
C LEU B 60 12.32 30.18 1.72
N ASN B 61 12.73 30.48 2.96
CA ASN B 61 12.72 31.84 3.48
C ASN B 61 14.02 32.56 3.19
N GLY B 62 15.11 31.80 3.14
CA GLY B 62 16.40 32.39 2.88
C GLY B 62 17.49 31.35 2.67
N CYS B 63 18.64 31.83 2.24
CA CYS B 63 19.82 30.99 1.99
C CYS B 63 20.89 31.88 1.38
N GLY B 64 22.12 31.37 1.33
CA GLY B 64 23.21 32.16 0.77
C GLY B 64 23.37 33.48 1.50
N GLY B 65 23.25 33.46 2.82
CA GLY B 65 23.41 34.66 3.61
C GLY B 65 22.32 35.73 3.59
N VAL B 66 21.29 35.56 2.78
CA VAL B 66 20.23 36.55 2.72
C VAL B 66 18.86 35.94 2.99
N GLN B 67 17.88 36.79 3.24
CA GLN B 67 16.51 36.35 3.52
C GLN B 67 15.52 37.24 2.78
N PHE B 68 14.44 36.63 2.27
CA PHE B 68 13.43 37.41 1.59
C PHE B 68 12.35 37.74 2.63
N ASN B 69 12.76 38.38 3.72
CA ASN B 69 11.83 38.75 4.78
C ASN B 69 12.28 39.94 5.63
N ASP B 70 11.38 40.37 6.52
CA ASP B 70 11.62 41.45 7.46
C ASP B 70 11.78 42.87 6.91
N THR B 71 12.97 43.18 6.41
CA THR B 71 13.27 44.52 5.91
C THR B 71 12.88 44.81 4.48
N ALA B 72 12.70 46.10 4.20
CA ALA B 72 12.34 46.60 2.88
C ALA B 72 13.56 46.47 1.99
N GLU B 73 14.72 46.37 2.61
CA GLU B 73 15.96 46.23 1.85
C GLU B 73 16.16 44.78 1.44
N ALA B 74 15.70 43.85 2.27
CA ALA B 74 15.86 42.43 1.99
C ALA B 74 14.89 41.91 0.92
N VAL B 75 13.65 42.39 0.96
CA VAL B 75 12.64 41.97 -0.01
C VAL B 75 12.95 42.71 -1.30
N SER B 76 13.91 42.15 -2.05
CA SER B 76 14.37 42.75 -3.30
C SER B 76 14.73 41.72 -4.34
N VAL B 77 14.81 42.16 -5.59
CA VAL B 77 15.16 41.26 -6.68
C VAL B 77 16.57 40.70 -6.49
N GLU B 78 17.46 41.51 -5.91
CA GLU B 78 18.83 41.08 -5.67
C GLU B 78 18.86 39.88 -4.73
N THR B 79 18.06 39.94 -3.67
CA THR B 79 18.01 38.84 -2.71
C THR B 79 17.56 37.56 -3.43
N LEU B 80 16.58 37.70 -4.32
CA LEU B 80 16.07 36.57 -5.08
C LEU B 80 17.15 36.01 -5.99
N GLU B 81 18.00 36.87 -6.54
CA GLU B 81 19.07 36.42 -7.42
C GLU B 81 20.14 35.69 -6.59
N ILE B 82 20.42 36.22 -5.41
CA ILE B 82 21.40 35.63 -4.52
C ILE B 82 20.91 34.27 -4.07
N MET B 83 19.62 34.18 -3.73
CA MET B 83 19.07 32.91 -3.29
C MET B 83 19.14 31.85 -4.40
N GLN B 84 18.89 32.28 -5.64
CA GLN B 84 18.93 31.36 -6.78
C GLN B 84 20.31 30.73 -6.99
N LYS B 85 21.34 31.57 -6.98
CA LYS B 85 22.71 31.09 -7.17
C LYS B 85 23.13 30.18 -6.02
N ALA B 86 22.67 30.49 -4.81
CA ALA B 86 23.00 29.67 -3.67
C ALA B 86 22.28 28.31 -3.78
N ASN B 87 21.05 28.32 -4.27
CA ASN B 87 20.29 27.07 -4.45
C ASN B 87 20.92 26.19 -5.52
N GLU B 88 21.35 26.82 -6.61
CA GLU B 88 21.98 26.11 -7.70
C GLU B 88 23.14 25.23 -7.23
N LYS B 89 23.88 25.68 -6.21
CA LYS B 89 25.01 24.90 -5.70
C LYS B 89 24.58 23.59 -5.03
N SER B 90 23.34 23.55 -4.53
CA SER B 90 22.86 22.33 -3.88
C SER B 90 21.86 21.63 -4.79
N GLY B 91 22.01 21.86 -6.08
CA GLY B 91 21.16 21.24 -7.09
C GLY B 91 19.75 21.79 -7.26
N CYS B 92 19.42 22.88 -6.58
CA CYS B 92 18.08 23.46 -6.67
C CYS B 92 18.01 24.61 -7.68
N THR B 93 17.24 24.40 -8.75
CA THR B 93 17.10 25.37 -9.83
C THR B 93 15.86 26.24 -9.78
N ASN B 94 14.89 25.82 -8.97
CA ASN B 94 13.66 26.58 -8.85
C ASN B 94 13.23 26.60 -7.40
N TYR B 95 12.55 27.68 -7.01
CA TYR B 95 12.09 27.81 -5.64
C TYR B 95 11.01 28.87 -5.53
N LEU B 96 10.35 28.85 -4.39
CA LEU B 96 9.32 29.84 -4.11
C LEU B 96 9.79 30.66 -2.94
N PRO B 97 10.17 31.92 -3.18
CA PRO B 97 10.63 32.75 -2.08
C PRO B 97 9.44 32.84 -1.12
N THR B 98 9.69 32.62 0.16
CA THR B 98 8.63 32.62 1.13
C THR B 98 8.63 33.83 2.06
N LEU B 99 7.57 34.64 1.97
CA LEU B 99 7.43 35.83 2.80
C LEU B 99 6.45 35.52 3.94
N ILE B 100 6.97 35.49 5.17
CA ILE B 100 6.15 35.19 6.35
C ILE B 100 5.34 36.39 6.82
N THR B 101 4.27 36.11 7.56
CA THR B 101 3.37 37.15 8.05
C THR B 101 4.06 38.44 8.49
N THR B 102 3.65 39.52 7.82
CA THR B 102 4.19 40.85 8.06
C THR B 102 3.09 41.84 7.69
N SER B 103 3.43 43.12 7.58
CA SER B 103 2.44 44.16 7.24
C SER B 103 1.92 44.04 5.82
N ASP B 104 0.80 44.69 5.56
CA ASP B 104 0.22 44.68 4.22
C ASP B 104 1.25 45.31 3.27
N GLU B 105 1.84 46.41 3.71
CA GLU B 105 2.83 47.13 2.90
C GLU B 105 3.97 46.24 2.43
N LEU B 106 4.58 45.50 3.35
CA LEU B 106 5.69 44.64 2.99
C LEU B 106 5.21 43.52 2.04
N MET B 107 3.96 43.10 2.22
CA MET B 107 3.41 42.06 1.35
C MET B 107 3.31 42.60 -0.08
N LYS B 108 2.83 43.84 -0.20
CA LYS B 108 2.68 44.48 -1.50
C LYS B 108 4.04 44.71 -2.16
N GLN B 109 5.06 45.02 -1.36
CA GLN B 109 6.38 45.22 -1.91
C GLN B 109 6.86 43.87 -2.45
N GLY B 110 6.68 42.83 -1.64
CA GLY B 110 7.08 41.49 -2.06
C GLY B 110 6.49 41.15 -3.41
N VAL B 111 5.20 41.40 -3.59
CA VAL B 111 4.52 41.14 -4.85
C VAL B 111 5.17 41.94 -5.99
N ARG B 112 5.40 43.23 -5.76
CA ARG B 112 6.03 44.08 -6.77
C ARG B 112 7.38 43.52 -7.15
N VAL B 113 8.20 43.24 -6.15
CA VAL B 113 9.53 42.70 -6.37
C VAL B 113 9.50 41.38 -7.14
N MET B 114 8.56 40.51 -6.80
CA MET B 114 8.45 39.21 -7.47
C MET B 114 8.17 39.43 -8.96
N ARG B 115 7.31 40.39 -9.27
CA ARG B 115 6.97 40.66 -10.66
C ARG B 115 8.18 41.19 -11.42
N GLU B 116 8.92 42.11 -10.81
CA GLU B 116 10.12 42.67 -11.44
C GLU B 116 11.17 41.59 -11.66
N TYR B 117 11.29 40.67 -10.70
CA TYR B 117 12.27 39.59 -10.83
C TYR B 117 11.87 38.70 -12.00
N LEU B 118 10.58 38.39 -12.06
CA LEU B 118 10.03 37.54 -13.11
C LEU B 118 10.24 38.07 -14.53
N ALA B 119 10.15 39.38 -14.71
CA ALA B 119 10.32 39.97 -16.02
C ALA B 119 11.77 39.92 -16.48
N LYS B 120 12.66 39.66 -15.54
CA LYS B 120 14.09 39.61 -15.83
C LYS B 120 14.69 38.19 -15.78
N HIS B 121 14.11 37.32 -14.96
CA HIS B 121 14.63 35.98 -14.82
C HIS B 121 13.58 34.89 -15.00
N PRO B 122 13.64 34.17 -16.13
CA PRO B 122 12.65 33.13 -16.37
C PRO B 122 13.11 31.78 -15.83
N ASN B 123 12.12 30.95 -15.50
CA ASN B 123 12.36 29.58 -15.02
C ASN B 123 13.35 29.46 -13.90
N GLN B 124 13.22 30.31 -12.90
CA GLN B 124 14.10 30.30 -11.73
C GLN B 124 13.19 30.42 -10.52
N ALA B 125 13.23 31.55 -9.80
CA ALA B 125 12.31 31.71 -8.68
C ALA B 125 10.96 31.79 -9.41
N LEU B 126 10.09 30.81 -9.16
CA LEU B 126 8.79 30.76 -9.85
C LEU B 126 7.70 31.71 -9.42
N GLY B 127 7.60 31.96 -8.12
CA GLY B 127 6.56 32.83 -7.63
C GLY B 127 6.58 32.92 -6.13
N LEU B 128 5.82 33.88 -5.61
CA LEU B 128 5.73 34.13 -4.18
C LEU B 128 4.99 33.09 -3.35
N HIS B 129 5.57 32.77 -2.21
CA HIS B 129 4.94 31.86 -1.26
C HIS B 129 4.71 32.75 -0.04
N LEU B 130 3.46 33.18 0.16
CA LEU B 130 3.12 34.02 1.30
C LEU B 130 2.66 33.16 2.48
N GLU B 131 3.55 32.95 3.44
CA GLU B 131 3.18 32.13 4.61
C GLU B 131 2.68 33.05 5.70
N GLY B 132 1.36 33.17 5.79
CA GLY B 132 0.75 34.04 6.76
C GLY B 132 0.09 35.17 5.98
N PRO B 133 -0.53 36.16 6.65
CA PRO B 133 -0.67 36.32 8.09
C PRO B 133 -1.93 35.72 8.74
N TRP B 134 -2.77 35.06 7.95
CA TRP B 134 -4.01 34.48 8.47
C TRP B 134 -3.77 33.13 9.17
N LEU B 135 -2.96 33.18 10.22
CA LEU B 135 -2.58 31.98 10.96
C LEU B 135 -3.25 31.88 12.32
N ASN B 136 -3.00 30.78 13.01
CA ASN B 136 -3.54 30.56 14.34
C ASN B 136 -2.41 30.84 15.32
N LEU B 137 -2.65 31.73 16.28
CA LEU B 137 -1.64 32.09 17.28
C LEU B 137 -1.12 30.86 18.01
N VAL B 138 -1.97 29.86 18.19
CA VAL B 138 -1.58 28.62 18.88
C VAL B 138 -0.44 27.95 18.12
N LYS B 139 -0.39 28.17 16.81
CA LYS B 139 0.63 27.57 15.98
C LYS B 139 1.39 28.58 15.15
N LYS B 140 1.60 29.77 15.71
CA LYS B 140 2.31 30.82 14.99
C LYS B 140 3.80 30.53 14.88
N GLY B 141 4.26 29.53 15.61
CA GLY B 141 5.66 29.19 15.57
C GLY B 141 6.47 30.44 15.84
N THR B 142 7.39 30.76 14.94
CA THR B 142 8.23 31.94 15.10
C THR B 142 7.58 33.20 14.50
N HIS B 143 6.33 33.09 14.07
CA HIS B 143 5.64 34.23 13.47
C HIS B 143 5.23 35.29 14.49
N ASN B 144 5.40 36.55 14.09
CA ASN B 144 5.08 37.69 14.93
C ASN B 144 3.58 37.75 15.23
N PRO B 145 3.19 37.50 16.49
CA PRO B 145 1.79 37.53 16.89
C PRO B 145 1.12 38.85 16.60
N ASN B 146 1.92 39.92 16.54
CA ASN B 146 1.37 41.24 16.27
C ASN B 146 0.91 41.39 14.83
N PHE B 147 1.43 40.55 13.94
CA PHE B 147 1.01 40.62 12.55
C PHE B 147 0.02 39.51 12.20
N VAL B 148 -0.05 38.47 13.02
CA VAL B 148 -1.01 37.39 12.77
C VAL B 148 -2.38 38.06 12.87
N ARG B 149 -3.20 37.91 11.83
CA ARG B 149 -4.51 38.56 11.82
C ARG B 149 -5.53 37.90 10.91
N LYS B 150 -6.75 38.45 10.90
CA LYS B 150 -7.83 37.92 10.07
C LYS B 150 -7.74 38.56 8.68
N PRO B 151 -8.31 37.92 7.67
CA PRO B 151 -8.26 38.48 6.31
C PRO B 151 -9.31 39.58 6.11
N ASP B 152 -8.94 40.63 5.39
CA ASP B 152 -9.89 41.69 5.08
C ASP B 152 -10.01 41.78 3.57
N ALA B 153 -11.22 42.06 3.10
CA ALA B 153 -11.53 42.15 1.68
C ALA B 153 -10.43 42.80 0.84
N ALA B 154 -9.86 43.89 1.33
CA ALA B 154 -8.83 44.60 0.60
C ALA B 154 -7.61 43.74 0.28
N LEU B 155 -7.06 43.08 1.30
CA LEU B 155 -5.89 42.24 1.12
C LEU B 155 -6.25 41.06 0.22
N VAL B 156 -7.38 40.43 0.52
CA VAL B 156 -7.80 39.28 -0.27
C VAL B 156 -7.82 39.63 -1.75
N ASP B 157 -8.50 40.72 -2.10
CA ASP B 157 -8.59 41.12 -3.50
C ASP B 157 -7.23 41.45 -4.11
N PHE B 158 -6.35 42.08 -3.35
CA PHE B 158 -5.03 42.42 -3.87
C PHE B 158 -4.31 41.13 -4.29
N LEU B 159 -4.34 40.13 -3.43
CA LEU B 159 -3.67 38.86 -3.76
C LEU B 159 -4.29 38.23 -5.01
N CYS B 160 -5.61 38.17 -5.06
CA CYS B 160 -6.31 37.59 -6.20
C CYS B 160 -5.96 38.35 -7.48
N GLU B 161 -5.87 39.67 -7.37
CA GLU B 161 -5.55 40.54 -8.50
C GLU B 161 -4.13 40.23 -8.99
N ASN B 162 -3.27 39.78 -8.07
CA ASN B 162 -1.88 39.49 -8.40
C ASN B 162 -1.55 38.01 -8.39
N ALA B 163 -2.56 37.19 -8.64
CA ALA B 163 -2.41 35.74 -8.66
C ALA B 163 -1.26 35.30 -9.55
N ASP B 164 -1.04 36.00 -10.65
CA ASP B 164 0.01 35.63 -11.59
C ASP B 164 1.44 35.63 -11.04
N VAL B 165 1.71 36.31 -9.92
CA VAL B 165 3.07 36.27 -9.38
C VAL B 165 3.07 35.68 -7.97
N ILE B 166 1.92 35.18 -7.56
CA ILE B 166 1.76 34.56 -6.24
C ILE B 166 1.42 33.11 -6.48
N THR B 167 2.38 32.23 -6.26
CA THR B 167 2.19 30.81 -6.48
C THR B 167 1.36 30.14 -5.38
N LYS B 168 1.67 30.50 -4.14
CA LYS B 168 0.99 29.86 -3.02
C LYS B 168 0.78 30.76 -1.82
N VAL B 169 -0.25 30.44 -1.04
CA VAL B 169 -0.53 31.15 0.19
C VAL B 169 -0.85 30.11 1.28
N THR B 170 -0.12 30.21 2.38
CA THR B 170 -0.32 29.32 3.51
C THR B 170 -1.18 30.07 4.51
N LEU B 171 -2.29 29.45 4.92
CA LEU B 171 -3.19 30.04 5.88
C LEU B 171 -3.79 28.95 6.78
N ALA B 172 -4.33 29.36 7.92
CA ALA B 172 -4.95 28.43 8.86
C ALA B 172 -6.43 28.36 8.46
N PRO B 173 -6.86 27.24 7.86
CA PRO B 173 -8.27 27.12 7.44
C PRO B 173 -9.34 27.54 8.45
N GLU B 174 -9.16 27.14 9.71
CA GLU B 174 -10.13 27.46 10.74
C GLU B 174 -10.12 28.94 11.12
N MET B 175 -9.22 29.73 10.53
CA MET B 175 -9.13 31.16 10.83
C MET B 175 -9.66 32.06 9.71
N VAL B 176 -10.09 31.49 8.59
CA VAL B 176 -10.59 32.33 7.51
C VAL B 176 -11.89 31.76 6.95
N PRO B 177 -12.74 32.62 6.36
CA PRO B 177 -14.01 32.14 5.79
C PRO B 177 -13.70 31.25 4.60
N ALA B 178 -14.60 30.30 4.32
CA ALA B 178 -14.43 29.40 3.20
C ALA B 178 -14.37 30.20 1.89
N GLU B 179 -15.10 31.30 1.85
CA GLU B 179 -15.12 32.17 0.68
C GLU B 179 -13.74 32.77 0.36
N VAL B 180 -12.91 32.99 1.38
CA VAL B 180 -11.58 33.54 1.13
C VAL B 180 -10.75 32.48 0.44
N ILE B 181 -10.81 31.25 0.94
CA ILE B 181 -10.07 30.13 0.36
C ILE B 181 -10.44 29.95 -1.12
N SER B 182 -11.74 29.88 -1.39
CA SER B 182 -12.23 29.70 -2.74
C SER B 182 -11.85 30.86 -3.66
N LYS B 183 -11.84 32.08 -3.11
CA LYS B 183 -11.46 33.23 -3.92
C LYS B 183 -10.02 33.06 -4.39
N LEU B 184 -9.10 32.77 -3.46
CA LEU B 184 -7.71 32.58 -3.82
C LEU B 184 -7.56 31.45 -4.85
N ALA B 185 -8.13 30.29 -4.53
CA ALA B 185 -8.04 29.12 -5.40
C ALA B 185 -8.58 29.35 -6.81
N ASN B 186 -9.74 30.00 -6.91
CA ASN B 186 -10.31 30.26 -8.22
C ASN B 186 -9.43 31.21 -9.02
N ALA B 187 -8.63 32.02 -8.32
CA ALA B 187 -7.74 32.96 -9.00
C ALA B 187 -6.50 32.22 -9.51
N GLY B 188 -6.38 30.95 -9.17
CA GLY B 188 -5.25 30.18 -9.62
C GLY B 188 -4.16 30.03 -8.58
N ILE B 189 -4.40 30.55 -7.38
CA ILE B 189 -3.40 30.45 -6.33
C ILE B 189 -3.52 29.13 -5.58
N VAL B 190 -2.39 28.53 -5.24
CA VAL B 190 -2.41 27.29 -4.49
C VAL B 190 -2.58 27.66 -3.01
N VAL B 191 -3.71 27.25 -2.45
CA VAL B 191 -3.98 27.53 -1.05
C VAL B 191 -3.50 26.34 -0.26
N SER B 192 -2.67 26.60 0.76
CA SER B 192 -2.10 25.55 1.59
C SER B 192 -2.42 25.75 3.06
N ALA B 193 -2.75 24.65 3.74
CA ALA B 193 -3.05 24.70 5.18
C ALA B 193 -1.74 24.62 5.97
N GLY B 194 -1.55 25.53 6.93
CA GLY B 194 -0.34 25.52 7.73
C GLY B 194 -0.43 26.45 8.94
N HIS B 195 0.44 26.27 9.93
CA HIS B 195 0.41 27.08 11.14
C HIS B 195 -1.04 27.18 11.56
N SER B 196 -1.66 26.00 11.58
CA SER B 196 -3.05 25.82 11.91
C SER B 196 -3.25 24.86 13.09
N ASN B 197 -4.31 25.08 13.86
CA ASN B 197 -4.65 24.21 14.98
C ASN B 197 -5.98 23.58 14.62
N ALA B 198 -6.26 23.53 13.33
CA ALA B 198 -7.50 22.98 12.79
C ALA B 198 -7.81 21.55 13.21
N THR B 199 -9.08 21.29 13.48
CA THR B 199 -9.52 19.96 13.84
C THR B 199 -9.63 19.23 12.50
N LEU B 200 -9.84 17.92 12.54
CA LEU B 200 -9.98 17.16 11.30
C LEU B 200 -11.14 17.72 10.51
N LYS B 201 -12.24 18.02 11.19
CA LYS B 201 -13.43 18.56 10.53
C LYS B 201 -13.17 19.95 9.88
N GLU B 202 -12.41 20.80 10.55
CA GLU B 202 -12.10 22.13 10.02
C GLU B 202 -11.15 21.99 8.84
N ALA B 203 -10.26 21.01 8.93
CA ALA B 203 -9.31 20.77 7.87
C ALA B 203 -10.08 20.35 6.62
N LYS B 204 -10.99 19.39 6.77
CA LYS B 204 -11.78 18.92 5.63
C LYS B 204 -12.58 20.07 4.99
N ALA B 205 -13.10 20.98 5.81
CA ALA B 205 -13.86 22.09 5.26
C ALA B 205 -12.92 22.92 4.41
N GLY B 206 -11.68 23.06 4.87
CA GLY B 206 -10.70 23.81 4.11
C GLY B 206 -10.44 23.18 2.75
N PHE B 207 -10.29 21.86 2.73
CA PHE B 207 -10.04 21.17 1.47
C PHE B 207 -11.19 21.38 0.49
N ARG B 208 -12.42 21.25 0.98
CA ARG B 208 -13.60 21.43 0.13
C ARG B 208 -13.67 22.85 -0.44
N ALA B 209 -13.19 23.83 0.31
CA ALA B 209 -13.22 25.20 -0.14
C ALA B 209 -12.12 25.50 -1.17
N GLY B 210 -11.16 24.58 -1.31
CA GLY B 210 -10.09 24.79 -2.27
C GLY B 210 -8.64 24.53 -1.84
N ILE B 211 -8.42 24.23 -0.57
CA ILE B 211 -7.05 23.95 -0.15
C ILE B 211 -6.61 22.65 -0.81
N THR B 212 -5.43 22.66 -1.41
CA THR B 212 -4.88 21.48 -2.10
C THR B 212 -3.48 21.12 -1.65
N PHE B 213 -2.92 21.89 -0.73
CA PHE B 213 -1.56 21.64 -0.26
C PHE B 213 -1.50 21.86 1.25
N ALA B 214 -0.45 21.37 1.90
CA ALA B 214 -0.27 21.53 3.34
C ALA B 214 1.20 21.86 3.59
N THR B 215 1.44 22.88 4.39
CA THR B 215 2.81 23.34 4.67
C THR B 215 3.52 22.61 5.79
N HIS B 216 4.72 22.14 5.48
CA HIS B 216 5.56 21.34 6.36
C HIS B 216 4.79 20.48 7.35
N LEU B 217 4.33 19.34 6.83
CA LEU B 217 3.55 18.36 7.58
C LEU B 217 4.14 18.08 8.96
N TYR B 218 3.26 18.04 9.96
CA TYR B 218 3.62 17.79 11.36
C TYR B 218 4.07 19.04 12.12
N ASN B 219 4.68 20.00 11.41
CA ASN B 219 5.17 21.21 12.05
C ASN B 219 4.14 22.32 12.08
N ALA B 220 3.92 22.89 13.27
CA ALA B 220 2.96 23.96 13.46
C ALA B 220 1.54 23.47 13.11
N MET B 221 1.25 22.26 13.57
CA MET B 221 -0.03 21.60 13.39
C MET B 221 -0.39 20.91 14.69
N PRO B 222 -1.67 20.55 14.87
CA PRO B 222 -2.06 19.86 16.11
C PRO B 222 -1.34 18.51 16.16
N TYR B 223 -0.99 18.08 17.36
CA TYR B 223 -0.36 16.77 17.50
C TYR B 223 -1.48 15.77 17.30
N ILE B 224 -1.18 14.65 16.65
CA ILE B 224 -2.20 13.64 16.40
C ILE B 224 -2.54 12.81 17.64
N THR B 225 -3.83 12.68 17.94
CA THR B 225 -4.28 11.85 19.06
C THR B 225 -5.44 11.01 18.54
N GLY B 226 -5.68 9.87 19.18
CA GLY B 226 -6.75 8.99 18.77
C GLY B 226 -8.08 9.69 18.53
N ARG B 227 -8.46 10.57 19.45
CA ARG B 227 -9.72 11.28 19.32
C ARG B 227 -9.61 12.61 18.58
N GLU B 228 -8.39 13.14 18.50
CA GLU B 228 -8.17 14.42 17.82
C GLU B 228 -7.12 14.26 16.72
N PRO B 229 -7.53 13.79 15.53
CA PRO B 229 -6.62 13.60 14.41
C PRO B 229 -5.94 14.92 14.07
N GLY B 230 -6.72 16.00 14.12
CA GLY B 230 -6.19 17.32 13.80
C GLY B 230 -5.89 17.47 12.33
N LEU B 231 -5.32 18.60 11.95
CA LEU B 231 -4.99 18.85 10.53
C LEU B 231 -4.04 17.79 9.95
N ALA B 232 -3.03 17.40 10.73
CA ALA B 232 -2.07 16.41 10.25
C ALA B 232 -2.73 15.05 9.93
N GLY B 233 -3.57 14.56 10.83
CA GLY B 233 -4.24 13.29 10.55
C GLY B 233 -5.08 13.36 9.28
N ALA B 234 -5.76 14.49 9.12
CA ALA B 234 -6.60 14.76 7.97
C ALA B 234 -5.79 14.70 6.66
N ILE B 235 -4.64 15.37 6.66
CA ILE B 235 -3.79 15.37 5.47
C ILE B 235 -3.37 13.96 5.11
N LEU B 236 -2.99 13.18 6.12
CA LEU B 236 -2.56 11.81 5.89
C LEU B 236 -3.69 10.98 5.29
N ASP B 237 -4.91 11.22 5.75
CA ASP B 237 -6.09 10.48 5.27
C ASP B 237 -6.69 11.04 4.00
N GLU B 238 -6.20 12.20 3.53
CA GLU B 238 -6.77 12.79 2.30
C GLU B 238 -5.84 12.59 1.11
N ALA B 239 -6.17 11.60 0.29
CA ALA B 239 -5.36 11.25 -0.87
C ALA B 239 -5.01 12.34 -1.88
N ASP B 240 -5.90 13.28 -2.11
CA ASP B 240 -5.62 14.32 -3.10
C ASP B 240 -4.83 15.51 -2.59
N ILE B 241 -4.50 15.50 -1.30
CA ILE B 241 -3.78 16.63 -0.75
C ILE B 241 -2.27 16.49 -0.82
N TYR B 242 -1.63 17.44 -1.49
CA TYR B 242 -0.17 17.46 -1.60
C TYR B 242 0.34 18.11 -0.33
N CYS B 243 1.58 17.83 0.05
CA CYS B 243 2.14 18.47 1.22
C CYS B 243 3.67 18.40 1.25
N GLY B 244 4.28 19.42 1.83
CA GLY B 244 5.72 19.45 1.93
C GLY B 244 6.17 18.93 3.29
N ILE B 245 7.36 18.38 3.35
CA ILE B 245 7.89 17.88 4.61
C ILE B 245 9.39 18.19 4.65
N ILE B 246 9.86 18.67 5.79
CA ILE B 246 11.26 19.03 6.00
C ILE B 246 12.02 17.78 6.40
N ALA B 247 13.00 17.39 5.59
CA ALA B 247 13.77 16.18 5.88
C ALA B 247 15.19 16.39 6.38
N ASP B 248 15.36 17.08 7.49
CA ASP B 248 16.70 17.30 8.03
C ASP B 248 16.96 16.38 9.24
N GLY B 249 15.99 15.54 9.56
CA GLY B 249 16.14 14.63 10.69
C GLY B 249 15.98 15.36 12.01
N LEU B 250 15.67 16.66 11.92
CA LEU B 250 15.47 17.49 13.11
C LEU B 250 14.05 18.01 13.27
N HIS B 251 13.45 18.55 12.21
CA HIS B 251 12.06 19.05 12.30
C HIS B 251 11.06 17.90 12.38
N VAL B 252 11.37 16.79 11.70
CA VAL B 252 10.49 15.64 11.68
C VAL B 252 11.29 14.35 11.84
N ASP B 253 10.95 13.56 12.86
CA ASP B 253 11.68 12.31 13.05
C ASP B 253 11.50 11.49 11.78
N TYR B 254 12.56 10.82 11.35
CA TYR B 254 12.50 10.03 10.14
C TYR B 254 11.36 9.00 10.16
N ALA B 255 11.00 8.50 11.34
CA ALA B 255 9.91 7.52 11.43
C ALA B 255 8.58 8.15 10.99
N ASN B 256 8.39 9.42 11.31
CA ASN B 256 7.17 10.12 10.90
C ASN B 256 7.19 10.35 9.40
N ILE B 257 8.38 10.54 8.83
CA ILE B 257 8.48 10.74 7.39
C ILE B 257 8.11 9.44 6.69
N ARG B 258 8.59 8.32 7.22
CA ARG B 258 8.28 7.02 6.64
C ARG B 258 6.77 6.77 6.73
N ASN B 259 6.17 7.00 7.90
CA ASN B 259 4.73 6.78 8.03
C ASN B 259 4.02 7.69 7.05
N ALA B 260 4.52 8.92 6.89
CA ALA B 260 3.94 9.91 5.97
C ALA B 260 4.03 9.52 4.51
N LYS B 261 5.21 9.08 4.08
CA LYS B 261 5.38 8.69 2.69
C LYS B 261 4.49 7.51 2.30
N ARG B 262 4.27 6.60 3.24
CA ARG B 262 3.44 5.44 2.97
C ARG B 262 1.97 5.82 2.83
N LEU B 263 1.55 6.85 3.53
CA LEU B 263 0.16 7.28 3.45
C LEU B 263 -0.06 8.30 2.34
N LYS B 264 0.95 9.12 2.07
CA LYS B 264 0.83 10.14 1.04
C LYS B 264 1.11 9.67 -0.39
N GLY B 265 1.89 8.63 -0.55
CA GLY B 265 2.19 8.14 -1.89
C GLY B 265 2.89 9.19 -2.72
N ASP B 266 2.29 9.56 -3.85
CA ASP B 266 2.89 10.54 -4.75
C ASP B 266 2.55 12.00 -4.46
N LYS B 267 2.03 12.27 -3.27
CA LYS B 267 1.65 13.62 -2.89
C LYS B 267 2.66 14.28 -1.94
N LEU B 268 3.63 13.51 -1.45
CA LEU B 268 4.61 14.06 -0.52
C LEU B 268 5.77 14.79 -1.19
N CYS B 269 5.98 16.06 -0.83
CA CYS B 269 7.06 16.85 -1.41
C CYS B 269 8.17 17.22 -0.42
N LEU B 270 9.40 17.14 -0.89
CA LEU B 270 10.54 17.49 -0.06
C LEU B 270 10.70 19.01 -0.15
N VAL B 271 10.92 19.66 1.00
CA VAL B 271 11.14 21.10 1.07
C VAL B 271 12.20 21.34 2.12
N THR B 272 12.83 22.51 2.08
CA THR B 272 13.86 22.80 3.07
C THR B 272 13.37 23.74 4.16
N ASP B 273 12.52 24.68 3.77
CA ASP B 273 12.04 25.73 4.68
C ASP B 273 13.27 26.37 5.29
N ALA B 274 14.34 26.39 4.51
CA ALA B 274 15.63 26.93 4.94
C ALA B 274 15.68 28.43 5.16
N THR B 275 16.73 28.85 5.86
CA THR B 275 16.97 30.27 6.16
C THR B 275 18.40 30.66 5.77
N ALA B 276 18.72 31.92 5.97
CA ALA B 276 20.03 32.49 5.63
C ALA B 276 21.25 31.56 5.65
N PRO B 277 21.48 30.84 6.76
CA PRO B 277 22.64 29.93 6.86
C PRO B 277 22.73 28.78 5.84
N ALA B 278 21.59 28.35 5.30
CA ALA B 278 21.58 27.26 4.32
C ALA B 278 22.64 27.44 3.24
N GLY B 279 22.56 28.54 2.50
CA GLY B 279 23.54 28.79 1.45
C GLY B 279 24.97 28.66 1.92
N ALA B 280 25.41 29.61 2.75
CA ALA B 280 26.77 29.61 3.27
C ALA B 280 26.83 28.92 4.63
N SER B 307 16.23 28.26 16.56
CA SER B 307 16.47 27.06 15.77
C SER B 307 16.51 27.38 14.27
N GLY B 308 15.50 26.91 13.54
CA GLY B 308 15.44 27.14 12.11
C GLY B 308 16.03 25.98 11.30
N SER B 309 15.79 25.99 9.98
CA SER B 309 16.31 24.96 9.10
C SER B 309 17.41 25.47 8.18
N SER B 310 18.43 24.64 7.97
CA SER B 310 19.56 24.99 7.11
C SER B 310 19.71 23.92 6.03
N LEU B 311 18.66 23.13 5.84
CA LEU B 311 18.62 22.04 4.87
C LEU B 311 18.76 22.58 3.44
N THR B 312 19.41 21.80 2.57
CA THR B 312 19.54 22.15 1.16
C THR B 312 18.83 20.98 0.48
N MET B 313 18.35 21.17 -0.74
CA MET B 313 17.64 20.08 -1.39
C MET B 313 18.44 18.79 -1.61
N ILE B 314 19.72 18.92 -1.96
CA ILE B 314 20.53 17.73 -2.19
C ILE B 314 20.69 16.95 -0.88
N GLU B 315 20.81 17.67 0.24
CA GLU B 315 20.94 17.05 1.55
C GLU B 315 19.64 16.31 1.91
N GLY B 316 18.50 16.90 1.58
CA GLY B 316 17.22 16.28 1.88
C GLY B 316 17.07 14.99 1.10
N VAL B 317 17.58 14.99 -0.13
CA VAL B 317 17.51 13.82 -0.97
C VAL B 317 18.34 12.71 -0.36
N ARG B 318 19.56 13.05 0.08
CA ARG B 318 20.42 12.05 0.70
C ARG B 318 19.77 11.49 1.95
N ASN B 319 19.26 12.37 2.81
CA ASN B 319 18.63 11.93 4.06
C ASN B 319 17.43 11.01 3.84
N LEU B 320 16.62 11.34 2.85
CA LEU B 320 15.43 10.54 2.55
C LEU B 320 15.83 9.15 2.10
N VAL B 321 16.89 9.06 1.31
CA VAL B 321 17.34 7.77 0.81
C VAL B 321 18.06 6.94 1.87
N GLU B 322 18.92 7.56 2.67
CA GLU B 322 19.64 6.78 3.65
C GLU B 322 18.93 6.50 4.97
N HIS B 323 17.98 7.34 5.34
CA HIS B 323 17.29 7.14 6.61
C HIS B 323 15.81 6.80 6.56
N CYS B 324 15.17 7.03 5.42
CA CYS B 324 13.74 6.77 5.33
C CYS B 324 13.32 5.56 4.51
N GLY B 325 14.29 4.80 4.02
CA GLY B 325 13.96 3.62 3.22
C GLY B 325 13.16 3.90 1.97
N ILE B 326 13.38 5.06 1.36
CA ILE B 326 12.66 5.39 0.13
C ILE B 326 13.66 5.26 -1.03
N ALA B 327 13.23 4.63 -2.13
CA ALA B 327 14.08 4.44 -3.29
C ALA B 327 14.53 5.78 -3.85
N LEU B 328 15.74 5.83 -4.40
CA LEU B 328 16.30 7.06 -4.97
C LEU B 328 15.42 7.70 -6.02
N ASP B 329 14.88 6.89 -6.94
CA ASP B 329 14.02 7.42 -7.98
C ASP B 329 12.76 8.08 -7.40
N GLU B 330 12.19 7.49 -6.34
CA GLU B 330 11.00 8.05 -5.74
C GLU B 330 11.38 9.29 -4.94
N VAL B 331 12.56 9.28 -4.33
CA VAL B 331 13.05 10.42 -3.58
C VAL B 331 13.27 11.59 -4.56
N LEU B 332 13.84 11.29 -5.72
CA LEU B 332 14.10 12.30 -6.74
C LEU B 332 12.76 12.90 -7.23
N ARG B 333 11.71 12.09 -7.28
CA ARG B 333 10.39 12.60 -7.68
C ARG B 333 9.85 13.55 -6.60
N MET B 334 10.11 13.21 -5.33
CA MET B 334 9.65 14.04 -4.22
C MET B 334 10.30 15.43 -4.31
N ALA B 335 11.42 15.53 -5.05
CA ALA B 335 12.13 16.79 -5.17
C ALA B 335 11.96 17.48 -6.53
N THR B 336 11.18 16.89 -7.42
CA THR B 336 11.00 17.47 -8.74
C THR B 336 9.57 17.37 -9.25
N LEU B 337 9.22 16.21 -9.79
CA LEU B 337 7.89 15.97 -10.35
C LEU B 337 6.72 16.32 -9.43
N TYR B 338 6.75 15.83 -8.19
CA TYR B 338 5.65 16.08 -7.25
C TYR B 338 5.49 17.57 -6.91
N PRO B 339 6.57 18.25 -6.50
CA PRO B 339 6.41 19.67 -6.19
C PRO B 339 5.92 20.40 -7.46
N ALA B 340 6.49 20.02 -8.60
CA ALA B 340 6.11 20.64 -9.87
C ALA B 340 4.60 20.49 -10.09
N ARG B 341 4.07 19.29 -9.89
CA ARG B 341 2.65 19.08 -10.08
C ARG B 341 1.86 19.79 -9.00
N ALA B 342 2.40 19.83 -7.79
CA ALA B 342 1.71 20.48 -6.68
C ALA B 342 1.43 21.96 -6.96
N ILE B 343 2.35 22.64 -7.65
CA ILE B 343 2.15 24.04 -7.96
C ILE B 343 1.84 24.33 -9.41
N GLY B 344 1.48 23.28 -10.15
CA GLY B 344 1.11 23.44 -11.55
C GLY B 344 2.12 23.92 -12.58
N VAL B 345 3.39 23.52 -12.46
CA VAL B 345 4.36 23.93 -13.45
C VAL B 345 4.95 22.71 -14.14
N GLU B 346 4.26 21.59 -14.02
CA GLU B 346 4.74 20.35 -14.62
C GLU B 346 4.81 20.35 -16.15
N LYS B 347 4.14 21.31 -16.79
CA LYS B 347 4.20 21.33 -18.25
C LYS B 347 5.56 21.80 -18.76
N ARG B 348 6.32 22.49 -17.92
CA ARG B 348 7.63 22.95 -18.35
C ARG B 348 8.77 22.50 -17.44
N LEU B 349 8.44 21.96 -16.28
CA LEU B 349 9.44 21.52 -15.32
C LEU B 349 9.05 20.22 -14.63
N GLY B 350 10.00 19.63 -13.90
CA GLY B 350 9.73 18.41 -13.18
C GLY B 350 10.16 17.12 -13.83
N THR B 351 10.41 17.14 -15.14
CA THR B 351 10.84 15.96 -15.88
C THR B 351 11.82 16.27 -17.02
N LEU B 352 12.60 15.26 -17.37
CA LEU B 352 13.58 15.38 -18.44
C LEU B 352 12.95 14.78 -19.70
N ALA B 353 12.20 15.60 -20.42
CA ALA B 353 11.53 15.16 -21.65
C ALA B 353 11.54 16.30 -22.68
N ALA B 354 11.38 15.94 -23.95
CA ALA B 354 11.39 16.92 -25.02
C ALA B 354 10.43 18.09 -24.79
N GLY B 355 10.94 19.30 -25.01
CA GLY B 355 10.13 20.49 -24.84
C GLY B 355 10.18 21.12 -23.46
N LYS B 356 10.48 20.33 -22.44
CA LYS B 356 10.55 20.86 -21.08
C LYS B 356 11.74 21.82 -20.96
N VAL B 357 11.69 22.70 -19.96
CA VAL B 357 12.76 23.66 -19.75
C VAL B 357 14.03 22.92 -19.33
N ALA B 358 15.17 23.37 -19.84
CA ALA B 358 16.45 22.72 -19.51
C ALA B 358 17.06 23.14 -18.18
N ASN B 359 16.45 22.69 -17.09
CA ASN B 359 16.94 22.94 -15.74
C ASN B 359 17.21 21.56 -15.18
N LEU B 360 18.49 21.27 -14.93
CA LEU B 360 18.88 19.96 -14.43
C LEU B 360 20.02 20.08 -13.44
N THR B 361 20.32 18.98 -12.77
CA THR B 361 21.44 18.94 -11.84
C THR B 361 21.99 17.53 -11.86
N ALA B 362 23.28 17.40 -11.61
CA ALA B 362 23.91 16.08 -11.60
C ALA B 362 24.68 15.91 -10.31
N PHE B 363 24.71 14.69 -9.81
CA PHE B 363 25.40 14.40 -8.58
C PHE B 363 25.98 13.00 -8.58
N THR B 364 27.07 12.84 -7.84
CA THR B 364 27.75 11.56 -7.72
C THR B 364 26.90 10.68 -6.79
N PRO B 365 27.12 9.35 -6.81
CA PRO B 365 26.35 8.46 -5.95
C PRO B 365 26.37 8.82 -4.46
N ASP B 366 27.38 9.58 -4.04
CA ASP B 366 27.47 9.97 -2.64
C ASP B 366 26.83 11.34 -2.41
N PHE B 367 26.02 11.76 -3.39
CA PHE B 367 25.26 13.01 -3.34
C PHE B 367 26.00 14.35 -3.39
N LYS B 368 27.10 14.40 -4.13
CA LYS B 368 27.84 15.66 -4.26
C LYS B 368 27.45 16.25 -5.60
N ILE B 369 27.03 17.51 -5.62
CA ILE B 369 26.65 18.13 -6.88
C ILE B 369 27.85 18.28 -7.81
N THR B 370 27.72 17.84 -9.04
CA THR B 370 28.81 17.97 -10.00
C THR B 370 28.44 18.99 -11.05
N LYS B 371 27.14 19.12 -11.32
CA LYS B 371 26.70 20.05 -12.34
C LYS B 371 25.26 20.54 -12.16
N THR B 372 25.04 21.83 -12.39
CA THR B 372 23.70 22.39 -12.32
C THR B 372 23.52 23.21 -13.60
N ILE B 373 22.36 23.09 -14.21
CA ILE B 373 22.07 23.77 -15.46
C ILE B 373 20.73 24.51 -15.35
N VAL B 374 20.69 25.74 -15.83
CA VAL B 374 19.49 26.56 -15.78
C VAL B 374 19.27 27.15 -17.17
N ASN B 375 18.07 26.92 -17.71
CA ASN B 375 17.75 27.40 -19.04
C ASN B 375 18.79 26.96 -20.05
N GLY B 376 19.32 25.76 -19.85
CA GLY B 376 20.32 25.22 -20.75
C GLY B 376 21.74 25.63 -20.41
N ASN B 377 21.92 26.58 -19.51
CA ASN B 377 23.26 27.02 -19.15
C ASN B 377 23.80 26.36 -17.89
N GLU B 378 25.03 25.86 -18.00
CA GLU B 378 25.67 25.22 -16.86
C GLU B 378 26.19 26.32 -15.94
N VAL B 379 25.55 26.45 -14.79
CA VAL B 379 25.90 27.48 -13.82
C VAL B 379 26.71 26.91 -12.65
N VAL B 380 26.84 25.59 -12.62
CA VAL B 380 27.59 24.92 -11.58
C VAL B 380 28.41 23.79 -12.18
N THR B 381 29.70 23.80 -11.87
CA THR B 381 30.61 22.77 -12.37
C THR B 381 31.57 22.38 -11.25
N GLN B 382 31.42 21.15 -10.76
CA GLN B 382 32.26 20.64 -9.69
C GLN B 382 32.53 19.16 -9.95
N MET C 1 35.86 -13.37 21.33
CA MET C 1 34.84 -12.30 21.16
C MET C 1 35.46 -11.07 20.49
N TYR C 2 34.65 -10.36 19.71
CA TYR C 2 35.12 -9.16 19.02
C TYR C 2 33.91 -8.39 18.52
N ALA C 3 34.11 -7.14 18.12
CA ALA C 3 32.98 -6.33 17.67
C ALA C 3 33.24 -5.57 16.37
N LEU C 4 32.25 -5.60 15.47
CA LEU C 4 32.35 -4.89 14.21
C LEU C 4 31.79 -3.50 14.43
N THR C 5 32.53 -2.47 14.03
CA THR C 5 32.10 -1.10 14.21
C THR C 5 32.50 -0.20 13.03
N GLN C 6 32.23 1.09 13.18
CA GLN C 6 32.55 2.09 12.15
C GLN C 6 31.98 1.82 10.77
N GLY C 7 30.66 1.62 10.70
CA GLY C 7 30.00 1.37 9.43
C GLY C 7 28.50 1.32 9.64
N ARG C 8 27.72 1.30 8.56
CA ARG C 8 26.27 1.22 8.71
C ARG C 8 25.93 -0.24 9.01
N ILE C 9 25.11 -0.45 10.03
CA ILE C 9 24.74 -1.80 10.39
C ILE C 9 23.27 -2.06 10.09
N PHE C 10 22.99 -3.00 9.18
CA PHE C 10 21.61 -3.34 8.86
C PHE C 10 21.22 -4.64 9.54
N THR C 11 20.36 -4.52 10.55
CA THR C 11 19.92 -5.66 11.32
C THR C 11 18.90 -6.53 10.59
N GLY C 12 18.21 -5.93 9.62
CA GLY C 12 17.18 -6.66 8.91
C GLY C 12 15.86 -5.95 9.13
N HIS C 13 15.82 -5.11 10.16
CA HIS C 13 14.63 -4.34 10.49
C HIS C 13 14.92 -2.84 10.45
N GLU C 14 16.19 -2.48 10.51
CA GLU C 14 16.58 -1.08 10.50
C GLU C 14 18.09 -0.91 10.30
N PHE C 15 18.50 0.31 9.97
CA PHE C 15 19.92 0.63 9.82
C PHE C 15 20.31 1.30 11.13
N LEU C 16 21.55 1.10 11.55
CA LEU C 16 22.08 1.69 12.78
C LEU C 16 23.35 2.43 12.36
N ASP C 17 23.55 3.64 12.85
CA ASP C 17 24.72 4.41 12.44
C ASP C 17 25.88 4.64 13.39
N ASP C 18 25.75 4.26 14.65
CA ASP C 18 26.86 4.43 15.57
C ASP C 18 26.80 3.30 16.57
N HIS C 19 26.66 2.09 16.04
CA HIS C 19 26.55 0.90 16.86
C HIS C 19 27.61 -0.12 16.51
N ALA C 20 27.48 -1.30 17.10
CA ALA C 20 28.43 -2.37 16.86
C ALA C 20 27.75 -3.71 17.02
N VAL C 21 28.37 -4.74 16.43
CA VAL C 21 27.85 -6.08 16.52
C VAL C 21 28.93 -6.89 17.24
N VAL C 22 28.60 -7.41 18.43
CA VAL C 22 29.59 -8.20 19.15
C VAL C 22 29.36 -9.67 18.79
N ILE C 23 30.43 -10.29 18.29
CA ILE C 23 30.38 -11.67 17.87
C ILE C 23 31.20 -12.55 18.83
N ALA C 24 30.57 -13.62 19.30
CA ALA C 24 31.22 -14.52 20.24
C ALA C 24 30.71 -15.94 20.10
N ASP C 25 31.62 -16.88 19.89
CA ASP C 25 31.27 -18.29 19.76
C ASP C 25 30.31 -18.55 18.60
N GLY C 26 30.65 -18.02 17.43
CA GLY C 26 29.84 -18.22 16.24
C GLY C 26 28.41 -17.69 16.32
N LEU C 27 28.14 -16.85 17.30
CA LEU C 27 26.80 -16.30 17.46
C LEU C 27 26.86 -14.80 17.64
N ILE C 28 25.75 -14.13 17.35
CA ILE C 28 25.66 -12.70 17.51
C ILE C 28 25.39 -12.47 18.99
N LYS C 29 26.41 -12.08 19.73
CA LYS C 29 26.29 -11.83 21.16
C LYS C 29 25.28 -10.71 21.35
N SER C 30 25.48 -9.61 20.64
CA SER C 30 24.58 -8.47 20.74
C SER C 30 24.88 -7.37 19.74
N VAL C 31 23.95 -6.44 19.62
CA VAL C 31 24.08 -5.31 18.74
C VAL C 31 23.79 -4.12 19.65
N CYS C 32 24.75 -3.21 19.77
CA CYS C 32 24.59 -2.08 20.66
C CYS C 32 25.37 -0.86 20.21
N PRO C 33 25.00 0.32 20.73
CA PRO C 33 25.70 1.55 20.35
C PRO C 33 27.17 1.40 20.74
N VAL C 34 28.04 1.99 19.92
CA VAL C 34 29.48 1.92 20.15
C VAL C 34 29.92 2.23 21.58
N ALA C 35 29.58 3.43 22.07
CA ALA C 35 29.97 3.82 23.42
C ALA C 35 29.60 2.81 24.50
N GLU C 36 28.61 1.99 24.21
CA GLU C 36 28.12 0.98 25.14
C GLU C 36 29.01 -0.26 25.16
N LEU C 37 30.07 -0.24 24.37
CA LEU C 37 30.99 -1.36 24.29
C LEU C 37 32.09 -1.31 25.34
N PRO C 38 32.44 -2.48 25.90
CA PRO C 38 33.51 -2.55 26.91
C PRO C 38 34.83 -2.32 26.16
N PRO C 39 35.48 -1.16 26.38
CA PRO C 39 36.74 -0.78 25.74
C PRO C 39 37.77 -1.90 25.55
N GLU C 40 37.61 -2.99 26.28
CA GLU C 40 38.54 -4.11 26.22
C GLU C 40 38.45 -4.90 24.92
N ILE C 41 37.24 -5.33 24.55
CA ILE C 41 37.04 -6.10 23.32
C ILE C 41 37.52 -5.36 22.08
N GLU C 42 38.15 -6.10 21.17
CA GLU C 42 38.68 -5.52 19.94
C GLU C 42 37.57 -5.14 18.97
N GLN C 43 37.73 -3.99 18.32
CA GLN C 43 36.75 -3.50 17.36
C GLN C 43 37.28 -3.63 15.93
N ARG C 44 36.75 -4.58 15.19
CA ARG C 44 37.16 -4.77 13.80
C ARG C 44 36.38 -3.79 12.95
N SER C 45 37.06 -2.75 12.51
CA SER C 45 36.48 -1.69 11.70
C SER C 45 35.87 -2.17 10.38
N LEU C 46 34.75 -1.56 10.01
CA LEU C 46 34.07 -1.88 8.76
C LEU C 46 34.46 -0.85 7.72
N ASN C 47 35.17 0.18 8.16
CA ASN C 47 35.65 1.26 7.30
C ASN C 47 34.61 1.80 6.32
N GLY C 48 33.44 2.17 6.83
CA GLY C 48 32.40 2.71 5.97
C GLY C 48 31.38 1.73 5.39
N ALA C 49 31.84 0.54 5.01
CA ALA C 49 30.97 -0.47 4.43
C ALA C 49 29.68 -0.69 5.22
N ILE C 50 28.70 -1.29 4.55
CA ILE C 50 27.40 -1.59 5.16
C ILE C 50 27.46 -3.05 5.64
N LEU C 51 27.05 -3.29 6.89
CA LEU C 51 27.05 -4.64 7.44
C LEU C 51 25.65 -5.26 7.33
N SER C 52 25.59 -6.47 6.80
CA SER C 52 24.30 -7.14 6.63
C SER C 52 24.33 -8.61 6.97
N PRO C 53 23.16 -9.21 7.25
CA PRO C 53 23.15 -10.64 7.57
C PRO C 53 23.63 -11.29 6.27
N GLY C 54 24.20 -12.48 6.35
CA GLY C 54 24.66 -13.14 5.15
C GLY C 54 23.52 -13.43 4.20
N PHE C 55 23.78 -13.40 2.89
CA PHE C 55 22.72 -13.65 1.92
C PHE C 55 22.38 -15.14 1.86
N ILE C 56 21.09 -15.42 1.64
CA ILE C 56 20.59 -16.79 1.55
C ILE C 56 19.98 -17.01 0.17
N ASP C 57 20.50 -17.99 -0.55
CA ASP C 57 20.01 -18.28 -1.89
C ASP C 57 19.29 -19.63 -1.87
N VAL C 58 17.96 -19.63 -1.92
CA VAL C 58 17.23 -20.88 -1.86
C VAL C 58 17.14 -21.64 -3.19
N GLN C 59 17.78 -21.12 -4.23
CA GLN C 59 17.80 -21.80 -5.51
C GLN C 59 19.13 -21.58 -6.22
N LEU C 60 19.99 -22.60 -6.18
CA LEU C 60 21.30 -22.52 -6.80
C LEU C 60 21.71 -23.90 -7.33
N ASN C 61 22.03 -23.96 -8.62
CA ASN C 61 22.42 -25.20 -9.28
C ASN C 61 23.93 -25.42 -9.28
N GLY C 62 24.67 -24.33 -9.42
CA GLY C 62 26.12 -24.43 -9.43
C GLY C 62 26.72 -23.05 -9.36
N CYS C 63 28.05 -22.99 -9.23
CA CYS C 63 28.77 -21.72 -9.16
C CYS C 63 30.24 -22.02 -8.86
N GLY C 64 31.08 -21.02 -9.04
CA GLY C 64 32.50 -21.19 -8.77
C GLY C 64 33.18 -22.21 -9.66
N GLY C 65 32.50 -22.66 -10.70
CA GLY C 65 33.10 -23.63 -11.60
C GLY C 65 32.53 -25.03 -11.58
N VAL C 66 31.84 -25.40 -10.51
CA VAL C 66 31.25 -26.74 -10.42
C VAL C 66 29.73 -26.67 -10.46
N GLN C 67 29.10 -27.84 -10.55
CA GLN C 67 27.65 -27.94 -10.60
C GLN C 67 27.21 -29.17 -9.83
N PHE C 68 26.16 -29.03 -9.02
CA PHE C 68 25.65 -30.13 -8.22
C PHE C 68 24.61 -30.89 -9.02
N ASN C 69 24.89 -31.12 -10.30
CA ASN C 69 23.98 -31.82 -11.19
C ASN C 69 24.68 -32.69 -12.23
N ASP C 70 23.87 -33.43 -12.98
CA ASP C 70 24.33 -34.30 -14.05
C ASP C 70 25.13 -35.54 -13.70
N THR C 71 26.44 -35.36 -13.46
CA THR C 71 27.32 -36.49 -13.16
C THR C 71 27.27 -36.93 -11.71
N ALA C 72 27.37 -38.24 -11.50
CA ALA C 72 27.32 -38.80 -10.16
C ALA C 72 28.54 -38.35 -9.35
N GLU C 73 29.59 -37.96 -10.05
CA GLU C 73 30.82 -37.52 -9.41
C GLU C 73 30.70 -36.09 -8.88
N ALA C 74 29.93 -35.27 -9.57
CA ALA C 74 29.76 -33.88 -9.17
C ALA C 74 28.82 -33.78 -7.97
N VAL C 75 27.89 -34.72 -7.86
CA VAL C 75 26.96 -34.74 -6.74
C VAL C 75 27.74 -35.29 -5.53
N SER C 76 28.58 -34.44 -4.97
CA SER C 76 29.43 -34.81 -3.85
C SER C 76 29.49 -33.71 -2.80
N VAL C 77 30.08 -34.02 -1.65
CA VAL C 77 30.20 -33.05 -0.58
C VAL C 77 31.29 -32.03 -0.96
N GLU C 78 32.19 -32.43 -1.85
CA GLU C 78 33.25 -31.55 -2.28
C GLU C 78 32.66 -30.42 -3.11
N THR C 79 31.68 -30.77 -3.94
CA THR C 79 31.01 -29.77 -4.77
C THR C 79 30.34 -28.73 -3.88
N LEU C 80 29.74 -29.18 -2.79
CA LEU C 80 29.06 -28.31 -1.85
C LEU C 80 30.01 -27.38 -1.12
N GLU C 81 31.21 -27.87 -0.84
CA GLU C 81 32.22 -27.07 -0.15
C GLU C 81 32.74 -26.01 -1.12
N ILE C 82 32.86 -26.37 -2.38
CA ILE C 82 33.34 -25.45 -3.39
C ILE C 82 32.32 -24.35 -3.69
N MET C 83 31.05 -24.73 -3.76
CA MET C 83 29.97 -23.77 -4.02
C MET C 83 29.85 -22.78 -2.85
N GLN C 84 30.06 -23.28 -1.63
CA GLN C 84 30.00 -22.44 -0.43
C GLN C 84 31.07 -21.35 -0.48
N LYS C 85 32.30 -21.72 -0.82
CA LYS C 85 33.41 -20.77 -0.89
C LYS C 85 33.16 -19.73 -1.98
N ALA C 86 32.56 -20.17 -3.09
CA ALA C 86 32.27 -19.25 -4.18
C ALA C 86 31.19 -18.28 -3.71
N ASN C 87 30.16 -18.81 -3.06
CA ASN C 87 29.07 -17.96 -2.56
C ASN C 87 29.55 -16.93 -1.54
N GLU C 88 30.47 -17.33 -0.66
CA GLU C 88 30.98 -16.43 0.35
C GLU C 88 31.64 -15.19 -0.26
N LYS C 89 32.26 -15.37 -1.42
CA LYS C 89 32.92 -14.25 -2.08
C LYS C 89 31.91 -13.23 -2.59
N SER C 90 30.64 -13.64 -2.68
CA SER C 90 29.59 -12.74 -3.13
C SER C 90 28.59 -12.43 -2.01
N GLY C 91 29.04 -12.57 -0.76
CA GLY C 91 28.20 -12.28 0.38
C GLY C 91 27.15 -13.33 0.71
N CYS C 92 27.21 -14.47 0.03
CA CYS C 92 26.23 -15.53 0.26
C CYS C 92 26.81 -16.59 1.21
N THR C 93 26.34 -16.56 2.46
CA THR C 93 26.80 -17.49 3.47
C THR C 93 25.97 -18.76 3.53
N ASN C 94 24.77 -18.73 2.96
CA ASN C 94 23.91 -19.92 3.00
C ASN C 94 23.18 -20.10 1.67
N TYR C 95 22.93 -21.36 1.33
CA TYR C 95 22.24 -21.66 0.09
C TYR C 95 21.65 -23.06 0.12
N LEU C 96 20.73 -23.34 -0.80
CA LEU C 96 20.10 -24.65 -0.91
C LEU C 96 20.62 -25.31 -2.18
N PRO C 97 21.39 -26.39 -2.04
CA PRO C 97 21.93 -27.13 -3.19
C PRO C 97 20.75 -27.62 -4.00
N THR C 98 20.72 -27.29 -5.28
CA THR C 98 19.60 -27.71 -6.13
C THR C 98 19.91 -28.87 -7.05
N LEU C 99 19.15 -29.95 -6.88
CA LEU C 99 19.32 -31.15 -7.70
C LEU C 99 18.10 -31.25 -8.61
N ILE C 100 18.30 -31.12 -9.92
CA ILE C 100 17.19 -31.19 -10.85
C ILE C 100 16.82 -32.63 -11.19
N THR C 101 15.65 -32.79 -11.82
CA THR C 101 15.12 -34.10 -12.19
C THR C 101 16.20 -35.08 -12.63
N THR C 102 16.27 -36.20 -11.91
CA THR C 102 17.26 -37.21 -12.22
C THR C 102 16.78 -38.58 -11.75
N SER C 103 17.69 -39.55 -11.75
CA SER C 103 17.36 -40.91 -11.35
C SER C 103 17.11 -41.00 -9.86
N ASP C 104 16.34 -42.02 -9.46
CA ASP C 104 16.05 -42.26 -8.06
C ASP C 104 17.35 -42.48 -7.31
N GLU C 105 18.28 -43.17 -7.97
CA GLU C 105 19.57 -43.46 -7.35
C GLU C 105 20.39 -42.20 -7.09
N LEU C 106 20.37 -41.26 -8.02
CA LEU C 106 21.12 -40.02 -7.86
C LEU C 106 20.46 -39.14 -6.81
N MET C 107 19.14 -39.24 -6.70
CA MET C 107 18.42 -38.46 -5.71
C MET C 107 18.82 -39.00 -4.34
N LYS C 108 18.93 -40.33 -4.29
CA LYS C 108 19.32 -41.03 -3.07
C LYS C 108 20.74 -40.63 -2.69
N GLN C 109 21.62 -40.54 -3.68
CA GLN C 109 22.99 -40.14 -3.39
C GLN C 109 23.01 -38.70 -2.90
N GLY C 110 22.21 -37.85 -3.53
CA GLY C 110 22.14 -36.45 -3.13
C GLY C 110 21.81 -36.32 -1.66
N VAL C 111 20.88 -37.16 -1.20
CA VAL C 111 20.48 -37.17 0.20
C VAL C 111 21.66 -37.55 1.08
N ARG C 112 22.33 -38.65 0.74
CA ARG C 112 23.48 -39.10 1.52
C ARG C 112 24.55 -38.01 1.60
N VAL C 113 24.82 -37.37 0.47
CA VAL C 113 25.80 -36.31 0.40
C VAL C 113 25.42 -35.08 1.23
N MET C 114 24.13 -34.74 1.21
CA MET C 114 23.65 -33.58 1.97
C MET C 114 23.81 -33.89 3.45
N ARG C 115 23.34 -35.07 3.84
CA ARG C 115 23.44 -35.53 5.22
C ARG C 115 24.90 -35.53 5.70
N GLU C 116 25.80 -36.03 4.86
CA GLU C 116 27.22 -36.06 5.22
C GLU C 116 27.78 -34.64 5.36
N TYR C 117 27.38 -33.76 4.45
CA TYR C 117 27.85 -32.38 4.48
C TYR C 117 27.37 -31.64 5.72
N LEU C 118 26.11 -31.87 6.10
CA LEU C 118 25.54 -31.21 7.25
C LEU C 118 26.28 -31.56 8.54
N ALA C 119 26.80 -32.78 8.60
CA ALA C 119 27.54 -33.23 9.79
C ALA C 119 28.92 -32.59 9.86
N LYS C 120 29.42 -32.20 8.69
CA LYS C 120 30.75 -31.61 8.58
C LYS C 120 30.74 -30.08 8.57
N HIS C 121 29.72 -29.49 7.94
CA HIS C 121 29.65 -28.03 7.84
C HIS C 121 28.31 -27.45 8.31
N PRO C 122 28.28 -26.86 9.51
CA PRO C 122 27.02 -26.27 10.00
C PRO C 122 26.74 -24.86 9.52
N ASN C 123 25.46 -24.50 9.47
CA ASN C 123 25.03 -23.16 9.06
C ASN C 123 25.65 -22.65 7.78
N GLN C 124 25.69 -23.51 6.76
CA GLN C 124 26.23 -23.16 5.46
C GLN C 124 25.22 -23.67 4.43
N ALA C 125 25.57 -24.69 3.65
CA ALA C 125 24.58 -25.23 2.73
C ALA C 125 23.55 -25.82 3.69
N LEU C 126 22.35 -25.24 3.70
CA LEU C 126 21.31 -25.66 4.64
C LEU C 126 20.60 -26.98 4.43
N GLY C 127 20.39 -27.34 3.17
CA GLY C 127 19.70 -28.58 2.87
C GLY C 127 19.38 -28.65 1.39
N LEU C 128 18.86 -29.79 0.95
CA LEU C 128 18.56 -29.98 -0.46
C LEU C 128 17.31 -29.30 -1.00
N HIS C 129 17.41 -28.93 -2.27
CA HIS C 129 16.30 -28.35 -3.00
C HIS C 129 16.17 -29.30 -4.17
N LEU C 130 15.14 -30.14 -4.14
CA LEU C 130 14.91 -31.09 -5.22
C LEU C 130 13.94 -30.48 -6.22
N GLU C 131 14.47 -30.05 -7.36
CA GLU C 131 13.63 -29.45 -8.39
C GLU C 131 13.26 -30.54 -9.39
N GLY C 132 12.06 -31.10 -9.21
CA GLY C 132 11.62 -32.18 -10.06
C GLY C 132 11.71 -33.42 -9.19
N PRO C 133 11.45 -34.61 -9.73
CA PRO C 133 11.10 -34.86 -11.13
C PRO C 133 9.61 -34.81 -11.44
N TRP C 134 8.78 -34.52 -10.44
CA TRP C 134 7.33 -34.49 -10.67
C TRP C 134 6.89 -33.18 -11.32
N LEU C 135 7.39 -32.94 -12.53
CA LEU C 135 7.09 -31.73 -13.28
C LEU C 135 6.16 -31.94 -14.48
N ASN C 136 5.83 -30.85 -15.16
CA ASN C 136 4.98 -30.94 -16.33
C ASN C 136 5.90 -30.78 -17.54
N LEU C 137 5.91 -31.79 -18.41
CA LEU C 137 6.75 -31.78 -19.61
C LEU C 137 6.63 -30.47 -20.39
N VAL C 138 5.45 -29.87 -20.36
CA VAL C 138 5.19 -28.61 -21.07
C VAL C 138 6.12 -27.50 -20.60
N LYS C 139 6.50 -27.57 -19.33
CA LYS C 139 7.38 -26.56 -18.74
C LYS C 139 8.62 -27.22 -18.17
N LYS C 140 9.04 -28.30 -18.83
CA LYS C 140 10.22 -29.04 -18.40
C LYS C 140 11.48 -28.18 -18.51
N GLY C 141 11.44 -27.21 -19.42
CA GLY C 141 12.60 -26.37 -19.60
C GLY C 141 13.77 -27.25 -19.98
N THR C 142 14.86 -27.17 -19.22
CA THR C 142 16.05 -27.98 -19.50
C THR C 142 16.03 -29.38 -18.87
N HIS C 143 15.06 -29.66 -18.02
CA HIS C 143 14.99 -30.98 -17.36
C HIS C 143 14.83 -32.14 -18.36
N ASN C 144 15.52 -33.24 -18.08
CA ASN C 144 15.47 -34.44 -18.94
C ASN C 144 14.07 -35.04 -18.96
N PRO C 145 13.42 -35.03 -20.12
CA PRO C 145 12.07 -35.57 -20.26
C PRO C 145 11.94 -37.08 -19.97
N ASN C 146 13.05 -37.80 -20.01
CA ASN C 146 13.01 -39.23 -19.73
C ASN C 146 12.92 -39.49 -18.23
N PHE C 147 13.16 -38.44 -17.44
CA PHE C 147 13.10 -38.58 -15.99
C PHE C 147 11.95 -37.80 -15.37
N VAL C 148 11.32 -36.94 -16.15
CA VAL C 148 10.16 -36.22 -15.66
C VAL C 148 9.15 -37.34 -15.46
N ARG C 149 8.65 -37.51 -14.24
CA ARG C 149 7.72 -38.60 -13.97
C ARG C 149 6.70 -38.30 -12.87
N LYS C 150 5.73 -39.20 -12.73
CA LYS C 150 4.72 -39.05 -11.69
C LYS C 150 5.34 -39.58 -10.40
N PRO C 151 4.80 -39.17 -9.24
CA PRO C 151 5.35 -39.66 -7.99
C PRO C 151 4.89 -41.07 -7.62
N ASP C 152 5.77 -41.83 -6.98
CA ASP C 152 5.45 -43.19 -6.54
C ASP C 152 5.68 -43.30 -5.04
N ALA C 153 4.85 -44.11 -4.39
CA ALA C 153 4.94 -44.31 -2.93
C ALA C 153 6.37 -44.41 -2.41
N ALA C 154 7.17 -45.28 -3.02
CA ALA C 154 8.55 -45.50 -2.59
C ALA C 154 9.40 -44.22 -2.52
N LEU C 155 9.45 -43.46 -3.62
CA LEU C 155 10.27 -42.25 -3.66
C LEU C 155 9.77 -41.21 -2.68
N VAL C 156 8.45 -41.03 -2.61
CA VAL C 156 7.87 -40.05 -1.69
C VAL C 156 8.24 -40.38 -0.25
N ASP C 157 7.96 -41.62 0.17
CA ASP C 157 8.27 -42.05 1.54
C ASP C 157 9.74 -41.85 1.86
N PHE C 158 10.61 -42.06 0.88
CA PHE C 158 12.04 -41.87 1.09
C PHE C 158 12.36 -40.41 1.43
N LEU C 159 11.80 -39.49 0.65
CA LEU C 159 12.04 -38.07 0.87
C LEU C 159 11.53 -37.65 2.23
N CYS C 160 10.34 -38.12 2.58
CA CYS C 160 9.75 -37.80 3.86
C CYS C 160 10.62 -38.25 5.03
N GLU C 161 11.20 -39.45 4.92
CA GLU C 161 12.05 -39.98 5.97
C GLU C 161 13.37 -39.20 6.08
N ASN C 162 13.73 -38.54 4.98
CA ASN C 162 14.95 -37.74 4.94
C ASN C 162 14.62 -36.26 4.87
N ALA C 163 13.43 -35.91 5.32
CA ALA C 163 12.97 -34.53 5.32
C ALA C 163 13.91 -33.63 6.12
N ASP C 164 14.70 -34.22 7.01
CA ASP C 164 15.61 -33.44 7.83
C ASP C 164 16.79 -32.88 7.01
N VAL C 165 17.03 -33.45 5.83
CA VAL C 165 18.11 -32.94 4.98
C VAL C 165 17.54 -32.45 3.67
N ILE C 166 16.22 -32.42 3.56
CA ILE C 166 15.56 -31.94 2.36
C ILE C 166 14.76 -30.69 2.70
N THR C 167 15.34 -29.55 2.42
CA THR C 167 14.70 -28.28 2.73
C THR C 167 13.48 -27.99 1.88
N LYS C 168 13.58 -28.25 0.57
CA LYS C 168 12.48 -27.94 -0.34
C LYS C 168 12.39 -28.83 -1.57
N VAL C 169 11.17 -29.02 -2.05
CA VAL C 169 10.92 -29.81 -3.25
C VAL C 169 10.00 -29.02 -4.18
N THR C 170 10.43 -28.86 -5.43
CA THR C 170 9.64 -28.15 -6.40
C THR C 170 8.91 -29.18 -7.24
N LEU C 171 7.61 -28.95 -7.46
CA LEU C 171 6.82 -29.87 -8.25
C LEU C 171 5.67 -29.12 -8.92
N ALA C 172 5.12 -29.71 -9.98
CA ALA C 172 3.99 -29.13 -10.68
C ALA C 172 2.77 -29.66 -9.94
N PRO C 173 2.02 -28.79 -9.27
CA PRO C 173 0.83 -29.23 -8.53
C PRO C 173 -0.19 -30.02 -9.35
N GLU C 174 -0.46 -29.57 -10.58
CA GLU C 174 -1.46 -30.25 -11.41
C GLU C 174 -0.99 -31.64 -11.86
N MET C 175 0.28 -31.95 -11.62
CA MET C 175 0.81 -33.25 -12.00
C MET C 175 0.95 -34.19 -10.80
N VAL C 176 0.47 -33.74 -9.64
CA VAL C 176 0.63 -34.52 -8.42
C VAL C 176 -0.63 -34.69 -7.58
N PRO C 177 -0.81 -35.87 -6.96
CA PRO C 177 -2.00 -36.06 -6.13
C PRO C 177 -1.83 -35.09 -4.96
N ALA C 178 -2.93 -34.52 -4.47
CA ALA C 178 -2.85 -33.56 -3.38
C ALA C 178 -2.24 -34.11 -2.08
N GLU C 179 -2.51 -35.37 -1.77
CA GLU C 179 -1.98 -35.94 -0.54
C GLU C 179 -0.47 -36.13 -0.56
N VAL C 180 0.13 -36.07 -1.74
CA VAL C 180 1.58 -36.20 -1.85
C VAL C 180 2.18 -34.90 -1.34
N ILE C 181 1.57 -33.79 -1.76
CA ILE C 181 2.01 -32.47 -1.34
C ILE C 181 1.88 -32.37 0.18
N SER C 182 0.73 -32.79 0.69
CA SER C 182 0.49 -32.76 2.13
C SER C 182 1.46 -33.66 2.88
N LYS C 183 1.70 -34.85 2.34
CA LYS C 183 2.63 -35.78 2.97
C LYS C 183 3.98 -35.09 3.17
N LEU C 184 4.57 -34.64 2.06
CA LEU C 184 5.84 -33.94 2.08
C LEU C 184 5.81 -32.76 3.05
N ALA C 185 4.75 -31.95 2.96
CA ALA C 185 4.60 -30.80 3.83
C ALA C 185 4.56 -31.20 5.30
N ASN C 186 3.77 -32.21 5.62
CA ASN C 186 3.65 -32.66 7.00
C ASN C 186 4.97 -33.19 7.53
N ALA C 187 5.77 -33.77 6.64
CA ALA C 187 7.08 -34.32 6.98
C ALA C 187 8.09 -33.23 7.33
N GLY C 188 7.78 -31.98 6.97
CA GLY C 188 8.70 -30.90 7.27
C GLY C 188 9.31 -30.24 6.04
N ILE C 189 9.07 -30.82 4.88
CA ILE C 189 9.61 -30.30 3.63
C ILE C 189 8.78 -29.13 3.11
N VAL C 190 9.46 -28.10 2.61
CA VAL C 190 8.77 -26.96 2.04
C VAL C 190 8.41 -27.35 0.60
N VAL C 191 7.12 -27.29 0.26
CA VAL C 191 6.72 -27.66 -1.09
C VAL C 191 6.50 -26.41 -1.95
N SER C 192 7.19 -26.36 -3.08
CA SER C 192 7.11 -25.23 -3.98
C SER C 192 6.58 -25.60 -5.36
N ALA C 193 5.77 -24.71 -5.93
CA ALA C 193 5.20 -24.93 -7.24
C ALA C 193 6.15 -24.37 -8.30
N GLY C 194 6.42 -25.16 -9.33
CA GLY C 194 7.31 -24.72 -10.39
C GLY C 194 7.32 -25.66 -11.58
N HIS C 195 7.80 -25.17 -12.72
CA HIS C 195 7.87 -25.96 -13.94
C HIS C 195 6.52 -26.61 -14.07
N SER C 196 5.51 -25.77 -13.94
CA SER C 196 4.13 -26.19 -13.97
C SER C 196 3.32 -25.40 -14.97
N ASN C 197 2.30 -26.03 -15.52
CA ASN C 197 1.42 -25.36 -16.46
C ASN C 197 0.08 -25.21 -15.76
N ALA C 198 0.14 -25.24 -14.43
CA ALA C 198 -1.06 -25.12 -13.59
C ALA C 198 -1.92 -23.91 -13.86
N THR C 199 -3.23 -24.15 -13.86
CA THR C 199 -4.20 -23.09 -14.05
C THR C 199 -4.36 -22.45 -12.67
N LEU C 200 -5.04 -21.31 -12.59
CA LEU C 200 -5.25 -20.66 -11.29
C LEU C 200 -5.91 -21.64 -10.33
N LYS C 201 -6.97 -22.30 -10.79
CA LYS C 201 -7.71 -23.25 -9.98
C LYS C 201 -6.78 -24.36 -9.50
N GLU C 202 -5.94 -24.86 -10.39
CA GLU C 202 -5.02 -25.93 -10.02
C GLU C 202 -4.00 -25.43 -9.02
N ALA C 203 -3.46 -24.23 -9.24
CA ALA C 203 -2.48 -23.67 -8.33
C ALA C 203 -3.08 -23.52 -6.94
N LYS C 204 -4.28 -22.95 -6.87
CA LYS C 204 -4.95 -22.75 -5.60
C LYS C 204 -5.16 -24.08 -4.86
N ALA C 205 -5.50 -25.13 -5.61
CA ALA C 205 -5.68 -26.46 -5.03
C ALA C 205 -4.37 -26.95 -4.42
N GLY C 206 -3.26 -26.53 -5.02
CA GLY C 206 -1.95 -26.92 -4.52
C GLY C 206 -1.64 -26.21 -3.22
N PHE C 207 -1.97 -24.92 -3.15
CA PHE C 207 -1.76 -24.15 -1.94
C PHE C 207 -2.53 -24.79 -0.79
N ARG C 208 -3.82 -25.03 -1.00
CA ARG C 208 -4.64 -25.65 0.04
C ARG C 208 -4.05 -26.99 0.45
N ALA C 209 -3.46 -27.71 -0.49
CA ALA C 209 -2.85 -29.01 -0.19
C ALA C 209 -1.61 -28.84 0.69
N GLY C 210 -0.98 -27.66 0.61
CA GLY C 210 0.20 -27.44 1.43
C GLY C 210 1.40 -26.74 0.80
N ILE C 211 1.28 -26.30 -0.45
CA ILE C 211 2.40 -25.61 -1.09
C ILE C 211 2.47 -24.22 -0.47
N THR C 212 3.66 -23.80 -0.06
CA THR C 212 3.84 -22.49 0.57
C THR C 212 4.88 -21.65 -0.14
N PHE C 213 5.39 -22.15 -1.26
CA PHE C 213 6.42 -21.44 -2.00
C PHE C 213 6.28 -21.71 -3.50
N ALA C 214 6.84 -20.84 -4.32
CA ALA C 214 6.80 -20.98 -5.76
C ALA C 214 8.21 -20.75 -6.30
N THR C 215 8.63 -21.57 -7.25
CA THR C 215 9.97 -21.50 -7.82
C THR C 215 10.11 -20.55 -9.01
N HIS C 216 11.11 -19.68 -8.92
CA HIS C 216 11.42 -18.64 -9.92
C HIS C 216 10.20 -18.14 -10.68
N LEU C 217 9.46 -17.26 -10.01
CA LEU C 217 8.25 -16.65 -10.53
C LEU C 217 8.42 -16.17 -11.97
N TYR C 218 7.41 -16.48 -12.79
CA TYR C 218 7.35 -16.13 -14.21
C TYR C 218 8.07 -17.13 -15.12
N ASN C 219 9.09 -17.80 -14.59
CA ASN C 219 9.85 -18.77 -15.40
C ASN C 219 9.28 -20.19 -15.28
N ALA C 220 9.08 -20.85 -16.43
CA ALA C 220 8.54 -22.20 -16.49
C ALA C 220 7.14 -22.27 -15.88
N MET C 221 6.32 -21.26 -16.20
CA MET C 221 4.94 -21.17 -15.73
C MET C 221 4.12 -20.69 -16.91
N PRO C 222 2.79 -20.82 -16.84
CA PRO C 222 2.00 -20.35 -17.97
C PRO C 222 2.12 -18.84 -18.05
N TYR C 223 1.96 -18.28 -19.24
CA TYR C 223 1.99 -16.84 -19.35
C TYR C 223 0.65 -16.39 -18.79
N ILE C 224 0.53 -15.11 -18.44
CA ILE C 224 -0.73 -14.62 -17.88
C ILE C 224 -1.63 -14.03 -18.95
N THR C 225 -2.88 -14.49 -18.99
CA THR C 225 -3.86 -13.99 -19.93
C THR C 225 -5.04 -13.45 -19.14
N GLY C 226 -5.85 -12.61 -19.77
CA GLY C 226 -7.00 -12.04 -19.10
C GLY C 226 -7.97 -13.04 -18.50
N ARG C 227 -8.25 -14.12 -19.24
CA ARG C 227 -9.17 -15.16 -18.78
C ARG C 227 -8.53 -16.14 -17.81
N GLU C 228 -7.26 -16.45 -18.03
CA GLU C 228 -6.53 -17.40 -17.19
C GLU C 228 -5.25 -16.83 -16.59
N PRO C 229 -5.27 -16.51 -15.29
CA PRO C 229 -4.10 -15.95 -14.61
C PRO C 229 -2.97 -16.96 -14.58
N GLY C 230 -3.32 -18.24 -14.50
CA GLY C 230 -2.33 -19.30 -14.45
C GLY C 230 -1.61 -19.31 -13.10
N LEU C 231 -0.59 -20.15 -12.97
CA LEU C 231 0.15 -20.25 -11.71
C LEU C 231 0.75 -18.90 -11.31
N ALA C 232 1.35 -18.21 -12.27
CA ALA C 232 1.97 -16.91 -12.00
C ALA C 232 0.97 -15.94 -11.41
N GLY C 233 -0.18 -15.78 -12.07
CA GLY C 233 -1.19 -14.86 -11.55
C GLY C 233 -1.63 -15.27 -10.16
N ALA C 234 -1.83 -16.57 -9.97
CA ALA C 234 -2.27 -17.13 -8.70
C ALA C 234 -1.32 -16.75 -7.57
N ILE C 235 -0.02 -16.96 -7.80
CA ILE C 235 0.99 -16.64 -6.81
C ILE C 235 0.93 -15.16 -6.45
N LEU C 236 0.84 -14.31 -7.48
CA LEU C 236 0.78 -12.88 -7.24
C LEU C 236 -0.42 -12.48 -6.40
N ASP C 237 -1.51 -13.23 -6.54
CA ASP C 237 -2.73 -12.93 -5.79
C ASP C 237 -2.85 -13.61 -4.43
N GLU C 238 -1.92 -14.52 -4.11
CA GLU C 238 -1.96 -15.25 -2.83
C GLU C 238 -0.97 -14.67 -1.82
N ALA C 239 -1.51 -13.90 -0.87
CA ALA C 239 -0.72 -13.23 0.15
C ALA C 239 0.27 -14.07 0.97
N ASP C 240 -0.17 -15.25 1.42
CA ASP C 240 0.70 -16.09 2.24
C ASP C 240 1.79 -16.86 1.49
N ILE C 241 1.74 -16.91 0.16
CA ILE C 241 2.75 -17.65 -0.58
C ILE C 241 4.07 -16.92 -0.84
N TYR C 242 5.17 -17.52 -0.42
CA TYR C 242 6.51 -16.97 -0.64
C TYR C 242 6.97 -17.43 -2.02
N CYS C 243 7.85 -16.67 -2.66
CA CYS C 243 8.35 -17.09 -3.96
C CYS C 243 9.68 -16.45 -4.32
N GLY C 244 10.49 -17.16 -5.09
CA GLY C 244 11.77 -16.62 -5.51
C GLY C 244 11.66 -15.96 -6.88
N ILE C 245 12.60 -15.08 -7.20
CA ILE C 245 12.61 -14.41 -8.48
C ILE C 245 14.06 -14.13 -8.87
N ILE C 246 14.41 -14.46 -10.11
CA ILE C 246 15.76 -14.27 -10.62
C ILE C 246 15.91 -12.82 -11.06
N ALA C 247 16.82 -12.08 -10.42
CA ALA C 247 16.99 -10.67 -10.77
C ALA C 247 18.26 -10.35 -11.55
N ASP C 248 18.42 -10.98 -12.71
CA ASP C 248 19.57 -10.71 -13.54
C ASP C 248 19.17 -9.77 -14.66
N GLY C 249 17.87 -9.58 -14.82
CA GLY C 249 17.36 -8.70 -15.86
C GLY C 249 17.33 -9.38 -17.22
N LEU C 250 17.38 -10.70 -17.21
CA LEU C 250 17.38 -11.48 -18.43
C LEU C 250 16.28 -12.54 -18.37
N HIS C 251 16.16 -13.19 -17.23
CA HIS C 251 15.14 -14.22 -17.05
C HIS C 251 13.79 -13.58 -16.81
N VAL C 252 13.81 -12.38 -16.21
CA VAL C 252 12.59 -11.65 -15.93
C VAL C 252 12.83 -10.16 -16.15
N ASP C 253 11.98 -9.54 -16.98
CA ASP C 253 12.12 -8.11 -17.23
C ASP C 253 11.92 -7.41 -15.89
N TYR C 254 12.71 -6.37 -15.65
CA TYR C 254 12.63 -5.64 -14.40
C TYR C 254 11.22 -5.12 -14.11
N ALA C 255 10.47 -4.80 -15.15
CA ALA C 255 9.11 -4.31 -14.95
C ALA C 255 8.24 -5.38 -14.28
N ASN C 256 8.46 -6.64 -14.61
CA ASN C 256 7.69 -7.72 -14.00
C ASN C 256 8.11 -7.90 -12.55
N ILE C 257 9.38 -7.63 -12.26
CA ILE C 257 9.89 -7.75 -10.90
C ILE C 257 9.29 -6.63 -10.05
N ARG C 258 9.13 -5.44 -10.63
CA ARG C 258 8.54 -4.34 -9.89
C ARG C 258 7.08 -4.66 -9.60
N ASN C 259 6.34 -5.16 -10.60
CA ASN C 259 4.94 -5.50 -10.37
C ASN C 259 4.84 -6.59 -9.31
N ALA C 260 5.72 -7.59 -9.41
CA ALA C 260 5.73 -8.69 -8.46
C ALA C 260 5.99 -8.23 -7.03
N LYS C 261 6.96 -7.34 -6.85
CA LYS C 261 7.27 -6.87 -5.52
C LYS C 261 6.08 -6.14 -4.89
N ARG C 262 5.44 -5.26 -5.66
CA ARG C 262 4.29 -4.50 -5.17
C ARG C 262 3.15 -5.43 -4.77
N LEU C 263 3.03 -6.55 -5.45
CA LEU C 263 1.98 -7.50 -5.13
C LEU C 263 2.36 -8.49 -4.02
N LYS C 264 3.63 -8.90 -3.98
CA LYS C 264 4.09 -9.88 -2.99
C LYS C 264 4.54 -9.32 -1.63
N GLY C 265 4.80 -8.02 -1.57
CA GLY C 265 5.22 -7.44 -0.31
C GLY C 265 6.46 -8.07 0.30
N ASP C 266 6.34 -8.57 1.52
CA ASP C 266 7.45 -9.19 2.22
C ASP C 266 7.58 -10.70 1.93
N LYS C 267 6.98 -11.14 0.83
CA LYS C 267 7.03 -12.56 0.45
C LYS C 267 7.92 -12.84 -0.78
N LEU C 268 8.48 -11.79 -1.38
CA LEU C 268 9.31 -11.96 -2.57
C LEU C 268 10.79 -12.14 -2.23
N CYS C 269 11.36 -13.27 -2.63
CA CYS C 269 12.77 -13.57 -2.34
C CYS C 269 13.69 -13.48 -3.55
N LEU C 270 14.92 -13.05 -3.29
CA LEU C 270 15.94 -12.96 -4.32
C LEU C 270 16.64 -14.32 -4.43
N VAL C 271 16.71 -14.87 -5.64
CA VAL C 271 17.41 -16.13 -5.87
C VAL C 271 18.27 -15.91 -7.12
N THR C 272 19.33 -16.70 -7.25
CA THR C 272 20.20 -16.57 -8.42
C THR C 272 19.90 -17.66 -9.45
N ASP C 273 19.51 -18.84 -8.95
CA ASP C 273 19.25 -20.01 -9.81
C ASP C 273 20.47 -20.18 -10.70
N ALA C 274 21.60 -19.72 -10.18
CA ALA C 274 22.87 -19.74 -10.89
C ALA C 274 23.42 -21.13 -11.24
N THR C 275 24.39 -21.11 -12.14
CA THR C 275 25.07 -22.31 -12.60
C THR C 275 26.58 -22.06 -12.49
N ALA C 276 27.36 -23.09 -12.81
CA ALA C 276 28.82 -23.08 -12.74
C ALA C 276 29.54 -21.74 -12.98
N PRO C 277 29.20 -21.03 -14.06
CA PRO C 277 29.84 -19.75 -14.38
C PRO C 277 29.71 -18.66 -13.32
N ALA C 278 28.61 -18.68 -12.56
CA ALA C 278 28.36 -17.69 -11.53
C ALA C 278 29.62 -17.28 -10.77
N GLY C 279 30.11 -18.16 -9.91
CA GLY C 279 31.30 -17.86 -9.14
C GLY C 279 32.54 -17.56 -9.95
N ALA C 280 32.96 -18.52 -10.76
CA ALA C 280 34.15 -18.36 -11.59
C ALA C 280 34.12 -17.08 -12.41
N GLY C 308 22.07 -21.02 -18.39
CA GLY C 308 21.06 -20.64 -17.41
C GLY C 308 21.29 -19.27 -16.83
N SER C 309 21.69 -19.22 -15.56
CA SER C 309 21.96 -17.96 -14.88
C SER C 309 23.37 -17.92 -14.26
N SER C 310 24.02 -16.77 -14.33
CA SER C 310 25.35 -16.59 -13.76
C SER C 310 25.31 -15.48 -12.73
N LEU C 311 24.10 -15.14 -12.29
CA LEU C 311 23.89 -14.10 -11.30
C LEU C 311 24.39 -14.56 -9.93
N THR C 312 24.91 -13.63 -9.14
CA THR C 312 25.37 -13.92 -7.78
C THR C 312 24.44 -13.07 -6.91
N MET C 313 24.36 -13.37 -5.61
CA MET C 313 23.46 -12.61 -4.74
C MET C 313 23.78 -11.13 -4.56
N ILE C 314 25.07 -10.79 -4.51
CA ILE C 314 25.41 -9.37 -4.34
C ILE C 314 25.02 -8.60 -5.59
N GLU C 315 25.14 -9.24 -6.75
CA GLU C 315 24.77 -8.62 -8.02
C GLU C 315 23.26 -8.46 -8.08
N GLY C 316 22.54 -9.46 -7.57
CA GLY C 316 21.09 -9.42 -7.55
C GLY C 316 20.60 -8.29 -6.66
N VAL C 317 21.33 -8.03 -5.57
CA VAL C 317 20.97 -6.96 -4.64
C VAL C 317 21.14 -5.62 -5.36
N ARG C 318 22.26 -5.50 -6.08
CA ARG C 318 22.56 -4.29 -6.82
C ARG C 318 21.54 -4.04 -7.94
N ASN C 319 21.19 -5.09 -8.68
CA ASN C 319 20.22 -4.93 -9.76
C ASN C 319 18.86 -4.46 -9.23
N LEU C 320 18.41 -5.06 -8.13
CA LEU C 320 17.13 -4.69 -7.54
C LEU C 320 17.10 -3.23 -7.14
N VAL C 321 18.18 -2.77 -6.51
CA VAL C 321 18.29 -1.37 -6.10
C VAL C 321 18.39 -0.44 -7.32
N GLU C 322 19.27 -0.75 -8.26
CA GLU C 322 19.44 0.12 -9.42
C GLU C 322 18.37 0.14 -10.49
N HIS C 323 17.79 -1.02 -10.79
CA HIS C 323 16.79 -1.07 -11.85
C HIS C 323 15.36 -1.38 -11.41
N CYS C 324 15.16 -1.68 -10.14
CA CYS C 324 13.82 -2.02 -9.68
C CYS C 324 13.14 -1.04 -8.72
N GLY C 325 13.79 0.06 -8.42
CA GLY C 325 13.21 1.05 -7.53
C GLY C 325 12.83 0.54 -6.15
N ILE C 326 13.62 -0.39 -5.63
CA ILE C 326 13.35 -0.95 -4.32
C ILE C 326 14.45 -0.44 -3.40
N ALA C 327 14.06 0.12 -2.26
CA ALA C 327 15.03 0.64 -1.31
C ALA C 327 15.99 -0.46 -0.89
N LEU C 328 17.22 -0.07 -0.61
CA LEU C 328 18.28 -0.98 -0.20
C LEU C 328 17.92 -1.83 1.01
N ASP C 329 17.26 -1.26 2.01
CA ASP C 329 16.91 -2.05 3.18
C ASP C 329 15.90 -3.14 2.85
N GLU C 330 15.00 -2.84 1.92
CA GLU C 330 13.99 -3.81 1.51
C GLU C 330 14.66 -4.88 0.63
N VAL C 331 15.59 -4.48 -0.24
CA VAL C 331 16.29 -5.44 -1.08
C VAL C 331 17.06 -6.43 -0.18
N LEU C 332 17.74 -5.89 0.82
CA LEU C 332 18.50 -6.69 1.78
C LEU C 332 17.59 -7.74 2.46
N ARG C 333 16.37 -7.32 2.83
CA ARG C 333 15.40 -8.24 3.43
C ARG C 333 15.09 -9.36 2.45
N MET C 334 14.98 -9.01 1.17
CA MET C 334 14.69 -9.98 0.10
C MET C 334 15.79 -11.03 -0.04
N ALA C 335 17.00 -10.68 0.37
CA ALA C 335 18.12 -11.60 0.25
C ALA C 335 18.47 -12.28 1.56
N THR C 336 17.75 -11.96 2.62
CA THR C 336 18.04 -12.55 3.93
C THR C 336 16.81 -12.95 4.73
N LEU C 337 16.19 -11.98 5.37
CA LEU C 337 15.02 -12.21 6.19
C LEU C 337 13.89 -12.98 5.51
N TYR C 338 13.54 -12.56 4.30
CA TYR C 338 12.45 -13.23 3.61
C TYR C 338 12.77 -14.67 3.23
N PRO C 339 13.93 -14.91 2.62
CA PRO C 339 14.17 -16.32 2.30
C PRO C 339 14.32 -17.14 3.58
N ALA C 340 14.84 -16.50 4.63
CA ALA C 340 15.02 -17.17 5.91
C ALA C 340 13.66 -17.65 6.46
N ARG C 341 12.66 -16.76 6.44
CA ARG C 341 11.34 -17.13 6.94
C ARG C 341 10.65 -18.11 5.99
N ALA C 342 10.94 -18.00 4.70
CA ALA C 342 10.36 -18.88 3.71
C ALA C 342 10.70 -20.35 3.94
N ILE C 343 11.95 -20.62 4.31
CA ILE C 343 12.33 -22.01 4.53
C ILE C 343 12.39 -22.39 5.99
N GLY C 344 11.91 -21.51 6.86
CA GLY C 344 11.88 -21.80 8.28
C GLY C 344 13.14 -21.76 9.13
N VAL C 345 14.10 -20.90 8.81
CA VAL C 345 15.31 -20.85 9.62
C VAL C 345 15.53 -19.46 10.21
N GLU C 346 14.47 -18.67 10.28
CA GLU C 346 14.61 -17.30 10.79
C GLU C 346 14.98 -17.27 12.26
N LYS C 347 14.85 -18.39 12.96
CA LYS C 347 15.20 -18.41 14.38
C LYS C 347 16.70 -18.29 14.55
N ARG C 348 17.44 -18.53 13.48
CA ARG C 348 18.89 -18.45 13.59
C ARG C 348 19.65 -17.79 12.44
N LEU C 349 18.97 -17.34 11.39
CA LEU C 349 19.73 -16.77 10.27
C LEU C 349 19.34 -15.48 9.55
N GLY C 350 18.07 -15.11 9.54
CA GLY C 350 17.69 -13.93 8.78
C GLY C 350 18.03 -12.52 9.26
N THR C 351 18.48 -12.38 10.50
CA THR C 351 18.78 -11.06 11.04
C THR C 351 20.04 -11.00 11.89
N LEU C 352 20.36 -9.78 12.31
CA LEU C 352 21.51 -9.52 13.17
C LEU C 352 20.92 -9.23 14.54
N ALA C 353 20.78 -10.28 15.34
CA ALA C 353 20.20 -10.16 16.66
C ALA C 353 20.84 -11.15 17.64
N ALA C 354 20.75 -10.84 18.92
CA ALA C 354 21.33 -11.69 19.94
C ALA C 354 20.84 -13.12 19.79
N GLY C 355 21.77 -14.07 19.83
CA GLY C 355 21.42 -15.47 19.72
C GLY C 355 21.46 -16.07 18.32
N LYS C 356 21.40 -15.22 17.29
CA LYS C 356 21.42 -15.70 15.93
C LYS C 356 22.85 -15.94 15.46
N VAL C 357 23.01 -16.96 14.61
CA VAL C 357 24.32 -17.31 14.08
C VAL C 357 25.01 -16.11 13.47
N ALA C 358 26.33 -16.05 13.63
CA ALA C 358 27.13 -14.95 13.11
C ALA C 358 27.52 -15.19 11.64
N ASN C 359 26.52 -15.07 10.77
CA ASN C 359 26.73 -15.22 9.34
C ASN C 359 26.39 -13.84 8.77
N LEU C 360 27.41 -13.05 8.51
CA LEU C 360 27.22 -11.70 8.00
C LEU C 360 28.06 -11.45 6.76
N THR C 361 27.83 -10.30 6.15
CA THR C 361 28.58 -9.87 4.98
C THR C 361 28.56 -8.36 4.97
N ALA C 362 29.65 -7.74 4.51
CA ALA C 362 29.74 -6.29 4.45
C ALA C 362 30.11 -5.91 3.03
N PHE C 363 29.67 -4.74 2.59
CA PHE C 363 29.97 -4.29 1.24
C PHE C 363 30.02 -2.78 1.11
N THR C 364 30.77 -2.32 0.12
CA THR C 364 30.90 -0.89 -0.11
C THR C 364 29.63 -0.40 -0.77
N PRO C 365 29.35 0.90 -0.67
CA PRO C 365 28.13 1.42 -1.30
C PRO C 365 28.09 1.09 -2.79
N ASP C 366 29.25 0.78 -3.38
CA ASP C 366 29.31 0.42 -4.79
C ASP C 366 29.05 -1.08 -4.94
N PHE C 367 28.58 -1.70 -3.87
CA PHE C 367 28.25 -3.12 -3.85
C PHE C 367 29.41 -4.09 -4.03
N LYS C 368 30.57 -3.73 -3.49
CA LYS C 368 31.71 -4.63 -3.59
C LYS C 368 31.87 -5.26 -2.21
N ILE C 369 31.90 -6.58 -2.17
CA ILE C 369 32.04 -7.31 -0.91
C ILE C 369 33.40 -7.03 -0.28
N THR C 370 33.39 -6.61 0.99
CA THR C 370 34.62 -6.34 1.71
C THR C 370 34.83 -7.39 2.79
N LYS C 371 33.74 -8.01 3.23
CA LYS C 371 33.80 -9.02 4.28
C LYS C 371 32.64 -9.99 4.22
N THR C 372 32.89 -11.21 4.69
CA THR C 372 31.89 -12.25 4.77
C THR C 372 32.25 -13.02 6.02
N ILE C 373 31.27 -13.26 6.89
CA ILE C 373 31.50 -13.99 8.13
C ILE C 373 30.63 -15.23 8.26
N VAL C 374 31.27 -16.36 8.54
CA VAL C 374 30.58 -17.65 8.69
C VAL C 374 30.86 -18.20 10.08
N ASN C 375 29.81 -18.34 10.88
CA ASN C 375 29.94 -18.84 12.24
C ASN C 375 30.97 -18.02 13.00
N GLY C 376 30.87 -16.70 12.87
CA GLY C 376 31.78 -15.80 13.55
C GLY C 376 33.15 -15.67 12.92
N ASN C 377 33.48 -16.59 12.02
CA ASN C 377 34.78 -16.55 11.37
C ASN C 377 34.74 -15.72 10.11
N GLU C 378 35.71 -14.81 9.98
CA GLU C 378 35.78 -13.97 8.79
C GLU C 378 36.46 -14.80 7.70
N VAL C 379 35.69 -15.20 6.70
CA VAL C 379 36.22 -16.02 5.62
C VAL C 379 36.56 -15.23 4.35
N VAL C 380 36.10 -13.99 4.27
CA VAL C 380 36.40 -13.17 3.11
C VAL C 380 36.86 -11.81 3.61
N THR C 381 37.98 -11.35 3.06
CA THR C 381 38.55 -10.06 3.44
C THR C 381 39.09 -9.39 2.18
N GLN C 382 38.37 -8.38 1.69
CA GLN C 382 38.78 -7.66 0.49
C GLN C 382 38.72 -6.15 0.68
N MET D 1 -36.50 23.16 -6.43
CA MET D 1 -35.41 22.80 -5.48
C MET D 1 -35.87 21.71 -4.51
N TYR D 2 -35.04 20.69 -4.34
CA TYR D 2 -35.38 19.59 -3.44
C TYR D 2 -34.14 19.01 -2.79
N ALA D 3 -34.35 18.14 -1.81
CA ALA D 3 -33.24 17.52 -1.09
C ALA D 3 -33.45 16.02 -0.91
N LEU D 4 -32.41 15.25 -1.16
CA LEU D 4 -32.46 13.81 -1.02
C LEU D 4 -31.93 13.51 0.38
N THR D 5 -32.71 12.77 1.16
CA THR D 5 -32.29 12.44 2.53
C THR D 5 -32.63 11.02 2.91
N GLN D 6 -32.28 10.68 4.15
CA GLN D 6 -32.56 9.35 4.70
C GLN D 6 -31.89 8.19 3.98
N GLY D 7 -30.57 8.23 3.93
CA GLY D 7 -29.80 7.17 3.29
C GLY D 7 -28.34 7.57 3.30
N ARG D 8 -27.46 6.64 2.98
CA ARG D 8 -26.04 6.99 2.96
C ARG D 8 -25.76 7.72 1.66
N ILE D 9 -24.96 8.78 1.74
CA ILE D 9 -24.61 9.52 0.54
C ILE D 9 -23.09 9.49 0.34
N PHE D 10 -22.67 8.98 -0.82
CA PHE D 10 -21.24 8.91 -1.12
C PHE D 10 -20.89 10.06 -2.05
N THR D 11 -20.14 11.02 -1.52
CA THR D 11 -19.76 12.20 -2.29
C THR D 11 -18.67 11.91 -3.32
N GLY D 12 -17.93 10.84 -3.09
CA GLY D 12 -16.84 10.48 -3.99
C GLY D 12 -15.57 10.36 -3.19
N HIS D 13 -15.54 11.05 -2.05
CA HIS D 13 -14.40 11.02 -1.15
C HIS D 13 -14.78 10.43 0.21
N GLU D 14 -16.08 10.33 0.50
CA GLU D 14 -16.53 9.78 1.77
C GLU D 14 -18.03 9.51 1.82
N PHE D 15 -18.42 8.67 2.78
CA PHE D 15 -19.82 8.32 2.99
C PHE D 15 -20.33 9.22 4.11
N LEU D 16 -21.40 9.94 3.85
CA LEU D 16 -21.96 10.80 4.86
C LEU D 16 -23.24 10.19 5.39
N ASP D 17 -23.47 10.35 6.70
CA ASP D 17 -24.68 9.83 7.32
C ASP D 17 -25.44 11.01 7.93
N ASP D 18 -26.76 10.95 7.88
CA ASP D 18 -27.60 12.03 8.42
C ASP D 18 -27.33 13.34 7.70
N HIS D 19 -27.09 13.23 6.40
CA HIS D 19 -26.84 14.40 5.58
C HIS D 19 -27.89 14.47 4.49
N ALA D 20 -27.74 15.44 3.60
CA ALA D 20 -28.69 15.61 2.51
C ALA D 20 -28.03 16.25 1.32
N VAL D 21 -28.61 16.00 0.15
CA VAL D 21 -28.09 16.59 -1.07
C VAL D 21 -29.14 17.53 -1.62
N VAL D 22 -28.79 18.81 -1.73
CA VAL D 22 -29.74 19.78 -2.26
C VAL D 22 -29.54 19.88 -3.77
N ILE D 23 -30.60 19.61 -4.51
CA ILE D 23 -30.59 19.66 -5.96
C ILE D 23 -31.40 20.87 -6.41
N ALA D 24 -30.78 21.75 -7.20
CA ALA D 24 -31.45 22.94 -7.69
C ALA D 24 -30.86 23.41 -9.02
N ASP D 25 -31.74 23.83 -9.93
CA ASP D 25 -31.33 24.33 -11.24
C ASP D 25 -30.32 23.41 -11.94
N GLY D 26 -30.63 22.12 -11.95
CA GLY D 26 -29.77 21.14 -12.60
C GLY D 26 -28.45 20.81 -11.90
N LEU D 27 -28.09 21.59 -10.88
CA LEU D 27 -26.83 21.37 -10.17
C LEU D 27 -26.99 20.90 -8.74
N ILE D 28 -25.85 20.54 -8.13
CA ILE D 28 -25.85 20.12 -6.74
C ILE D 28 -25.68 21.45 -5.98
N LYS D 29 -26.72 21.90 -5.29
CA LYS D 29 -26.63 23.15 -4.57
C LYS D 29 -25.74 23.01 -3.35
N SER D 30 -25.83 21.87 -2.67
CA SER D 30 -25.00 21.64 -1.49
C SER D 30 -25.26 20.28 -0.85
N VAL D 31 -24.30 19.87 -0.03
CA VAL D 31 -24.39 18.63 0.73
C VAL D 31 -24.20 19.08 2.18
N CYS D 32 -25.24 18.91 2.99
CA CYS D 32 -25.15 19.37 4.37
C CYS D 32 -25.85 18.45 5.35
N PRO D 33 -25.56 18.61 6.64
CA PRO D 33 -26.22 17.78 7.65
C PRO D 33 -27.71 18.07 7.54
N VAL D 34 -28.54 17.03 7.71
CA VAL D 34 -29.99 17.18 7.62
C VAL D 34 -30.51 18.34 8.46
N ALA D 35 -29.87 18.59 9.60
CA ALA D 35 -30.27 19.66 10.50
C ALA D 35 -30.17 21.04 9.85
N GLU D 36 -29.22 21.21 8.93
CA GLU D 36 -29.02 22.49 8.27
C GLU D 36 -29.93 22.74 7.08
N LEU D 37 -30.92 21.88 6.89
CA LEU D 37 -31.86 22.05 5.79
C LEU D 37 -33.01 22.95 6.17
N PRO D 38 -33.29 23.97 5.35
CA PRO D 38 -34.40 24.88 5.66
C PRO D 38 -35.71 24.09 5.47
N PRO D 39 -36.55 24.02 6.52
CA PRO D 39 -37.83 23.31 6.47
C PRO D 39 -38.77 23.68 5.34
N GLU D 40 -38.29 24.48 4.40
CA GLU D 40 -39.11 24.88 3.27
C GLU D 40 -39.02 23.86 2.14
N ILE D 41 -37.80 23.56 1.72
CA ILE D 41 -37.56 22.61 0.63
C ILE D 41 -38.16 21.22 0.86
N GLU D 42 -38.64 20.60 -0.21
CA GLU D 42 -39.24 19.27 -0.10
C GLU D 42 -38.15 18.23 0.10
N GLN D 43 -38.46 17.24 0.92
CA GLN D 43 -37.50 16.17 1.20
C GLN D 43 -37.91 14.86 0.55
N ARG D 44 -37.07 14.38 -0.35
CA ARG D 44 -37.34 13.12 -1.03
C ARG D 44 -36.48 12.09 -0.31
N SER D 45 -37.13 11.06 0.22
CA SER D 45 -36.42 10.01 0.94
C SER D 45 -35.68 9.04 0.04
N LEU D 46 -34.53 8.58 0.51
CA LEU D 46 -33.72 7.62 -0.22
C LEU D 46 -34.09 6.25 0.34
N ASN D 47 -34.89 6.25 1.38
CA ASN D 47 -35.34 5.02 2.03
C ASN D 47 -34.19 4.06 2.32
N GLY D 48 -33.12 4.59 2.90
CA GLY D 48 -31.97 3.77 3.26
C GLY D 48 -30.96 3.44 2.18
N ALA D 49 -31.30 3.69 0.92
CA ALA D 49 -30.39 3.39 -0.18
C ALA D 49 -29.14 4.25 -0.15
N ILE D 50 -28.14 3.86 -0.94
CA ILE D 50 -26.89 4.60 -1.01
C ILE D 50 -26.95 5.54 -2.21
N LEU D 51 -26.62 6.80 -1.98
CA LEU D 51 -26.63 7.79 -3.05
C LEU D 51 -25.20 8.01 -3.53
N SER D 52 -25.00 8.14 -4.83
CA SER D 52 -23.66 8.37 -5.36
C SER D 52 -23.70 9.03 -6.72
N PRO D 53 -22.57 9.64 -7.14
CA PRO D 53 -22.54 10.28 -8.46
C PRO D 53 -23.01 9.24 -9.48
N GLY D 54 -23.65 9.68 -10.55
CA GLY D 54 -24.10 8.74 -11.55
C GLY D 54 -22.90 8.00 -12.11
N PHE D 55 -23.08 6.75 -12.54
CA PHE D 55 -21.97 6.00 -13.08
C PHE D 55 -21.54 6.52 -14.45
N ILE D 56 -20.24 6.41 -14.73
CA ILE D 56 -19.69 6.88 -15.99
C ILE D 56 -18.98 5.71 -16.67
N ASP D 57 -19.58 5.22 -17.75
CA ASP D 57 -19.02 4.08 -18.49
C ASP D 57 -18.28 4.62 -19.72
N VAL D 58 -16.95 4.60 -19.67
CA VAL D 58 -16.13 5.12 -20.78
C VAL D 58 -15.92 4.20 -21.99
N GLN D 59 -16.61 3.07 -22.02
CA GLN D 59 -16.53 2.15 -23.16
C GLN D 59 -17.84 1.38 -23.28
N LEU D 60 -18.65 1.76 -24.25
CA LEU D 60 -19.95 1.14 -24.51
C LEU D 60 -20.23 1.12 -26.00
N ASN D 61 -20.39 -0.07 -26.56
CA ASN D 61 -20.65 -0.23 -27.98
C ASN D 61 -22.14 -0.13 -28.27
N GLY D 62 -22.94 -0.54 -27.28
CA GLY D 62 -24.38 -0.50 -27.42
C GLY D 62 -25.07 -1.08 -26.19
N CYS D 63 -26.38 -0.91 -26.14
CA CYS D 63 -27.20 -1.41 -25.05
C CYS D 63 -28.65 -1.04 -25.37
N GLY D 64 -29.58 -1.51 -24.55
CA GLY D 64 -30.97 -1.19 -24.79
C GLY D 64 -31.42 -1.73 -26.14
N GLY D 65 -30.79 -2.81 -26.59
CA GLY D 65 -31.16 -3.42 -27.86
C GLY D 65 -30.54 -2.80 -29.10
N VAL D 66 -29.86 -1.66 -28.96
CA VAL D 66 -29.25 -1.01 -30.11
C VAL D 66 -27.74 -0.96 -29.99
N GLN D 67 -27.09 -0.52 -31.06
CA GLN D 67 -25.63 -0.42 -31.06
C GLN D 67 -25.16 0.70 -31.98
N PHE D 68 -24.33 1.58 -31.43
CA PHE D 68 -23.79 2.72 -32.16
C PHE D 68 -22.62 2.28 -33.06
N ASN D 69 -22.83 1.23 -33.85
CA ASN D 69 -21.77 0.72 -34.72
C ASN D 69 -22.25 0.09 -36.02
N ASP D 70 -21.28 -0.26 -36.87
CA ASP D 70 -21.52 -0.93 -38.15
C ASP D 70 -22.22 -0.14 -39.26
N THR D 71 -23.55 -0.06 -39.18
CA THR D 71 -24.35 0.61 -40.20
C THR D 71 -24.51 2.12 -40.05
N ALA D 72 -24.81 2.78 -41.17
CA ALA D 72 -25.01 4.21 -41.19
C ALA D 72 -26.39 4.54 -40.63
N GLU D 73 -27.23 3.52 -40.50
CA GLU D 73 -28.57 3.72 -39.97
C GLU D 73 -28.51 3.79 -38.44
N ALA D 74 -27.63 2.99 -37.85
CA ALA D 74 -27.47 2.95 -36.40
C ALA D 74 -26.71 4.13 -35.81
N VAL D 75 -25.71 4.64 -36.54
CA VAL D 75 -24.94 5.78 -36.06
C VAL D 75 -25.83 7.03 -36.14
N SER D 76 -26.67 7.20 -35.11
CA SER D 76 -27.61 8.31 -35.05
C SER D 76 -27.86 8.80 -33.64
N VAL D 77 -28.40 10.02 -33.54
CA VAL D 77 -28.71 10.60 -32.23
C VAL D 77 -29.75 9.74 -31.51
N GLU D 78 -30.66 9.14 -32.28
CA GLU D 78 -31.70 8.29 -31.68
C GLU D 78 -31.10 7.10 -30.94
N THR D 79 -30.09 6.47 -31.53
CA THR D 79 -29.44 5.34 -30.89
C THR D 79 -28.77 5.84 -29.60
N LEU D 80 -28.16 7.00 -29.68
CA LEU D 80 -27.51 7.60 -28.52
C LEU D 80 -28.54 7.82 -27.42
N GLU D 81 -29.71 8.31 -27.82
CA GLU D 81 -30.80 8.58 -26.87
C GLU D 81 -31.29 7.31 -26.22
N ILE D 82 -31.44 6.25 -27.03
CA ILE D 82 -31.91 4.97 -26.53
C ILE D 82 -30.87 4.40 -25.58
N MET D 83 -29.61 4.43 -26.00
CA MET D 83 -28.53 3.92 -25.17
C MET D 83 -28.50 4.65 -23.83
N GLN D 84 -28.71 5.96 -23.85
CA GLN D 84 -28.72 6.75 -22.63
C GLN D 84 -29.81 6.24 -21.68
N LYS D 85 -31.05 6.20 -22.16
CA LYS D 85 -32.19 5.75 -21.37
C LYS D 85 -31.88 4.37 -20.78
N ALA D 86 -31.32 3.50 -21.60
CA ALA D 86 -30.97 2.15 -21.17
C ALA D 86 -30.00 2.21 -19.99
N ASN D 87 -28.90 2.93 -20.17
CA ASN D 87 -27.89 3.06 -19.11
C ASN D 87 -28.48 3.53 -17.79
N GLU D 88 -29.26 4.60 -17.84
CA GLU D 88 -29.89 5.17 -16.66
C GLU D 88 -30.57 4.15 -15.77
N LYS D 89 -31.12 3.10 -16.38
CA LYS D 89 -31.80 2.07 -15.60
C LYS D 89 -30.77 1.29 -14.81
N SER D 90 -29.50 1.45 -15.17
CA SER D 90 -28.39 0.78 -14.49
C SER D 90 -27.54 1.74 -13.68
N GLY D 91 -28.09 2.92 -13.39
CA GLY D 91 -27.35 3.89 -12.60
C GLY D 91 -26.26 4.61 -13.39
N CYS D 92 -26.20 4.34 -14.70
CA CYS D 92 -25.23 4.99 -15.55
C CYS D 92 -25.88 6.20 -16.21
N THR D 93 -25.42 7.38 -15.82
CA THR D 93 -25.94 8.64 -16.34
C THR D 93 -25.06 9.22 -17.44
N ASN D 94 -23.83 8.74 -17.55
CA ASN D 94 -22.92 9.23 -18.58
C ASN D 94 -22.15 8.09 -19.22
N TYR D 95 -21.89 8.21 -20.51
CA TYR D 95 -21.13 7.21 -21.22
C TYR D 95 -20.40 7.78 -22.42
N LEU D 96 -19.62 6.93 -23.07
CA LEU D 96 -18.87 7.33 -24.23
C LEU D 96 -19.25 6.37 -25.34
N PRO D 97 -20.16 6.79 -26.24
CA PRO D 97 -20.53 5.87 -27.33
C PRO D 97 -19.26 5.48 -28.05
N THR D 98 -19.07 4.17 -28.19
CA THR D 98 -17.87 3.63 -28.82
C THR D 98 -18.08 3.13 -30.24
N LEU D 99 -17.49 3.83 -31.19
CA LEU D 99 -17.57 3.46 -32.60
C LEU D 99 -16.28 2.72 -32.96
N ILE D 100 -16.41 1.47 -33.39
CA ILE D 100 -15.25 0.65 -33.75
C ILE D 100 -14.84 0.81 -35.21
N THR D 101 -13.61 0.39 -35.52
CA THR D 101 -13.03 0.47 -36.86
C THR D 101 -14.05 0.36 -37.98
N THR D 102 -14.11 1.40 -38.80
CA THR D 102 -15.04 1.48 -39.91
C THR D 102 -14.48 2.48 -40.93
N SER D 103 -15.25 2.80 -41.95
CA SER D 103 -14.81 3.72 -42.99
C SER D 103 -14.72 5.16 -42.50
N ASP D 104 -13.96 5.97 -43.24
CA ASP D 104 -13.82 7.39 -42.91
C ASP D 104 -15.21 8.01 -42.86
N GLU D 105 -16.03 7.67 -43.86
CA GLU D 105 -17.39 8.18 -43.97
C GLU D 105 -18.24 8.00 -42.70
N LEU D 106 -18.29 6.77 -42.20
CA LEU D 106 -19.08 6.49 -41.01
C LEU D 106 -18.49 7.21 -39.80
N MET D 107 -17.15 7.29 -39.74
CA MET D 107 -16.50 7.97 -38.64
C MET D 107 -16.93 9.44 -38.64
N LYS D 108 -16.91 10.08 -39.81
CA LYS D 108 -17.30 11.48 -39.90
C LYS D 108 -18.77 11.68 -39.55
N GLN D 109 -19.60 10.72 -39.95
CA GLN D 109 -21.02 10.81 -39.62
C GLN D 109 -21.13 10.75 -38.10
N GLY D 110 -20.40 9.79 -37.53
CA GLY D 110 -20.41 9.65 -36.08
C GLY D 110 -20.13 10.98 -35.44
N VAL D 111 -19.12 11.68 -35.94
CA VAL D 111 -18.74 12.99 -35.42
C VAL D 111 -19.89 13.98 -35.54
N ARG D 112 -20.53 14.00 -36.70
CA ARG D 112 -21.64 14.92 -36.91
C ARG D 112 -22.80 14.56 -35.98
N VAL D 113 -23.06 13.26 -35.87
CA VAL D 113 -24.13 12.78 -35.01
C VAL D 113 -23.86 13.19 -33.57
N MET D 114 -22.62 13.00 -33.12
CA MET D 114 -22.24 13.35 -31.76
C MET D 114 -22.38 14.84 -31.53
N ARG D 115 -22.12 15.65 -32.55
CA ARG D 115 -22.23 17.10 -32.37
C ARG D 115 -23.68 17.51 -32.13
N GLU D 116 -24.61 16.96 -32.90
CA GLU D 116 -26.01 17.31 -32.73
C GLU D 116 -26.51 16.84 -31.38
N TYR D 117 -26.13 15.62 -31.00
CA TYR D 117 -26.56 15.09 -29.71
C TYR D 117 -26.08 16.01 -28.60
N LEU D 118 -24.80 16.39 -28.65
CA LEU D 118 -24.25 17.28 -27.64
C LEU D 118 -25.18 18.47 -27.38
N ALA D 119 -25.47 19.23 -28.44
CA ALA D 119 -26.33 20.41 -28.30
C ALA D 119 -27.75 20.06 -27.90
N LYS D 120 -28.14 18.79 -28.03
CA LYS D 120 -29.49 18.38 -27.68
C LYS D 120 -29.61 17.73 -26.31
N HIS D 121 -28.58 17.00 -25.90
CA HIS D 121 -28.60 16.30 -24.61
C HIS D 121 -27.32 16.51 -23.80
N PRO D 122 -27.20 17.66 -23.12
CA PRO D 122 -26.02 17.93 -22.31
C PRO D 122 -25.87 17.00 -21.10
N ASN D 123 -24.63 16.80 -20.69
CA ASN D 123 -24.28 15.96 -19.55
C ASN D 123 -24.86 14.55 -19.58
N GLN D 124 -24.81 13.93 -20.76
CA GLN D 124 -25.31 12.57 -20.93
C GLN D 124 -24.24 11.83 -21.73
N ALA D 125 -24.50 11.47 -22.97
CA ALA D 125 -23.44 10.83 -23.76
C ALA D 125 -22.45 11.98 -23.89
N LEU D 126 -21.29 11.87 -23.25
CA LEU D 126 -20.30 12.95 -23.25
C LEU D 126 -19.50 13.23 -24.50
N GLY D 127 -19.24 12.19 -25.29
CA GLY D 127 -18.45 12.39 -26.48
C GLY D 127 -18.12 11.06 -27.12
N LEU D 128 -17.39 11.11 -28.23
CA LEU D 128 -17.04 9.91 -28.95
C LEU D 128 -15.83 9.16 -28.46
N HIS D 129 -15.94 7.84 -28.52
CA HIS D 129 -14.85 6.95 -28.18
C HIS D 129 -14.67 6.18 -29.48
N LEU D 130 -13.65 6.57 -30.24
CA LEU D 130 -13.37 5.91 -31.51
C LEU D 130 -12.37 4.80 -31.27
N GLU D 131 -12.85 3.56 -31.27
CA GLU D 131 -11.99 2.42 -31.04
C GLU D 131 -11.53 1.89 -32.38
N GLY D 132 -10.39 2.38 -32.84
CA GLY D 132 -9.86 1.96 -34.12
C GLY D 132 -9.88 3.16 -35.06
N PRO D 133 -9.54 2.99 -36.34
CA PRO D 133 -9.14 1.72 -36.97
C PRO D 133 -7.63 1.45 -36.98
N TRP D 134 -6.86 2.29 -36.31
CA TRP D 134 -5.40 2.13 -36.31
C TRP D 134 -4.94 1.10 -35.28
N LEU D 135 -5.37 -0.14 -35.50
CA LEU D 135 -5.06 -1.24 -34.60
C LEU D 135 -4.11 -2.27 -35.21
N ASN D 136 -3.78 -3.27 -34.39
CA ASN D 136 -2.90 -4.36 -34.80
C ASN D 136 -3.77 -5.58 -35.14
N LEU D 137 -3.62 -6.08 -36.36
CA LEU D 137 -4.40 -7.24 -36.80
C LEU D 137 -4.24 -8.43 -35.86
N VAL D 138 -3.08 -8.52 -35.22
CA VAL D 138 -2.83 -9.63 -34.30
C VAL D 138 -3.83 -9.59 -33.14
N LYS D 139 -4.24 -8.39 -32.75
CA LYS D 139 -5.18 -8.24 -31.65
C LYS D 139 -6.40 -7.42 -32.08
N LYS D 140 -6.94 -7.75 -33.26
CA LYS D 140 -8.09 -7.03 -33.79
C LYS D 140 -9.39 -7.46 -33.10
N GLY D 141 -9.36 -8.62 -32.46
CA GLY D 141 -10.55 -9.10 -31.79
C GLY D 141 -11.68 -9.36 -32.77
N THR D 142 -12.79 -8.66 -32.59
CA THR D 142 -13.95 -8.82 -33.45
C THR D 142 -14.02 -7.77 -34.57
N HIS D 143 -13.10 -6.79 -34.55
CA HIS D 143 -13.10 -5.75 -35.56
C HIS D 143 -12.91 -6.28 -36.98
N ASN D 144 -13.49 -5.58 -37.94
CA ASN D 144 -13.42 -5.98 -39.34
C ASN D 144 -12.02 -5.76 -39.92
N PRO D 145 -11.29 -6.87 -40.13
CA PRO D 145 -9.94 -6.83 -40.68
C PRO D 145 -9.79 -5.86 -41.85
N ASN D 146 -10.79 -5.88 -42.73
CA ASN D 146 -10.77 -5.03 -43.92
C ASN D 146 -10.79 -3.54 -43.68
N PHE D 147 -11.02 -3.13 -42.43
CA PHE D 147 -11.02 -1.71 -42.14
C PHE D 147 -9.86 -1.32 -41.25
N VAL D 148 -9.24 -2.31 -40.60
CA VAL D 148 -8.09 -2.03 -39.76
C VAL D 148 -7.04 -1.46 -40.71
N ARG D 149 -6.61 -0.22 -40.48
CA ARG D 149 -5.65 0.38 -41.38
C ARG D 149 -4.71 1.38 -40.71
N LYS D 150 -3.74 1.86 -41.47
CA LYS D 150 -2.80 2.83 -40.98
C LYS D 150 -3.50 4.19 -40.90
N PRO D 151 -2.90 5.17 -40.21
CA PRO D 151 -3.53 6.50 -40.09
C PRO D 151 -3.14 7.50 -41.18
N ASP D 152 -4.14 8.10 -41.81
CA ASP D 152 -3.94 9.09 -42.86
C ASP D 152 -3.87 10.48 -42.21
N ALA D 153 -2.82 11.22 -42.50
CA ALA D 153 -2.64 12.55 -41.92
C ALA D 153 -3.89 13.45 -42.00
N ALA D 154 -4.54 13.48 -43.15
CA ALA D 154 -5.74 14.30 -43.28
C ALA D 154 -6.80 13.89 -42.28
N LEU D 155 -7.04 12.59 -42.13
CA LEU D 155 -8.05 12.09 -41.19
C LEU D 155 -7.67 12.51 -39.77
N VAL D 156 -6.40 12.32 -39.42
CA VAL D 156 -5.90 12.68 -38.10
C VAL D 156 -6.20 14.14 -37.80
N ASP D 157 -5.85 15.01 -38.74
CA ASP D 157 -6.09 16.44 -38.58
C ASP D 157 -7.57 16.72 -38.42
N PHE D 158 -8.39 15.98 -39.17
CA PHE D 158 -9.84 16.14 -39.08
C PHE D 158 -10.31 15.90 -37.65
N LEU D 159 -9.89 14.78 -37.07
CA LEU D 159 -10.29 14.44 -35.70
C LEU D 159 -9.84 15.50 -34.70
N CYS D 160 -8.59 15.95 -34.83
CA CYS D 160 -8.06 16.99 -33.94
C CYS D 160 -8.94 18.22 -34.04
N GLU D 161 -9.40 18.51 -35.25
CA GLU D 161 -10.27 19.65 -35.51
C GLU D 161 -11.67 19.46 -34.91
N ASN D 162 -12.02 18.21 -34.59
CA ASN D 162 -13.31 17.92 -33.99
C ASN D 162 -13.17 17.42 -32.56
N ALA D 163 -12.04 17.75 -31.94
CA ALA D 163 -11.77 17.34 -30.57
C ALA D 163 -12.92 17.63 -29.61
N ASP D 164 -13.69 18.68 -29.90
CA ASP D 164 -14.80 19.04 -29.02
C ASP D 164 -15.91 18.01 -28.92
N VAL D 165 -15.97 17.06 -29.84
CA VAL D 165 -17.00 16.04 -29.75
C VAL D 165 -16.38 14.64 -29.74
N ILE D 166 -15.05 14.62 -29.62
CA ILE D 166 -14.30 13.36 -29.59
C ILE D 166 -13.57 13.28 -28.25
N THR D 167 -14.07 12.44 -27.35
CA THR D 167 -13.45 12.30 -26.03
C THR D 167 -12.14 11.50 -26.08
N LYS D 168 -12.09 10.43 -26.86
CA LYS D 168 -10.86 9.66 -26.95
C LYS D 168 -10.81 8.66 -28.09
N VAL D 169 -9.61 8.26 -28.47
CA VAL D 169 -9.47 7.27 -29.51
C VAL D 169 -8.51 6.18 -29.05
N THR D 170 -8.90 4.93 -29.27
CA THR D 170 -8.07 3.79 -28.93
C THR D 170 -7.32 3.44 -30.21
N LEU D 171 -6.02 3.23 -30.08
CA LEU D 171 -5.17 2.89 -31.20
C LEU D 171 -4.03 2.01 -30.70
N ALA D 172 -3.36 1.30 -31.61
CA ALA D 172 -2.23 0.45 -31.26
C ALA D 172 -0.97 1.29 -31.40
N PRO D 173 -0.31 1.63 -30.29
CA PRO D 173 0.90 2.43 -30.25
C PRO D 173 1.90 2.11 -31.36
N GLU D 174 2.17 0.82 -31.54
CA GLU D 174 3.13 0.32 -32.54
C GLU D 174 2.68 0.39 -33.99
N MET D 175 1.41 0.69 -34.24
CA MET D 175 0.91 0.75 -35.62
C MET D 175 0.70 2.19 -36.06
N VAL D 176 1.16 3.14 -35.25
CA VAL D 176 0.98 4.54 -35.54
C VAL D 176 2.23 5.37 -35.25
N PRO D 177 2.49 6.40 -36.05
CA PRO D 177 3.68 7.22 -35.78
C PRO D 177 3.44 8.02 -34.51
N ALA D 178 4.53 8.39 -33.83
CA ALA D 178 4.44 9.14 -32.59
C ALA D 178 3.67 10.45 -32.79
N GLU D 179 3.86 11.07 -33.95
CA GLU D 179 3.20 12.33 -34.29
C GLU D 179 1.67 12.25 -34.16
N VAL D 180 1.08 11.17 -34.65
CA VAL D 180 -0.37 11.01 -34.57
C VAL D 180 -0.85 11.07 -33.12
N ILE D 181 -0.17 10.34 -32.25
CA ILE D 181 -0.54 10.33 -30.85
C ILE D 181 -0.43 11.74 -30.26
N SER D 182 0.69 12.41 -30.53
CA SER D 182 0.89 13.76 -30.02
C SER D 182 -0.14 14.75 -30.54
N LYS D 183 -0.51 14.64 -31.82
CA LYS D 183 -1.49 15.55 -32.40
C LYS D 183 -2.82 15.39 -31.66
N LEU D 184 -3.29 14.15 -31.51
CA LEU D 184 -4.54 13.89 -30.82
C LEU D 184 -4.48 14.43 -29.40
N ALA D 185 -3.40 14.14 -28.70
CA ALA D 185 -3.22 14.58 -27.32
C ALA D 185 -3.22 16.11 -27.23
N ASN D 186 -2.37 16.75 -28.03
CA ASN D 186 -2.27 18.20 -28.04
C ASN D 186 -3.59 18.84 -28.43
N ALA D 187 -4.47 18.04 -29.03
CA ALA D 187 -5.78 18.54 -29.45
C ALA D 187 -6.79 18.37 -28.32
N GLY D 188 -6.37 17.74 -27.22
CA GLY D 188 -7.27 17.56 -26.10
C GLY D 188 -7.96 16.22 -26.11
N ILE D 189 -7.66 15.39 -27.10
CA ILE D 189 -8.26 14.07 -27.20
C ILE D 189 -7.46 13.09 -26.35
N VAL D 190 -8.17 12.30 -25.54
CA VAL D 190 -7.52 11.31 -24.70
C VAL D 190 -7.09 10.16 -25.59
N VAL D 191 -5.79 9.92 -25.69
CA VAL D 191 -5.33 8.82 -26.54
C VAL D 191 -5.12 7.58 -25.68
N SER D 192 -5.81 6.51 -26.05
CA SER D 192 -5.74 5.24 -25.32
C SER D 192 -5.09 4.12 -26.13
N ALA D 193 -4.37 3.24 -25.45
CA ALA D 193 -3.72 2.11 -26.10
C ALA D 193 -4.59 0.86 -25.97
N GLY D 194 -4.84 0.18 -27.09
CA GLY D 194 -5.67 -1.01 -27.07
C GLY D 194 -5.58 -1.79 -28.37
N HIS D 195 -6.08 -3.03 -28.36
CA HIS D 195 -6.03 -3.90 -29.53
C HIS D 195 -4.65 -3.75 -30.15
N SER D 196 -3.66 -3.96 -29.30
CA SER D 196 -2.26 -3.84 -29.67
C SER D 196 -1.48 -5.03 -29.19
N ASN D 197 -0.37 -5.31 -29.87
CA ASN D 197 0.50 -6.40 -29.52
C ASN D 197 1.85 -5.77 -29.16
N ALA D 198 1.79 -4.54 -28.68
CA ALA D 198 2.97 -3.79 -28.31
C ALA D 198 3.81 -4.46 -27.23
N THR D 199 5.14 -4.33 -27.38
CA THR D 199 6.09 -4.84 -26.41
C THR D 199 6.13 -3.75 -25.34
N LEU D 200 6.82 -4.01 -24.24
CA LEU D 200 6.95 -3.04 -23.17
C LEU D 200 7.56 -1.74 -23.71
N LYS D 201 8.58 -1.89 -24.52
CA LYS D 201 9.29 -0.78 -25.12
C LYS D 201 8.36 0.08 -25.95
N GLU D 202 7.59 -0.56 -26.83
CA GLU D 202 6.65 0.15 -27.69
C GLU D 202 5.58 0.88 -26.88
N ALA D 203 4.99 0.19 -25.91
CA ALA D 203 3.96 0.82 -25.10
C ALA D 203 4.52 2.07 -24.42
N LYS D 204 5.71 1.94 -23.82
CA LYS D 204 6.34 3.06 -23.15
C LYS D 204 6.55 4.21 -24.14
N ALA D 205 6.95 3.88 -25.36
CA ALA D 205 7.14 4.91 -26.37
C ALA D 205 5.80 5.59 -26.56
N GLY D 206 4.74 4.78 -26.57
CA GLY D 206 3.41 5.32 -26.74
C GLY D 206 3.05 6.31 -25.64
N PHE D 207 3.27 5.93 -24.38
CA PHE D 207 2.95 6.82 -23.27
C PHE D 207 3.70 8.15 -23.42
N ARG D 208 4.99 8.09 -23.71
CA ARG D 208 5.77 9.33 -23.85
C ARG D 208 5.21 10.22 -24.97
N ALA D 209 4.67 9.60 -26.02
CA ALA D 209 4.11 10.33 -27.13
C ALA D 209 2.78 10.97 -26.73
N GLY D 210 2.25 10.59 -25.58
CA GLY D 210 0.99 11.19 -25.16
C GLY D 210 -0.17 10.28 -24.78
N ILE D 211 0.00 8.98 -24.83
CA ILE D 211 -1.08 8.09 -24.44
C ILE D 211 -1.21 8.19 -22.91
N THR D 212 -2.43 8.28 -22.41
CA THR D 212 -2.65 8.39 -20.97
C THR D 212 -3.69 7.38 -20.50
N PHE D 213 -4.18 6.56 -21.41
CA PHE D 213 -5.20 5.59 -21.07
C PHE D 213 -4.96 4.26 -21.79
N ALA D 214 -5.54 3.18 -21.26
CA ALA D 214 -5.41 1.86 -21.88
C ALA D 214 -6.79 1.24 -21.91
N THR D 215 -7.15 0.69 -23.06
CA THR D 215 -8.47 0.11 -23.25
C THR D 215 -8.60 -1.35 -22.80
N HIS D 216 -9.62 -1.59 -21.97
CA HIS D 216 -9.90 -2.90 -21.36
C HIS D 216 -8.66 -3.74 -21.12
N LEU D 217 -7.96 -3.42 -20.04
CA LEU D 217 -6.75 -4.10 -19.61
C LEU D 217 -6.87 -5.61 -19.70
N TYR D 218 -5.81 -6.24 -20.23
CA TYR D 218 -5.72 -7.69 -20.41
C TYR D 218 -6.39 -8.21 -21.67
N ASN D 219 -7.40 -7.50 -22.16
CA ASN D 219 -8.13 -7.93 -23.37
C ASN D 219 -7.56 -7.30 -24.64
N ALA D 220 -7.32 -8.13 -25.65
CA ALA D 220 -6.76 -7.67 -26.91
C ALA D 220 -5.41 -6.98 -26.70
N MET D 221 -4.57 -7.59 -25.87
CA MET D 221 -3.23 -7.11 -25.56
C MET D 221 -2.38 -8.36 -25.48
N PRO D 222 -1.04 -8.21 -25.52
CA PRO D 222 -0.19 -9.39 -25.45
C PRO D 222 -0.31 -10.05 -24.08
N TYR D 223 -0.02 -11.35 -24.04
CA TYR D 223 -0.07 -12.07 -22.78
C TYR D 223 1.22 -11.73 -22.06
N ILE D 224 1.20 -11.74 -20.74
CA ILE D 224 2.39 -11.40 -20.00
C ILE D 224 3.30 -12.61 -19.81
N THR D 225 4.57 -12.46 -20.19
CA THR D 225 5.55 -13.51 -20.02
C THR D 225 6.67 -12.91 -19.19
N GLY D 226 7.43 -13.77 -18.52
CA GLY D 226 8.52 -13.31 -17.69
C GLY D 226 9.44 -12.31 -18.38
N ARG D 227 9.90 -12.68 -19.57
CA ARG D 227 10.81 -11.82 -20.32
C ARG D 227 10.14 -10.66 -21.08
N GLU D 228 8.87 -10.83 -21.44
CA GLU D 228 8.18 -9.75 -22.14
C GLU D 228 6.87 -9.40 -21.47
N PRO D 229 6.86 -8.31 -20.68
CA PRO D 229 5.67 -7.84 -19.97
C PRO D 229 4.56 -7.47 -20.95
N GLY D 230 4.97 -6.89 -22.08
CA GLY D 230 4.02 -6.48 -23.10
C GLY D 230 3.25 -5.26 -22.67
N LEU D 231 2.24 -4.87 -23.44
CA LEU D 231 1.43 -3.70 -23.12
C LEU D 231 0.80 -3.81 -21.72
N ALA D 232 0.22 -4.96 -21.41
CA ALA D 232 -0.42 -5.19 -20.12
C ALA D 232 0.55 -4.96 -18.96
N GLY D 233 1.73 -5.59 -19.04
CA GLY D 233 2.72 -5.42 -18.00
C GLY D 233 3.14 -3.97 -17.88
N ALA D 234 3.35 -3.33 -19.02
CA ALA D 234 3.76 -1.92 -19.05
C ALA D 234 2.74 -1.03 -18.34
N ILE D 235 1.46 -1.24 -18.64
CA ILE D 235 0.40 -0.45 -18.02
C ILE D 235 0.40 -0.63 -16.50
N LEU D 236 0.53 -1.88 -16.07
CA LEU D 236 0.56 -2.18 -14.65
C LEU D 236 1.73 -1.51 -13.95
N ASP D 237 2.84 -1.39 -14.65
CA ASP D 237 4.04 -0.79 -14.08
C ASP D 237 4.07 0.75 -14.16
N GLU D 238 3.22 1.34 -15.00
CA GLU D 238 3.19 2.80 -15.17
C GLU D 238 2.06 3.46 -14.36
N ALA D 239 2.42 4.11 -13.25
CA ALA D 239 1.45 4.74 -12.37
C ALA D 239 0.53 5.80 -12.97
N ASP D 240 1.04 6.63 -13.87
CA ASP D 240 0.21 7.68 -14.45
C ASP D 240 -0.82 7.22 -15.47
N ILE D 241 -0.69 6.01 -15.99
CA ILE D 241 -1.65 5.56 -16.99
C ILE D 241 -2.96 5.06 -16.42
N TYR D 242 -4.05 5.60 -16.96
CA TYR D 242 -5.40 5.20 -16.56
C TYR D 242 -5.79 4.03 -17.45
N CYS D 243 -6.71 3.20 -16.98
CA CYS D 243 -7.14 2.08 -17.81
C CYS D 243 -8.48 1.52 -17.39
N GLY D 244 -9.25 1.06 -18.36
CA GLY D 244 -10.54 0.49 -18.05
C GLY D 244 -10.38 -1.02 -17.97
N ILE D 245 -11.29 -1.67 -17.27
CA ILE D 245 -11.25 -3.11 -17.14
C ILE D 245 -12.69 -3.60 -17.11
N ILE D 246 -12.96 -4.73 -17.74
CA ILE D 246 -14.30 -5.29 -17.79
C ILE D 246 -14.52 -6.21 -16.59
N ALA D 247 -15.42 -5.85 -15.69
CA ALA D 247 -15.65 -6.67 -14.50
C ALA D 247 -16.92 -7.53 -14.52
N ASP D 248 -17.01 -8.45 -15.48
CA ASP D 248 -18.17 -9.33 -15.55
C ASP D 248 -17.80 -10.73 -15.08
N GLY D 249 -16.52 -10.91 -14.78
CA GLY D 249 -16.06 -12.20 -14.32
C GLY D 249 -15.77 -13.15 -15.46
N LEU D 250 -16.00 -12.69 -16.69
CA LEU D 250 -15.76 -13.54 -17.85
C LEU D 250 -14.59 -13.07 -18.71
N HIS D 251 -14.57 -11.79 -19.10
CA HIS D 251 -13.48 -11.30 -19.91
C HIS D 251 -12.16 -11.26 -19.15
N VAL D 252 -12.23 -10.96 -17.86
CA VAL D 252 -11.04 -10.90 -17.02
C VAL D 252 -11.27 -11.64 -15.72
N ASP D 253 -10.43 -12.63 -15.44
CA ASP D 253 -10.58 -13.39 -14.20
C ASP D 253 -10.46 -12.45 -13.02
N TYR D 254 -11.28 -12.66 -12.00
CA TYR D 254 -11.25 -11.81 -10.82
C TYR D 254 -9.86 -11.66 -10.19
N ALA D 255 -9.05 -12.72 -10.23
CA ALA D 255 -7.70 -12.65 -9.66
C ALA D 255 -6.88 -11.59 -10.39
N ASN D 256 -7.05 -11.49 -11.70
CA ASN D 256 -6.29 -10.50 -12.45
C ASN D 256 -6.80 -9.11 -12.11
N ILE D 257 -8.09 -9.01 -11.83
CA ILE D 257 -8.67 -7.72 -11.46
C ILE D 257 -8.10 -7.26 -10.12
N ARG D 258 -7.93 -8.19 -9.19
CA ARG D 258 -7.39 -7.84 -7.88
C ARG D 258 -5.94 -7.43 -8.05
N ASN D 259 -5.21 -8.14 -8.90
CA ASN D 259 -3.81 -7.79 -9.13
C ASN D 259 -3.68 -6.41 -9.74
N ALA D 260 -4.54 -6.11 -10.73
CA ALA D 260 -4.53 -4.81 -11.40
C ALA D 260 -4.89 -3.65 -10.49
N LYS D 261 -5.87 -3.85 -9.61
CA LYS D 261 -6.27 -2.78 -8.71
C LYS D 261 -5.13 -2.44 -7.75
N ARG D 262 -4.51 -3.46 -7.20
CA ARG D 262 -3.41 -3.23 -6.27
C ARG D 262 -2.27 -2.46 -6.93
N LEU D 263 -2.01 -2.75 -8.20
CA LEU D 263 -0.93 -2.07 -8.93
C LEU D 263 -1.32 -0.71 -9.54
N LYS D 264 -2.57 -0.58 -9.98
CA LYS D 264 -3.05 0.65 -10.61
C LYS D 264 -3.56 1.74 -9.65
N GLY D 265 -3.99 1.35 -8.45
CA GLY D 265 -4.48 2.32 -7.49
C GLY D 265 -5.70 3.10 -7.95
N ASP D 266 -5.58 4.43 -7.93
CA ASP D 266 -6.68 5.31 -8.33
C ASP D 266 -6.73 5.56 -9.85
N LYS D 267 -6.16 4.65 -10.62
CA LYS D 267 -6.12 4.77 -12.09
C LYS D 267 -6.97 3.72 -12.83
N LEU D 268 -7.51 2.76 -12.09
CA LEU D 268 -8.33 1.69 -12.68
C LEU D 268 -9.81 2.10 -12.74
N CYS D 269 -10.40 2.05 -13.93
CA CYS D 269 -11.80 2.42 -14.12
C CYS D 269 -12.67 1.23 -14.53
N LEU D 270 -13.89 1.19 -14.00
CA LEU D 270 -14.84 0.12 -14.35
C LEU D 270 -15.46 0.46 -15.70
N VAL D 271 -15.45 -0.49 -16.63
CA VAL D 271 -16.08 -0.28 -17.93
C VAL D 271 -16.87 -1.54 -18.25
N THR D 272 -17.91 -1.39 -19.06
CA THR D 272 -18.72 -2.55 -19.43
C THR D 272 -18.34 -3.06 -20.82
N ASP D 273 -18.00 -2.14 -21.73
CA ASP D 273 -17.68 -2.50 -23.11
C ASP D 273 -18.85 -3.36 -23.60
N ALA D 274 -20.02 -3.13 -23.01
CA ALA D 274 -21.22 -3.89 -23.32
C ALA D 274 -21.75 -3.69 -24.73
N THR D 275 -22.76 -4.49 -25.06
CA THR D 275 -23.41 -4.46 -26.36
C THR D 275 -24.94 -4.48 -26.24
N ALA D 276 -25.61 -4.37 -27.39
CA ALA D 276 -27.07 -4.34 -27.49
C ALA D 276 -27.89 -5.07 -26.42
N PRO D 277 -27.59 -6.34 -26.14
CA PRO D 277 -28.35 -7.06 -25.11
C PRO D 277 -28.32 -6.45 -23.71
N ALA D 278 -27.31 -5.61 -23.46
CA ALA D 278 -27.16 -4.97 -22.15
C ALA D 278 -28.47 -4.30 -21.71
N SER D 307 -18.02 -14.31 -26.62
CA SER D 307 -18.56 -13.28 -27.50
C SER D 307 -18.28 -11.86 -26.98
N GLY D 308 -19.34 -11.11 -26.74
CA GLY D 308 -19.18 -9.75 -26.24
C GLY D 308 -19.63 -9.59 -24.81
N SER D 309 -19.65 -8.35 -24.33
CA SER D 309 -20.06 -8.08 -22.96
C SER D 309 -21.52 -7.64 -22.88
N SER D 310 -22.18 -7.98 -21.77
CA SER D 310 -23.57 -7.58 -21.55
C SER D 310 -23.69 -6.98 -20.15
N LEU D 311 -22.54 -6.66 -19.57
CA LEU D 311 -22.43 -6.09 -18.23
C LEU D 311 -22.91 -4.64 -18.12
N THR D 312 -23.62 -4.32 -17.05
CA THR D 312 -24.06 -2.93 -16.83
C THR D 312 -23.20 -2.44 -15.69
N MET D 313 -23.12 -1.14 -15.49
CA MET D 313 -22.28 -0.61 -14.43
C MET D 313 -22.70 -1.03 -13.01
N ILE D 314 -23.99 -1.23 -12.75
CA ILE D 314 -24.41 -1.64 -11.40
C ILE D 314 -23.82 -3.01 -11.12
N GLU D 315 -23.96 -3.89 -12.10
CA GLU D 315 -23.45 -5.25 -11.99
C GLU D 315 -21.95 -5.25 -11.74
N GLY D 316 -21.23 -4.43 -12.49
CA GLY D 316 -19.79 -4.34 -12.32
C GLY D 316 -19.43 -3.87 -10.92
N VAL D 317 -20.16 -2.88 -10.42
CA VAL D 317 -19.93 -2.34 -9.08
C VAL D 317 -20.08 -3.48 -8.06
N ARG D 318 -21.18 -4.21 -8.17
CA ARG D 318 -21.46 -5.31 -7.28
C ARG D 318 -20.41 -6.40 -7.36
N ASN D 319 -20.03 -6.77 -8.59
CA ASN D 319 -19.04 -7.80 -8.78
C ASN D 319 -17.71 -7.48 -8.11
N LEU D 320 -17.26 -6.24 -8.29
CA LEU D 320 -16.01 -5.81 -7.71
C LEU D 320 -16.04 -5.90 -6.18
N VAL D 321 -17.15 -5.50 -5.58
CA VAL D 321 -17.29 -5.55 -4.14
C VAL D 321 -17.38 -7.00 -3.67
N GLU D 322 -18.26 -7.75 -4.31
CA GLU D 322 -18.53 -9.14 -3.98
C GLU D 322 -17.40 -10.13 -4.24
N HIS D 323 -16.76 -10.04 -5.41
CA HIS D 323 -15.71 -10.99 -5.78
C HIS D 323 -14.26 -10.51 -5.82
N CYS D 324 -14.00 -9.21 -5.69
CA CYS D 324 -12.62 -8.74 -5.76
C CYS D 324 -12.03 -8.20 -4.46
N GLY D 325 -12.81 -8.26 -3.39
CA GLY D 325 -12.33 -7.78 -2.11
C GLY D 325 -11.94 -6.31 -2.12
N ILE D 326 -12.65 -5.50 -2.91
CA ILE D 326 -12.41 -4.06 -2.98
C ILE D 326 -13.55 -3.37 -2.24
N ALA D 327 -13.22 -2.42 -1.37
CA ALA D 327 -14.25 -1.71 -0.59
C ALA D 327 -15.24 -0.98 -1.48
N LEU D 328 -16.48 -0.90 -1.03
CA LEU D 328 -17.52 -0.24 -1.80
C LEU D 328 -17.18 1.19 -2.21
N ASP D 329 -16.65 1.98 -1.28
CA ASP D 329 -16.33 3.36 -1.61
C ASP D 329 -15.30 3.49 -2.73
N GLU D 330 -14.33 2.58 -2.77
CA GLU D 330 -13.30 2.62 -3.81
C GLU D 330 -13.90 2.11 -5.13
N VAL D 331 -14.75 1.09 -5.05
CA VAL D 331 -15.43 0.54 -6.23
C VAL D 331 -16.23 1.68 -6.88
N LEU D 332 -16.94 2.43 -6.03
CA LEU D 332 -17.74 3.54 -6.50
C LEU D 332 -16.87 4.55 -7.25
N ARG D 333 -15.68 4.86 -6.71
CA ARG D 333 -14.77 5.79 -7.38
C ARG D 333 -14.40 5.22 -8.75
N MET D 334 -14.19 3.91 -8.81
CA MET D 334 -13.84 3.23 -10.06
C MET D 334 -14.93 3.40 -11.10
N ALA D 335 -16.13 3.75 -10.66
CA ALA D 335 -17.25 3.93 -11.57
C ALA D 335 -17.69 5.39 -11.72
N THR D 336 -17.01 6.29 -11.04
CA THR D 336 -17.40 7.69 -11.10
C THR D 336 -16.22 8.65 -11.17
N LEU D 337 -15.62 8.93 -10.02
CA LEU D 337 -14.50 9.85 -9.91
C LEU D 337 -13.33 9.53 -10.87
N TYR D 338 -12.87 8.29 -10.85
CA TYR D 338 -11.73 7.90 -11.71
C TYR D 338 -12.00 8.02 -13.20
N PRO D 339 -13.11 7.45 -13.70
CA PRO D 339 -13.31 7.63 -15.14
C PRO D 339 -13.47 9.11 -15.47
N ALA D 340 -14.14 9.83 -14.58
CA ALA D 340 -14.34 11.26 -14.79
C ALA D 340 -13.00 11.99 -14.87
N ARG D 341 -12.05 11.64 -14.01
CA ARG D 341 -10.75 12.32 -14.09
C ARG D 341 -10.00 11.85 -15.32
N ALA D 342 -10.15 10.58 -15.66
CA ALA D 342 -9.49 10.02 -16.82
C ALA D 342 -9.82 10.78 -18.11
N ILE D 343 -11.06 11.26 -18.24
CA ILE D 343 -11.42 11.99 -19.46
C ILE D 343 -11.56 13.50 -19.31
N GLY D 344 -11.15 14.02 -18.17
CA GLY D 344 -11.20 15.46 -17.95
C GLY D 344 -12.53 16.16 -17.74
N VAL D 345 -13.50 15.48 -17.13
CA VAL D 345 -14.78 16.11 -16.87
C VAL D 345 -15.07 16.20 -15.37
N GLU D 346 -14.05 15.93 -14.56
CA GLU D 346 -14.21 15.97 -13.11
C GLU D 346 -14.64 17.32 -12.57
N LYS D 347 -14.51 18.37 -13.38
CA LYS D 347 -14.90 19.68 -12.92
C LYS D 347 -16.42 19.77 -12.81
N ARG D 348 -17.12 18.80 -13.40
CA ARG D 348 -18.57 18.83 -13.35
C ARG D 348 -19.30 17.50 -13.10
N LEU D 349 -18.60 16.38 -13.15
CA LEU D 349 -19.29 15.11 -12.97
C LEU D 349 -18.83 14.04 -11.99
N GLY D 350 -17.54 13.97 -11.72
CA GLY D 350 -17.09 12.90 -10.85
C GLY D 350 -17.55 12.83 -9.39
N THR D 351 -18.10 13.91 -8.85
CA THR D 351 -18.49 13.90 -7.44
C THR D 351 -19.79 14.60 -7.09
N LEU D 352 -20.21 14.42 -5.84
CA LEU D 352 -21.43 15.07 -5.32
C LEU D 352 -20.95 16.24 -4.49
N ALA D 353 -20.83 17.40 -5.12
CA ALA D 353 -20.37 18.60 -4.45
C ALA D 353 -21.05 19.84 -5.01
N ALA D 354 -20.97 20.93 -4.27
CA ALA D 354 -21.58 22.17 -4.69
C ALA D 354 -21.06 22.60 -6.05
N GLY D 355 -21.98 22.93 -6.96
CA GLY D 355 -21.60 23.36 -8.30
C GLY D 355 -21.57 22.28 -9.36
N LYS D 356 -21.49 21.02 -8.95
CA LYS D 356 -21.42 19.93 -9.92
C LYS D 356 -22.78 19.57 -10.51
N VAL D 357 -22.75 19.05 -11.74
CA VAL D 357 -23.97 18.65 -12.42
C VAL D 357 -24.70 17.64 -11.56
N ALA D 358 -26.02 17.75 -11.50
CA ALA D 358 -26.81 16.83 -10.70
C ALA D 358 -27.12 15.51 -11.39
N ASN D 359 -26.09 14.70 -11.59
CA ASN D 359 -26.25 13.38 -12.19
C ASN D 359 -25.94 12.42 -11.04
N LEU D 360 -26.99 11.78 -10.52
CA LEU D 360 -26.84 10.86 -9.39
C LEU D 360 -27.62 9.59 -9.62
N THR D 361 -27.31 8.58 -8.80
CA THR D 361 -27.99 7.31 -8.86
C THR D 361 -28.04 6.79 -7.44
N ALA D 362 -29.07 6.03 -7.12
CA ALA D 362 -29.21 5.47 -5.78
C ALA D 362 -29.51 3.99 -5.89
N PHE D 363 -29.01 3.21 -4.95
CA PHE D 363 -29.23 1.77 -4.98
C PHE D 363 -29.32 1.18 -3.58
N THR D 364 -30.06 0.08 -3.48
CA THR D 364 -30.25 -0.61 -2.23
C THR D 364 -28.95 -1.31 -1.88
N PRO D 365 -28.85 -1.88 -0.67
CA PRO D 365 -27.64 -2.58 -0.23
C PRO D 365 -27.34 -3.82 -1.07
N ASP D 366 -28.35 -4.36 -1.74
CA ASP D 366 -28.10 -5.55 -2.57
C ASP D 366 -27.87 -5.14 -4.02
N PHE D 367 -27.59 -3.85 -4.20
CA PHE D 367 -27.28 -3.26 -5.49
C PHE D 367 -28.40 -3.15 -6.52
N LYS D 368 -29.57 -2.68 -6.07
CA LYS D 368 -30.70 -2.50 -6.96
C LYS D 368 -30.94 -1.00 -7.12
N ILE D 369 -30.91 -0.51 -8.36
CA ILE D 369 -31.12 0.91 -8.59
C ILE D 369 -32.51 1.29 -8.08
N THR D 370 -32.56 2.33 -7.25
CA THR D 370 -33.82 2.79 -6.71
C THR D 370 -34.15 4.12 -7.38
N LYS D 371 -33.11 4.85 -7.72
CA LYS D 371 -33.26 6.15 -8.34
C LYS D 371 -32.08 6.51 -9.23
N THR D 372 -32.34 7.39 -10.19
CA THR D 372 -31.34 7.91 -11.11
C THR D 372 -31.79 9.32 -11.47
N ILE D 373 -30.84 10.25 -11.51
CA ILE D 373 -31.13 11.64 -11.79
C ILE D 373 -30.15 12.21 -12.81
N VAL D 374 -30.67 12.97 -13.76
CA VAL D 374 -29.89 13.59 -14.82
C VAL D 374 -30.21 15.08 -14.88
N ASN D 375 -29.17 15.91 -14.75
CA ASN D 375 -29.35 17.35 -14.76
C ASN D 375 -30.38 17.77 -13.72
N GLY D 376 -30.47 17.03 -12.63
CA GLY D 376 -31.40 17.36 -11.57
C GLY D 376 -32.76 16.69 -11.64
N ASN D 377 -33.10 16.13 -12.80
CA ASN D 377 -34.39 15.47 -12.97
C ASN D 377 -34.30 13.98 -12.65
N GLU D 378 -35.24 13.49 -11.85
CA GLU D 378 -35.24 12.07 -11.51
C GLU D 378 -35.81 11.31 -12.70
N VAL D 379 -34.93 10.61 -13.41
CA VAL D 379 -35.33 9.87 -14.60
C VAL D 379 -35.68 8.41 -14.35
N VAL D 380 -35.40 7.91 -13.15
CA VAL D 380 -35.73 6.53 -12.82
C VAL D 380 -36.17 6.41 -11.37
N THR D 381 -37.29 5.72 -11.16
CA THR D 381 -37.83 5.53 -9.82
C THR D 381 -38.30 4.10 -9.59
N GLN D 382 -37.62 3.39 -8.69
CA GLN D 382 -37.98 2.01 -8.37
C GLN D 382 -37.56 1.68 -6.93
ZN ZN E . -6.41 0.09 28.53
ZN ZN F . 6.12 27.68 8.75
ZN ZN G . 14.09 -24.26 -12.85
ZN ZN H . -12.16 -3.55 -27.72
#